data_6MFB
#
_entry.id   6MFB
#
_cell.length_a   86.706
_cell.length_b   115.729
_cell.length_c   172.163
_cell.angle_alpha   90.000
_cell.angle_beta   90.000
_cell.angle_gamma   90.000
#
_symmetry.space_group_name_H-M   'P 21 21 21'
#
loop_
_entity.id
_entity.type
_entity.pdbx_description
1 polymer 'Serine--pyruvate aminotransferase'
2 non-polymer "PYRIDOXAL-5'-PHOSPHATE"
3 water water
#
_entity_poly.entity_id   1
_entity_poly.type   'polypeptide(L)'
_entity_poly.pdbx_seq_one_letter_code
;MKFTPPPSSLRGPLVIPDKIMMGPGPSNCSKRVLAALNNTCLSNFHDELFQVIDEVKDGLRYIFQTENRTTMCITGSAHT
GMEALLCNLLEEGDIVLIANNGIWAERAINMATRYGADVRVLEGPADKPFSMTDFKKAIEQHRPKCLFVVHGDSSSGLLQ
PLEGLGKICHDYDCLLLVDAVASLCGVPFYMDKWEIDGVYTGSQKVLGAPPGITPISISPKALEVIRSRKTPSKVFYWDL
LILGNYWGCYDEQKRYHHTVPSNLIFALREAIAQIAEEGLEPVIRRRQECAEQMYRGLQAMGLEIFVKDPEYRLPTVTCI
MIPKGVNWWKVSEYAMNNFSLEIQGGFGPTMGIAWRAGIMGESSTLQRVNFYLYAFKESLKATHPD
;
_entity_poly.pdbx_strand_id   A,C,B,D
#
# COMPACT_ATOMS: atom_id res chain seq x y z
N LYS A 2 -15.21 23.36 -21.46
CA LYS A 2 -15.34 24.51 -20.51
C LYS A 2 -15.87 23.97 -19.17
N PHE A 3 -15.07 24.12 -18.10
CA PHE A 3 -15.45 23.77 -16.73
C PHE A 3 -14.91 24.81 -15.75
N THR A 4 -15.67 25.14 -14.68
CA THR A 4 -15.09 25.81 -13.48
C THR A 4 -13.83 25.07 -13.08
N PRO A 5 -12.66 25.74 -12.97
CA PRO A 5 -11.39 25.04 -12.77
C PRO A 5 -11.34 24.34 -11.40
N PRO A 6 -10.51 23.30 -11.22
CA PRO A 6 -10.38 22.59 -9.95
C PRO A 6 -9.74 23.38 -8.82
N PRO A 7 -10.15 23.17 -7.56
CA PRO A 7 -9.63 23.91 -6.42
C PRO A 7 -8.18 23.55 -6.09
N SER A 8 -7.48 24.49 -5.47
CA SER A 8 -6.07 24.33 -5.22
C SER A 8 -5.89 23.40 -4.02
N SER A 9 -6.95 23.21 -3.23
CA SER A 9 -6.90 22.41 -1.99
C SER A 9 -6.69 20.91 -2.29
N LEU A 10 -6.78 20.49 -3.55
CA LEU A 10 -6.52 19.11 -3.92
C LEU A 10 -5.17 18.99 -4.60
N ARG A 11 -4.29 19.98 -4.50
CA ARG A 11 -2.98 19.96 -5.22
C ARG A 11 -1.93 19.19 -4.40
N GLY A 12 -2.09 19.20 -3.08
CA GLY A 12 -1.16 18.53 -2.21
C GLY A 12 -1.58 17.09 -1.89
N PRO A 13 -0.68 16.35 -1.21
CA PRO A 13 -0.91 14.95 -0.84
C PRO A 13 -1.79 14.75 0.41
N LEU A 14 -2.26 13.51 0.58
CA LEU A 14 -3.01 13.02 1.76
C LEU A 14 -2.02 12.68 2.86
N VAL A 15 -2.08 13.39 3.98
CA VAL A 15 -1.13 13.14 5.08
C VAL A 15 -1.95 12.94 6.37
N ILE A 16 -2.07 11.66 6.78
CA ILE A 16 -2.73 11.24 8.02
C ILE A 16 -1.66 10.71 8.98
N PRO A 17 -1.42 11.35 10.14
CA PRO A 17 -0.47 10.81 11.12
C PRO A 17 -1.02 9.58 11.83
N ASP A 18 -0.13 8.75 12.42
CA ASP A 18 -0.52 7.73 13.46
C ASP A 18 -1.01 8.45 14.72
N LYS A 19 -2.07 7.91 15.32
CA LYS A 19 -2.62 8.40 16.59
C LYS A 19 -2.93 7.17 17.45
N ILE A 20 -2.76 7.31 18.76
CA ILE A 20 -3.17 6.27 19.70
C ILE A 20 -4.62 6.56 20.08
N MET A 21 -5.52 5.73 19.57
CA MET A 21 -6.93 6.06 19.51
C MET A 21 -7.68 5.43 20.70
N MET A 22 -7.61 6.13 21.85
CA MET A 22 -8.18 5.62 23.12
C MET A 22 -9.30 6.56 23.59
N GLY A 23 -10.06 7.08 22.63
CA GLY A 23 -11.43 7.47 22.85
C GLY A 23 -12.33 6.23 22.85
N PRO A 24 -13.68 6.38 22.94
CA PRO A 24 -14.59 5.30 22.64
C PRO A 24 -14.80 5.23 21.13
N GLY A 25 -14.06 6.10 20.41
CA GLY A 25 -14.31 6.52 19.00
C GLY A 25 -13.90 5.40 18.06
N PRO A 26 -13.39 5.66 16.84
CA PRO A 26 -12.71 4.63 16.08
C PRO A 26 -11.52 4.17 16.95
N SER A 27 -11.21 2.88 16.86
CA SER A 27 -10.08 2.32 17.56
C SER A 27 -8.98 2.08 16.55
N ASN A 28 -7.83 1.66 17.06
CA ASN A 28 -6.72 1.25 16.27
C ASN A 28 -7.03 -0.16 15.77
N CYS A 29 -6.85 -0.35 14.46
CA CYS A 29 -6.94 -1.61 13.79
C CYS A 29 -5.52 -2.14 13.60
N SER A 30 -5.39 -3.46 13.52
CA SER A 30 -4.09 -4.12 13.35
C SER A 30 -3.62 -3.97 11.89
N LYS A 31 -2.36 -4.35 11.67
CA LYS A 31 -1.69 -4.35 10.40
C LYS A 31 -2.44 -5.32 9.49
N ARG A 32 -2.82 -6.46 10.05
CA ARG A 32 -3.45 -7.52 9.27
C ARG A 32 -4.77 -6.99 8.68
N VAL A 33 -5.56 -6.33 9.54
CA VAL A 33 -6.90 -5.79 9.22
C VAL A 33 -6.82 -4.67 8.16
N LEU A 34 -5.90 -3.71 8.34
CA LEU A 34 -5.66 -2.64 7.38
C LEU A 34 -5.14 -3.17 6.04
N ALA A 35 -4.23 -4.16 6.07
CA ALA A 35 -3.78 -4.79 4.77
C ALA A 35 -4.95 -5.40 3.96
N ALA A 36 -6.00 -5.88 4.65
CA ALA A 36 -7.12 -6.50 3.99
C ALA A 36 -7.91 -5.47 3.13
N LEU A 37 -7.76 -4.17 3.44
CA LEU A 37 -8.43 -3.13 2.67
C LEU A 37 -7.84 -3.10 1.25
N ASN A 38 -6.58 -3.52 1.13
CA ASN A 38 -5.77 -3.37 -0.11
C ASN A 38 -5.93 -4.59 -1.01
N ASN A 39 -7.09 -4.65 -1.67
CA ASN A 39 -7.51 -5.77 -2.46
C ASN A 39 -8.55 -5.25 -3.47
N THR A 40 -8.75 -6.02 -4.57
CA THR A 40 -9.72 -5.72 -5.60
C THR A 40 -11.08 -5.49 -4.96
N CYS A 41 -11.73 -4.39 -5.31
CA CYS A 41 -13.11 -4.17 -4.96
C CYS A 41 -13.94 -5.14 -5.82
N LEU A 42 -14.24 -6.33 -5.28
CA LEU A 42 -14.88 -7.42 -6.05
C LEU A 42 -16.32 -7.07 -6.46
N SER A 43 -16.80 -7.82 -7.45
CA SER A 43 -18.18 -7.80 -7.94
C SER A 43 -19.08 -8.50 -6.93
N ASN A 44 -20.31 -8.00 -6.86
CA ASN A 44 -21.36 -8.51 -5.99
C ASN A 44 -21.49 -10.03 -6.12
N PHE A 45 -21.13 -10.59 -7.29
CA PHE A 45 -21.43 -11.99 -7.61
C PHE A 45 -20.16 -12.83 -7.87
N HIS A 46 -19.00 -12.31 -7.46
CA HIS A 46 -17.76 -13.10 -7.51
C HIS A 46 -17.76 -14.13 -6.38
N ASP A 47 -17.36 -15.37 -6.71
CA ASP A 47 -17.37 -16.49 -5.76
C ASP A 47 -16.53 -16.14 -4.52
N GLU A 48 -15.35 -15.56 -4.73
CA GLU A 48 -14.44 -15.22 -3.64
C GLU A 48 -15.13 -14.29 -2.65
N LEU A 49 -15.99 -13.37 -3.12
CA LEU A 49 -16.74 -12.51 -2.21
C LEU A 49 -17.76 -13.31 -1.39
N PHE A 50 -18.46 -14.25 -2.03
CA PHE A 50 -19.52 -15.03 -1.35
C PHE A 50 -18.91 -15.87 -0.23
N GLN A 51 -17.78 -16.50 -0.54
CA GLN A 51 -16.96 -17.20 0.41
C GLN A 51 -16.65 -16.28 1.61
N VAL A 52 -16.15 -15.05 1.38
CA VAL A 52 -15.82 -14.14 2.49
C VAL A 52 -17.07 -13.83 3.32
N ILE A 53 -18.21 -13.63 2.66
CA ILE A 53 -19.48 -13.32 3.31
C ILE A 53 -19.93 -14.48 4.22
N ASP A 54 -19.79 -15.73 3.77
CA ASP A 54 -20.22 -16.92 4.56
C ASP A 54 -19.34 -17.02 5.81
N GLU A 55 -18.03 -16.78 5.67
CA GLU A 55 -17.10 -16.79 6.78
C GLU A 55 -17.48 -15.64 7.75
N VAL A 56 -17.85 -14.49 7.22
CA VAL A 56 -18.20 -13.38 8.07
C VAL A 56 -19.44 -13.75 8.88
N LYS A 57 -20.42 -14.42 8.26
CA LYS A 57 -21.67 -14.80 8.95
C LYS A 57 -21.36 -15.82 10.04
N ASP A 58 -20.40 -16.71 9.81
CA ASP A 58 -20.06 -17.71 10.78
C ASP A 58 -19.41 -16.97 11.95
N GLY A 59 -18.58 -15.99 11.61
CA GLY A 59 -17.84 -15.20 12.62
C GLY A 59 -18.78 -14.39 13.51
N LEU A 60 -19.80 -13.76 12.89
CA LEU A 60 -20.82 -12.99 13.63
C LEU A 60 -21.65 -13.89 14.55
N ARG A 61 -22.11 -15.05 14.06
CA ARG A 61 -22.77 -16.05 14.92
C ARG A 61 -21.85 -16.42 16.10
N TYR A 62 -20.55 -16.53 15.86
CA TYR A 62 -19.61 -16.71 16.98
C TYR A 62 -19.62 -15.49 17.93
N ILE A 63 -19.36 -14.26 17.45
CA ILE A 63 -19.17 -13.13 18.42
C ILE A 63 -20.52 -12.70 19.03
N PHE A 64 -21.64 -12.90 18.32
CA PHE A 64 -22.96 -12.65 18.88
C PHE A 64 -23.43 -13.80 19.79
N GLN A 65 -22.92 -15.03 19.55
CA GLN A 65 -23.36 -16.29 20.21
C GLN A 65 -24.85 -16.54 19.91
N THR A 66 -25.13 -16.82 18.63
CA THR A 66 -26.46 -17.22 18.10
C THR A 66 -26.29 -18.24 16.96
N GLU A 67 -27.39 -18.92 16.64
CA GLU A 67 -27.46 -19.86 15.51
C GLU A 67 -28.31 -19.25 14.38
N ASN A 68 -28.78 -18.02 14.59
CA ASN A 68 -29.58 -17.28 13.64
C ASN A 68 -28.99 -17.29 12.22
N ARG A 69 -29.68 -17.96 11.30
CA ARG A 69 -29.44 -17.84 9.88
C ARG A 69 -29.51 -16.36 9.45
N THR A 70 -30.38 -15.58 10.11
CA THR A 70 -30.69 -14.22 9.70
C THR A 70 -29.66 -13.28 10.35
N THR A 71 -28.42 -13.40 9.88
CA THR A 71 -27.30 -12.73 10.39
C THR A 71 -26.56 -12.16 9.19
N MET A 72 -26.35 -10.84 9.18
CA MET A 72 -25.79 -10.15 8.04
C MET A 72 -25.10 -8.84 8.47
N CYS A 73 -24.69 -8.03 7.47
CA CYS A 73 -24.23 -6.68 7.70
C CYS A 73 -25.13 -5.73 6.93
N ILE A 74 -25.22 -4.50 7.42
CA ILE A 74 -25.80 -3.40 6.72
C ILE A 74 -24.64 -2.52 6.29
N THR A 75 -24.79 -1.85 5.15
CA THR A 75 -23.74 -1.05 4.62
C THR A 75 -23.91 0.37 5.16
N GLY A 76 -23.11 0.71 6.16
CA GLY A 76 -23.18 1.98 6.85
C GLY A 76 -22.63 1.89 8.26
N SER A 77 -22.63 3.03 8.98
CA SER A 77 -22.24 3.13 10.38
C SER A 77 -23.26 2.42 11.30
N ALA A 78 -22.97 2.34 12.60
CA ALA A 78 -23.70 1.46 13.50
C ALA A 78 -25.08 2.02 13.79
N HIS A 79 -25.27 3.33 13.59
CA HIS A 79 -26.59 4.00 13.62
C HIS A 79 -27.60 3.19 12.79
N THR A 80 -27.07 2.70 11.68
CA THR A 80 -27.75 1.91 10.69
C THR A 80 -28.43 0.67 11.33
N GLY A 81 -27.84 0.13 12.39
CA GLY A 81 -28.38 -1.05 13.06
C GLY A 81 -29.64 -0.70 13.84
N MET A 82 -29.56 0.40 14.57
CA MET A 82 -30.67 0.98 15.28
C MET A 82 -31.82 1.26 14.30
N GLU A 83 -31.52 1.86 13.14
CA GLU A 83 -32.52 2.30 12.17
C GLU A 83 -33.28 1.08 11.63
N ALA A 84 -32.55 0.01 11.35
CA ALA A 84 -33.05 -1.13 10.63
C ALA A 84 -33.95 -1.96 11.55
N LEU A 85 -33.55 -2.13 12.81
CA LEU A 85 -34.40 -2.87 13.77
C LEU A 85 -35.74 -2.16 13.97
N LEU A 86 -35.70 -0.83 14.10
CA LEU A 86 -36.90 -0.08 14.40
C LEU A 86 -37.74 0.02 13.12
N CYS A 87 -37.09 0.35 11.99
CA CYS A 87 -37.78 0.50 10.68
C CYS A 87 -38.51 -0.78 10.31
N ASN A 88 -37.81 -1.93 10.46
CA ASN A 88 -38.34 -3.21 10.01
C ASN A 88 -39.44 -3.69 10.97
N LEU A 89 -39.14 -3.68 12.27
CA LEU A 89 -39.99 -4.36 13.23
C LEU A 89 -41.26 -3.54 13.57
N LEU A 90 -41.30 -2.24 13.29
CA LEU A 90 -42.39 -1.37 13.70
C LEU A 90 -43.19 -0.80 12.52
N GLU A 91 -44.51 -1.08 12.55
CA GLU A 91 -45.52 -0.48 11.69
C GLU A 91 -46.06 0.79 12.36
N GLU A 92 -46.86 1.55 11.61
CA GLU A 92 -47.51 2.79 12.11
C GLU A 92 -48.49 2.44 13.23
N GLY A 93 -48.21 2.95 14.43
CA GLY A 93 -49.06 2.69 15.62
C GLY A 93 -48.50 1.67 16.59
N ASP A 94 -47.53 0.85 16.15
CA ASP A 94 -46.94 -0.15 17.02
C ASP A 94 -46.31 0.55 18.24
N ILE A 95 -46.44 -0.11 19.40
CA ILE A 95 -45.98 0.41 20.67
C ILE A 95 -44.56 -0.09 20.91
N VAL A 96 -43.60 0.83 21.04
CA VAL A 96 -42.20 0.46 21.34
C VAL A 96 -41.86 1.02 22.73
N LEU A 97 -41.27 0.17 23.59
CA LEU A 97 -40.77 0.66 24.87
C LEU A 97 -39.26 0.86 24.79
N ILE A 98 -38.79 2.01 25.25
CA ILE A 98 -37.39 2.38 25.18
C ILE A 98 -36.94 2.74 26.61
N ALA A 99 -35.94 2.01 27.11
CA ALA A 99 -35.28 2.28 28.36
C ALA A 99 -34.23 3.36 28.09
N ASN A 100 -34.40 4.54 28.70
CA ASN A 100 -33.65 5.73 28.41
C ASN A 100 -32.83 6.17 29.62
N ASN A 101 -31.53 5.90 29.64
CA ASN A 101 -30.61 6.61 30.57
C ASN A 101 -29.32 7.01 29.84
N GLY A 102 -29.45 7.47 28.60
CA GLY A 102 -28.37 8.16 27.90
C GLY A 102 -28.79 8.48 26.47
N ILE A 103 -27.84 9.06 25.74
CA ILE A 103 -28.08 9.67 24.44
C ILE A 103 -28.43 8.62 23.38
N TRP A 104 -28.06 7.35 23.57
CA TRP A 104 -28.33 6.36 22.49
C TRP A 104 -29.83 5.96 22.54
N ALA A 105 -30.41 6.02 23.73
CA ALA A 105 -31.85 5.84 23.84
C ALA A 105 -32.55 7.01 23.16
N GLU A 106 -31.98 8.22 23.28
CA GLU A 106 -32.61 9.43 22.74
C GLU A 106 -32.60 9.35 21.23
N ARG A 107 -31.54 8.76 20.67
CA ARG A 107 -31.47 8.57 19.22
C ARG A 107 -32.62 7.65 18.78
N ALA A 108 -32.85 6.58 19.56
CA ALA A 108 -33.79 5.51 19.25
C ALA A 108 -35.22 6.05 19.36
N ILE A 109 -35.43 6.94 20.34
CA ILE A 109 -36.69 7.64 20.53
C ILE A 109 -36.98 8.53 19.30
N ASN A 110 -35.92 9.14 18.75
CA ASN A 110 -36.02 10.00 17.58
C ASN A 110 -36.43 9.16 16.36
N MET A 111 -35.74 8.03 16.13
CA MET A 111 -35.98 7.30 14.91
C MET A 111 -37.39 6.71 14.96
N ALA A 112 -37.77 6.13 16.11
CA ALA A 112 -39.07 5.43 16.24
C ALA A 112 -40.24 6.42 16.06
N THR A 113 -40.12 7.63 16.60
CA THR A 113 -41.09 8.67 16.26
C THR A 113 -41.12 8.86 14.75
N ARG A 114 -39.93 8.96 14.11
CA ARG A 114 -39.81 9.20 12.66
C ARG A 114 -40.49 8.07 11.87
N TYR A 115 -40.40 6.82 12.34
CA TYR A 115 -41.05 5.71 11.61
C TYR A 115 -42.55 5.58 11.99
N GLY A 116 -43.08 6.45 12.87
CA GLY A 116 -44.53 6.53 13.12
C GLY A 116 -45.03 5.60 14.23
N ALA A 117 -44.19 5.26 15.20
CA ALA A 117 -44.53 4.32 16.27
C ALA A 117 -45.12 5.09 17.45
N ASP A 118 -45.80 4.35 18.35
CA ASP A 118 -46.25 4.86 19.65
C ASP A 118 -45.11 4.61 20.65
N VAL A 119 -44.33 5.67 20.94
CA VAL A 119 -43.11 5.55 21.75
C VAL A 119 -43.44 5.70 23.23
N ARG A 120 -43.04 4.71 24.03
CA ARG A 120 -43.11 4.79 25.49
C ARG A 120 -41.67 4.71 26.02
N VAL A 121 -41.45 5.42 27.13
CA VAL A 121 -40.15 5.69 27.65
C VAL A 121 -40.12 5.35 29.13
N LEU A 122 -39.19 4.47 29.52
CA LEU A 122 -38.80 4.20 30.91
C LEU A 122 -37.56 5.05 31.25
N GLU A 123 -37.74 6.12 32.05
CA GLU A 123 -36.68 7.12 32.31
C GLU A 123 -35.89 6.70 33.57
N GLY A 124 -34.58 6.95 33.55
CA GLY A 124 -33.70 6.59 34.65
C GLY A 124 -32.47 7.47 34.74
N PRO A 125 -31.72 7.42 35.86
CA PRO A 125 -30.54 8.27 36.03
C PRO A 125 -29.42 7.63 35.20
N ALA A 126 -28.51 8.45 34.67
CA ALA A 126 -27.57 7.96 33.66
C ALA A 126 -26.52 7.04 34.30
N ASP A 127 -26.43 7.02 35.63
CA ASP A 127 -25.29 6.46 36.35
C ASP A 127 -25.65 5.17 37.10
N LYS A 128 -26.87 4.67 36.92
CA LYS A 128 -27.32 3.43 37.55
C LYS A 128 -28.17 2.67 36.55
N PRO A 129 -28.09 1.33 36.50
CA PRO A 129 -28.93 0.55 35.60
C PRO A 129 -30.36 0.37 36.07
N PHE A 130 -31.24 -0.11 35.17
CA PHE A 130 -32.58 -0.56 35.51
C PHE A 130 -32.54 -1.98 36.09
N SER A 131 -33.43 -2.22 37.07
CA SER A 131 -33.70 -3.53 37.70
C SER A 131 -34.72 -4.30 36.85
N MET A 132 -34.77 -5.63 37.05
CA MET A 132 -35.80 -6.46 36.38
C MET A 132 -37.19 -5.99 36.82
N THR A 133 -37.29 -5.47 38.05
CA THR A 133 -38.53 -4.96 38.58
C THR A 133 -38.95 -3.70 37.81
N ASP A 134 -38.01 -2.78 37.54
CA ASP A 134 -38.29 -1.59 36.72
C ASP A 134 -38.85 -2.01 35.36
N PHE A 135 -38.22 -2.99 34.72
CA PHE A 135 -38.61 -3.43 33.36
C PHE A 135 -39.98 -4.08 33.38
N LYS A 136 -40.26 -4.92 34.40
CA LYS A 136 -41.51 -5.66 34.47
C LYS A 136 -42.67 -4.65 34.58
N LYS A 137 -42.59 -3.72 35.52
CA LYS A 137 -43.70 -2.77 35.70
C LYS A 137 -43.99 -2.08 34.37
N ALA A 138 -42.92 -1.60 33.72
CA ALA A 138 -43.05 -0.73 32.54
C ALA A 138 -43.63 -1.50 31.34
N ILE A 139 -43.39 -2.82 31.28
CA ILE A 139 -43.91 -3.72 30.23
C ILE A 139 -45.40 -4.02 30.47
N GLU A 140 -45.73 -4.33 31.74
CA GLU A 140 -47.12 -4.46 32.21
C GLU A 140 -47.95 -3.21 31.82
N GLN A 141 -47.38 -2.04 32.11
CA GLN A 141 -48.09 -0.81 31.90
C GLN A 141 -48.32 -0.59 30.40
N HIS A 142 -47.29 -0.76 29.57
CA HIS A 142 -47.33 -0.24 28.18
C HIS A 142 -47.72 -1.33 27.17
N ARG A 143 -47.49 -2.60 27.51
CA ARG A 143 -47.85 -3.78 26.71
C ARG A 143 -47.25 -3.62 25.31
N PRO A 144 -45.91 -3.41 25.21
CA PRO A 144 -45.27 -3.02 23.97
C PRO A 144 -44.90 -4.20 23.04
N LYS A 145 -44.81 -3.91 21.73
CA LYS A 145 -44.47 -4.93 20.69
C LYS A 145 -42.97 -5.26 20.79
N CYS A 146 -42.20 -4.18 21.04
CA CYS A 146 -40.76 -4.18 21.14
C CYS A 146 -40.31 -3.46 22.44
N LEU A 147 -39.28 -4.03 23.09
CA LEU A 147 -38.41 -3.35 24.09
C LEU A 147 -37.03 -3.07 23.48
N PHE A 148 -36.53 -1.83 23.64
CA PHE A 148 -35.22 -1.42 23.18
C PHE A 148 -34.35 -1.02 24.37
N VAL A 149 -33.14 -1.59 24.44
CA VAL A 149 -32.21 -1.44 25.55
C VAL A 149 -30.81 -1.28 24.97
N VAL A 150 -30.05 -0.36 25.55
CA VAL A 150 -28.62 -0.21 25.32
C VAL A 150 -27.89 -1.03 26.36
N HIS A 151 -26.95 -1.87 25.90
CA HIS A 151 -26.25 -2.77 26.74
C HIS A 151 -25.04 -2.05 27.34
N GLY A 152 -24.07 -1.68 26.51
CA GLY A 152 -22.97 -0.80 26.92
C GLY A 152 -23.15 0.61 26.37
N ASP A 153 -23.33 1.57 27.27
CA ASP A 153 -23.49 2.97 26.92
C ASP A 153 -22.10 3.65 26.94
N SER A 154 -21.61 3.96 25.74
CA SER A 154 -20.33 4.66 25.53
C SER A 154 -20.37 6.12 25.98
N SER A 155 -21.58 6.67 26.22
CA SER A 155 -21.76 8.06 26.69
C SER A 155 -21.71 8.16 28.21
N SER A 156 -21.85 7.03 28.92
CA SER A 156 -21.84 7.04 30.39
C SER A 156 -20.76 6.14 30.98
N GLY A 157 -20.40 5.07 30.27
CA GLY A 157 -19.60 3.99 30.85
C GLY A 157 -20.43 2.96 31.60
N LEU A 158 -21.76 2.96 31.37
CA LEU A 158 -22.73 2.10 32.06
C LEU A 158 -22.92 0.78 31.32
N LEU A 159 -22.91 -0.34 32.07
CA LEU A 159 -23.27 -1.71 31.58
C LEU A 159 -24.60 -2.16 32.21
N GLN A 160 -25.63 -2.34 31.38
CA GLN A 160 -26.96 -2.74 31.81
C GLN A 160 -27.02 -4.27 31.81
N PRO A 161 -27.12 -4.95 32.99
CA PRO A 161 -27.33 -6.40 33.03
C PRO A 161 -28.60 -6.85 32.30
N LEU A 162 -28.54 -8.00 31.61
CA LEU A 162 -29.66 -8.46 30.75
C LEU A 162 -30.20 -9.85 31.13
N GLU A 163 -29.57 -10.54 32.10
CA GLU A 163 -30.01 -11.89 32.45
C GLU A 163 -31.50 -11.84 32.81
N GLY A 164 -32.34 -12.53 32.01
CA GLY A 164 -33.74 -12.79 32.31
C GLY A 164 -34.74 -11.83 31.67
N LEU A 165 -34.29 -10.72 31.08
CA LEU A 165 -35.19 -9.69 30.45
C LEU A 165 -35.94 -10.26 29.23
N GLY A 166 -35.28 -11.16 28.49
CA GLY A 166 -35.92 -11.83 27.40
C GLY A 166 -37.10 -12.70 27.82
N LYS A 167 -36.96 -13.45 28.93
CA LYS A 167 -38.06 -14.31 29.45
C LYS A 167 -39.25 -13.41 29.73
N ILE A 168 -38.98 -12.36 30.50
CA ILE A 168 -39.98 -11.38 30.84
C ILE A 168 -40.61 -10.83 29.54
N CYS A 169 -39.78 -10.33 28.61
CA CYS A 169 -40.30 -9.78 27.34
C CYS A 169 -41.21 -10.82 26.66
N HIS A 170 -40.78 -12.08 26.65
CA HIS A 170 -41.47 -13.17 25.93
C HIS A 170 -42.77 -13.56 26.65
N ASP A 171 -42.77 -13.57 27.99
CA ASP A 171 -44.03 -13.85 28.72
C ASP A 171 -45.14 -12.88 28.25
N TYR A 172 -44.78 -11.64 27.91
CA TYR A 172 -45.73 -10.58 27.50
C TYR A 172 -45.78 -10.39 25.97
N ASP A 173 -45.31 -11.37 25.20
CA ASP A 173 -45.39 -11.41 23.75
C ASP A 173 -44.64 -10.19 23.15
N CYS A 174 -43.51 -9.81 23.76
CA CYS A 174 -42.70 -8.62 23.35
C CYS A 174 -41.33 -9.09 22.82
N LEU A 175 -40.85 -8.52 21.71
CA LEU A 175 -39.46 -8.73 21.18
C LEU A 175 -38.46 -7.89 21.98
N LEU A 176 -37.24 -8.42 22.17
CA LEU A 176 -36.17 -7.73 22.90
C LEU A 176 -35.08 -7.31 21.91
N LEU A 177 -34.81 -6.00 21.82
CA LEU A 177 -33.83 -5.43 20.90
C LEU A 177 -32.68 -4.77 21.70
N VAL A 178 -31.43 -5.09 21.35
CA VAL A 178 -30.24 -4.65 22.09
C VAL A 178 -29.20 -3.98 21.15
N ASP A 179 -28.68 -2.83 21.57
CA ASP A 179 -27.49 -2.20 21.05
C ASP A 179 -26.27 -2.78 21.81
N ALA A 180 -25.35 -3.39 21.07
CA ALA A 180 -24.14 -3.97 21.63
C ALA A 180 -22.90 -3.38 20.91
N VAL A 181 -23.00 -2.12 20.49
CA VAL A 181 -21.94 -1.51 19.71
C VAL A 181 -20.63 -1.42 20.53
N ALA A 182 -20.74 -0.96 21.77
CA ALA A 182 -19.61 -0.73 22.68
C ALA A 182 -19.38 -1.91 23.65
N SER A 183 -20.28 -2.89 23.69
CA SER A 183 -20.21 -3.94 24.68
C SER A 183 -19.56 -5.19 24.10
N LEU A 184 -19.78 -5.48 22.81
CA LEU A 184 -19.53 -6.84 22.27
C LEU A 184 -18.03 -7.03 22.16
N CYS A 185 -17.60 -8.28 22.43
CA CYS A 185 -16.22 -8.72 22.53
C CYS A 185 -15.48 -8.05 23.69
N GLY A 186 -16.17 -7.25 24.52
CA GLY A 186 -15.55 -6.57 25.69
C GLY A 186 -16.03 -7.12 27.03
N VAL A 187 -17.21 -7.75 26.99
CA VAL A 187 -17.83 -8.45 28.09
C VAL A 187 -18.51 -9.70 27.54
N PRO A 188 -18.88 -10.66 28.39
CA PRO A 188 -19.64 -11.83 27.95
C PRO A 188 -20.92 -11.36 27.25
N PHE A 189 -21.30 -12.04 26.17
CA PHE A 189 -22.59 -11.81 25.50
C PHE A 189 -23.10 -13.13 24.89
N TYR A 190 -24.39 -13.42 25.12
CA TYR A 190 -25.08 -14.69 24.74
C TYR A 190 -26.46 -14.36 24.14
N MET A 191 -26.49 -14.04 22.85
CA MET A 191 -27.74 -13.60 22.25
C MET A 191 -28.85 -14.62 22.51
N ASP A 192 -28.61 -15.88 22.12
CA ASP A 192 -29.69 -16.88 22.14
C ASP A 192 -30.08 -17.20 23.61
N LYS A 193 -29.12 -17.56 24.45
CA LYS A 193 -29.44 -17.96 25.83
C LYS A 193 -30.10 -16.83 26.62
N TRP A 194 -29.80 -15.55 26.29
CA TRP A 194 -30.42 -14.37 26.94
C TRP A 194 -31.72 -13.98 26.24
N GLU A 195 -32.11 -14.75 25.22
CA GLU A 195 -33.40 -14.67 24.53
C GLU A 195 -33.56 -13.27 23.95
N ILE A 196 -32.56 -12.83 23.18
CA ILE A 196 -32.57 -11.57 22.45
C ILE A 196 -33.04 -11.84 21.00
N ASP A 197 -33.97 -11.01 20.54
CA ASP A 197 -34.59 -11.15 19.24
C ASP A 197 -33.95 -10.22 18.20
N GLY A 198 -33.13 -9.26 18.63
CA GLY A 198 -32.41 -8.41 17.67
C GLY A 198 -31.24 -7.72 18.32
N VAL A 199 -30.09 -7.76 17.64
CA VAL A 199 -28.88 -7.13 18.12
C VAL A 199 -28.11 -6.51 16.93
N TYR A 200 -27.31 -5.47 17.22
CA TYR A 200 -26.31 -4.93 16.26
C TYR A 200 -25.04 -4.54 17.01
N THR A 201 -23.89 -4.58 16.31
CA THR A 201 -22.67 -3.95 16.83
C THR A 201 -21.99 -3.01 15.80
N GLY A 202 -20.87 -2.43 16.22
CA GLY A 202 -20.10 -1.54 15.36
C GLY A 202 -18.73 -2.10 15.03
N SER A 203 -18.29 -1.86 13.79
CA SER A 203 -17.04 -2.39 13.33
C SER A 203 -15.90 -1.68 14.06
N GLN A 204 -16.10 -0.40 14.45
CA GLN A 204 -14.97 0.50 14.79
C GLN A 204 -14.72 0.55 16.30
N LYS A 205 -15.55 -0.14 17.09
CA LYS A 205 -15.41 -0.08 18.53
C LYS A 205 -14.47 -1.22 18.93
N VAL A 206 -14.94 -2.21 19.71
CA VAL A 206 -14.06 -3.25 20.29
C VAL A 206 -13.34 -4.04 19.18
N LEU A 207 -14.04 -4.35 18.08
CA LEU A 207 -13.49 -5.21 16.99
C LEU A 207 -12.20 -4.64 16.38
N GLY A 208 -11.96 -3.33 16.48
CA GLY A 208 -10.77 -2.67 15.87
C GLY A 208 -10.71 -2.89 14.37
N ALA A 209 -11.86 -2.66 13.70
CA ALA A 209 -12.00 -2.70 12.23
C ALA A 209 -12.40 -1.32 11.73
N PRO A 210 -12.15 -0.97 10.46
CA PRO A 210 -12.60 0.33 9.93
C PRO A 210 -14.12 0.53 10.00
N PRO A 211 -14.61 1.76 10.26
CA PRO A 211 -16.04 2.05 10.24
C PRO A 211 -16.61 1.87 8.85
N GLY A 212 -17.93 1.65 8.77
CA GLY A 212 -18.67 1.68 7.51
C GLY A 212 -19.44 0.41 7.21
N ILE A 213 -19.40 -0.59 8.13
CA ILE A 213 -20.06 -1.90 7.95
C ILE A 213 -20.56 -2.41 9.32
N THR A 214 -21.83 -2.82 9.36
CA THR A 214 -22.56 -2.97 10.63
C THR A 214 -23.14 -4.37 10.78
N PRO A 215 -22.57 -5.22 11.66
CA PRO A 215 -23.20 -6.49 12.04
C PRO A 215 -24.59 -6.38 12.67
N ILE A 216 -25.51 -7.22 12.20
CA ILE A 216 -26.85 -7.30 12.73
C ILE A 216 -27.33 -8.77 12.68
N SER A 217 -28.22 -9.13 13.59
CA SER A 217 -28.78 -10.49 13.70
C SER A 217 -30.21 -10.39 14.25
N ILE A 218 -31.15 -11.19 13.74
CA ILE A 218 -32.49 -11.26 14.31
C ILE A 218 -32.93 -12.74 14.46
N SER A 219 -33.83 -12.96 15.43
CA SER A 219 -34.39 -14.29 15.85
C SER A 219 -35.53 -14.73 14.93
N PRO A 220 -35.81 -16.05 14.83
CA PRO A 220 -36.95 -16.55 14.06
C PRO A 220 -38.27 -15.82 14.39
N LYS A 221 -38.55 -15.60 15.68
CA LYS A 221 -39.71 -14.79 16.09
C LYS A 221 -39.67 -13.46 15.31
N ALA A 222 -38.52 -12.77 15.32
CA ALA A 222 -38.36 -11.41 14.70
C ALA A 222 -38.53 -11.48 13.17
N LEU A 223 -38.00 -12.52 12.53
CA LEU A 223 -38.18 -12.70 11.10
C LEU A 223 -39.69 -12.78 10.81
N GLU A 224 -40.37 -13.54 11.66
CA GLU A 224 -41.80 -13.90 11.49
C GLU A 224 -42.63 -12.62 11.57
N VAL A 225 -42.27 -11.72 12.48
CA VAL A 225 -43.02 -10.46 12.60
C VAL A 225 -42.81 -9.56 11.37
N ILE A 226 -41.56 -9.53 10.84
CA ILE A 226 -41.30 -8.76 9.60
C ILE A 226 -42.12 -9.36 8.41
N ARG A 227 -42.16 -10.69 8.29
CA ARG A 227 -42.97 -11.37 7.27
C ARG A 227 -44.48 -11.06 7.45
N SER A 228 -44.94 -10.90 8.69
CA SER A 228 -46.40 -10.69 9.00
C SER A 228 -46.89 -9.31 8.58
N ARG A 229 -46.00 -8.30 8.53
CA ARG A 229 -46.37 -6.92 8.26
C ARG A 229 -47.32 -6.84 7.07
N LYS A 230 -48.39 -6.06 7.25
CA LYS A 230 -49.35 -5.78 6.22
C LYS A 230 -48.83 -4.63 5.35
N THR A 231 -48.03 -3.73 5.94
CA THR A 231 -47.44 -2.64 5.20
C THR A 231 -45.95 -2.91 4.99
N PRO A 232 -45.39 -2.47 3.84
CA PRO A 232 -43.96 -2.63 3.60
C PRO A 232 -43.17 -1.64 4.48
N SER A 233 -41.97 -2.05 4.94
CA SER A 233 -41.04 -1.19 5.70
C SER A 233 -40.65 0.04 4.85
N LYS A 234 -40.21 1.12 5.50
CA LYS A 234 -40.10 2.43 4.82
C LYS A 234 -38.81 2.59 3.98
N VAL A 235 -37.82 1.70 4.14
CA VAL A 235 -36.48 1.85 3.47
C VAL A 235 -36.06 0.52 2.81
N PHE A 236 -36.06 0.54 1.47
CA PHE A 236 -35.49 -0.55 0.66
C PHE A 236 -34.06 -0.92 1.12
N TYR A 237 -33.20 0.11 1.32
CA TYR A 237 -31.77 -0.08 1.51
C TYR A 237 -31.48 -1.03 2.66
N TRP A 238 -32.31 -1.07 3.71
CA TRP A 238 -32.10 -2.00 4.84
C TRP A 238 -33.37 -2.75 5.22
N ASP A 239 -34.24 -3.05 4.23
CA ASP A 239 -35.32 -4.03 4.40
C ASP A 239 -34.70 -5.43 4.53
N LEU A 240 -34.84 -6.07 5.69
CA LEU A 240 -34.02 -7.28 5.98
C LEU A 240 -34.48 -8.51 5.18
N LEU A 241 -35.68 -8.48 4.60
CA LEU A 241 -36.16 -9.56 3.78
C LEU A 241 -35.39 -9.61 2.47
N ILE A 242 -35.03 -8.44 1.92
CA ILE A 242 -34.33 -8.39 0.64
C ILE A 242 -32.80 -8.28 0.84
N LEU A 243 -32.31 -7.47 1.79
CA LEU A 243 -30.84 -7.50 2.17
C LEU A 243 -30.36 -8.90 2.62
N GLY A 244 -31.17 -9.55 3.47
CA GLY A 244 -31.04 -10.98 3.83
C GLY A 244 -30.90 -11.90 2.63
N ASN A 245 -31.57 -11.55 1.52
CA ASN A 245 -31.57 -12.38 0.34
C ASN A 245 -30.12 -12.39 -0.20
N TYR A 246 -29.60 -11.20 -0.54
CA TYR A 246 -28.23 -11.11 -1.06
C TYR A 246 -27.23 -11.75 -0.07
N TRP A 247 -27.44 -11.54 1.24
CA TRP A 247 -26.53 -12.13 2.25
C TRP A 247 -26.78 -13.63 2.45
N GLY A 248 -27.72 -14.19 1.66
CA GLY A 248 -27.90 -15.66 1.57
C GLY A 248 -28.40 -16.25 2.88
N CYS A 249 -29.29 -15.51 3.55
CA CYS A 249 -29.86 -15.87 4.82
C CYS A 249 -31.14 -16.70 4.66
N TYR A 250 -31.71 -16.75 3.46
CA TYR A 250 -32.96 -17.49 3.24
C TYR A 250 -32.77 -18.65 2.24
N ASP A 251 -33.86 -19.41 2.06
CA ASP A 251 -33.92 -20.53 1.11
C ASP A 251 -34.39 -19.94 -0.22
N GLU A 252 -33.50 -19.16 -0.85
CA GLU A 252 -33.79 -18.35 -2.04
C GLU A 252 -32.49 -18.19 -2.85
N GLN A 253 -32.62 -18.00 -4.16
CA GLN A 253 -31.49 -17.55 -4.99
C GLN A 253 -31.13 -16.12 -4.55
N LYS A 254 -29.83 -15.85 -4.47
CA LYS A 254 -29.33 -14.50 -4.29
C LYS A 254 -29.79 -13.61 -5.45
N ARG A 255 -30.24 -12.39 -5.11
CA ARG A 255 -30.52 -11.34 -6.07
C ARG A 255 -29.72 -10.09 -5.67
N TYR A 256 -29.25 -9.33 -6.66
CA TYR A 256 -28.59 -8.05 -6.42
C TYR A 256 -29.55 -7.13 -5.66
N HIS A 257 -29.04 -6.53 -4.58
CA HIS A 257 -29.81 -5.59 -3.75
C HIS A 257 -29.11 -4.22 -3.76
N HIS A 258 -27.82 -4.24 -3.45
CA HIS A 258 -26.94 -3.07 -3.49
C HIS A 258 -25.49 -3.56 -3.46
N THR A 259 -24.57 -2.65 -3.77
CA THR A 259 -23.14 -2.96 -3.84
C THR A 259 -22.53 -2.89 -2.44
N VAL A 260 -22.09 -4.04 -1.94
CA VAL A 260 -21.53 -4.17 -0.60
C VAL A 260 -20.11 -3.62 -0.61
N PRO A 261 -19.66 -2.99 0.50
CA PRO A 261 -18.29 -2.47 0.57
C PRO A 261 -17.30 -3.61 0.86
N SER A 262 -16.86 -4.29 -0.22
CA SER A 262 -16.08 -5.48 -0.14
C SER A 262 -14.78 -5.25 0.67
N ASN A 263 -14.14 -4.08 0.53
CA ASN A 263 -12.89 -3.81 1.22
C ASN A 263 -13.15 -3.77 2.73
N LEU A 264 -14.26 -3.13 3.12
CA LEU A 264 -14.58 -3.02 4.51
C LEU A 264 -14.88 -4.42 5.04
N ILE A 265 -15.54 -5.23 4.22
CA ILE A 265 -15.96 -6.58 4.62
C ILE A 265 -14.74 -7.48 4.76
N PHE A 266 -13.76 -7.24 3.89
CA PHE A 266 -12.47 -7.92 3.99
C PHE A 266 -11.81 -7.62 5.34
N ALA A 267 -11.67 -6.34 5.66
CA ALA A 267 -11.17 -5.93 7.00
C ALA A 267 -11.98 -6.58 8.14
N LEU A 268 -13.30 -6.69 8.04
CA LEU A 268 -14.14 -7.21 9.16
C LEU A 268 -13.93 -8.73 9.34
N ARG A 269 -13.86 -9.48 8.24
CA ARG A 269 -13.50 -10.87 8.27
C ARG A 269 -12.23 -11.07 9.08
N GLU A 270 -11.18 -10.31 8.76
CA GLU A 270 -9.88 -10.50 9.38
C GLU A 270 -9.94 -10.15 10.87
N ALA A 271 -10.73 -9.11 11.22
CA ALA A 271 -10.88 -8.68 12.60
C ALA A 271 -11.53 -9.81 13.40
N ILE A 272 -12.62 -10.39 12.87
CA ILE A 272 -13.25 -11.51 13.56
C ILE A 272 -12.25 -12.68 13.68
N ALA A 273 -11.48 -12.94 12.61
CA ALA A 273 -10.50 -14.01 12.57
C ALA A 273 -9.54 -13.93 13.76
N GLN A 274 -9.07 -12.71 14.09
CA GLN A 274 -8.10 -12.48 15.20
C GLN A 274 -8.71 -12.88 16.56
N ILE A 275 -9.99 -12.57 16.74
CA ILE A 275 -10.69 -12.89 17.95
C ILE A 275 -10.96 -14.40 18.02
N ALA A 276 -11.22 -15.03 16.87
CA ALA A 276 -11.43 -16.46 16.84
C ALA A 276 -10.12 -17.19 17.16
N GLU A 277 -9.01 -16.66 16.68
CA GLU A 277 -7.69 -17.26 16.85
C GLU A 277 -7.35 -17.24 18.34
N GLU A 278 -7.50 -16.06 18.97
CA GLU A 278 -7.11 -15.88 20.37
C GLU A 278 -8.16 -16.55 21.26
N GLY A 279 -9.44 -16.50 20.84
CA GLY A 279 -10.59 -16.99 21.59
C GLY A 279 -11.37 -15.85 22.25
N LEU A 280 -12.70 -15.95 22.19
CA LEU A 280 -13.59 -14.91 22.67
C LEU A 280 -13.34 -14.66 24.17
N GLU A 281 -13.08 -15.72 24.94
CA GLU A 281 -13.02 -15.60 26.41
C GLU A 281 -11.72 -14.90 26.82
N PRO A 282 -10.52 -15.33 26.36
CA PRO A 282 -9.30 -14.57 26.62
C PRO A 282 -9.35 -13.09 26.20
N VAL A 283 -10.03 -12.80 25.08
CA VAL A 283 -10.15 -11.44 24.53
C VAL A 283 -10.97 -10.58 25.51
N ILE A 284 -12.08 -11.14 26.02
CA ILE A 284 -12.92 -10.44 26.99
C ILE A 284 -12.16 -10.23 28.31
N ARG A 285 -11.37 -11.23 28.72
CA ARG A 285 -10.63 -11.20 30.01
C ARG A 285 -9.54 -10.12 29.99
N ARG A 286 -8.78 -10.07 28.89
CA ARG A 286 -7.75 -9.06 28.64
C ARG A 286 -8.38 -7.66 28.72
N ARG A 287 -9.57 -7.49 28.15
CA ARG A 287 -10.22 -6.19 28.22
C ARG A 287 -10.64 -5.88 29.65
N GLN A 288 -11.09 -6.89 30.38
CA GLN A 288 -11.50 -6.77 31.79
C GLN A 288 -10.28 -6.40 32.64
N GLU A 289 -9.13 -7.07 32.43
CA GLU A 289 -7.88 -6.85 33.20
C GLU A 289 -7.40 -5.40 32.98
N CYS A 290 -7.38 -4.96 31.72
CA CYS A 290 -7.00 -3.58 31.34
C CYS A 290 -7.85 -2.57 32.13
N ALA A 291 -9.16 -2.78 32.17
CA ALA A 291 -10.06 -1.86 32.88
C ALA A 291 -9.70 -1.82 34.39
N GLU A 292 -9.40 -2.97 35.01
CA GLU A 292 -8.96 -3.02 36.43
C GLU A 292 -7.75 -2.11 36.63
N GLN A 293 -6.74 -2.28 35.78
CA GLN A 293 -5.49 -1.47 35.78
C GLN A 293 -5.82 0.03 35.64
N MET A 294 -6.78 0.36 34.75
CA MET A 294 -7.24 1.72 34.51
C MET A 294 -7.86 2.27 35.81
N TYR A 295 -8.68 1.48 36.48
CA TYR A 295 -9.32 1.88 37.75
C TYR A 295 -8.24 2.09 38.86
N ARG A 296 -7.27 1.18 38.93
CA ARG A 296 -6.20 1.27 39.95
C ARG A 296 -5.41 2.56 39.77
N GLY A 297 -5.05 2.87 38.51
CA GLY A 297 -4.24 4.05 38.16
C GLY A 297 -5.02 5.34 38.39
N LEU A 298 -6.31 5.31 38.04
CA LEU A 298 -7.19 6.47 38.18
C LEU A 298 -7.36 6.77 39.67
N GLN A 299 -7.52 5.71 40.47
CA GLN A 299 -7.68 5.82 41.92
C GLN A 299 -6.43 6.49 42.53
N ALA A 300 -5.26 6.01 42.11
CA ALA A 300 -3.98 6.54 42.57
C ALA A 300 -3.86 8.06 42.30
N MET A 301 -4.57 8.58 41.28
CA MET A 301 -4.43 9.98 40.83
C MET A 301 -5.50 10.88 41.47
N GLY A 302 -6.41 10.30 42.26
CA GLY A 302 -7.44 11.06 42.89
C GLY A 302 -8.56 11.44 41.94
N LEU A 303 -8.79 10.63 40.91
CA LEU A 303 -9.84 10.91 39.94
C LEU A 303 -10.98 9.92 40.11
N GLU A 304 -12.19 10.39 39.80
CA GLU A 304 -13.40 9.65 39.98
C GLU A 304 -13.98 9.29 38.61
N ILE A 305 -14.96 8.38 38.65
CA ILE A 305 -15.59 7.73 37.51
C ILE A 305 -17.11 7.91 37.62
N PHE A 306 -17.73 8.31 36.50
CA PHE A 306 -19.15 8.67 36.48
C PHE A 306 -19.96 7.57 37.19
N VAL A 307 -19.78 6.34 36.73
CA VAL A 307 -20.39 5.15 37.33
C VAL A 307 -19.51 4.73 38.52
N LYS A 308 -19.97 5.10 39.73
CA LYS A 308 -19.30 4.83 41.00
C LYS A 308 -19.27 3.32 41.30
N ASP A 309 -20.36 2.60 41.02
CA ASP A 309 -20.44 1.17 41.38
C ASP A 309 -19.70 0.31 40.34
N PRO A 310 -18.53 -0.30 40.69
CA PRO A 310 -17.76 -1.12 39.74
C PRO A 310 -18.59 -2.20 39.02
N GLU A 311 -19.52 -2.83 39.75
CA GLU A 311 -20.33 -3.94 39.25
C GLU A 311 -20.90 -3.54 37.88
N TYR A 312 -21.35 -2.29 37.78
CA TYR A 312 -22.17 -1.83 36.67
C TYR A 312 -21.36 -1.01 35.64
N ARG A 313 -20.03 -0.94 35.80
CA ARG A 313 -19.12 -0.27 34.84
C ARG A 313 -18.91 -1.15 33.58
N LEU A 314 -19.03 -0.53 32.39
CA LEU A 314 -18.65 -1.07 31.09
C LEU A 314 -17.14 -0.97 30.92
N PRO A 315 -16.38 -2.09 30.82
CA PRO A 315 -14.93 -2.01 30.85
C PRO A 315 -14.30 -1.25 29.67
N THR A 316 -14.98 -1.30 28.52
CA THR A 316 -14.46 -0.74 27.28
C THR A 316 -14.51 0.78 27.25
N VAL A 317 -15.44 1.41 27.99
CA VAL A 317 -15.53 2.88 28.07
C VAL A 317 -15.64 3.25 29.56
N THR A 318 -14.66 4.00 30.08
CA THR A 318 -14.61 4.58 31.42
C THR A 318 -14.72 6.13 31.37
N CYS A 319 -15.71 6.73 32.02
CA CYS A 319 -15.87 8.17 31.97
C CYS A 319 -15.22 8.83 33.19
N ILE A 320 -14.08 9.48 32.96
CA ILE A 320 -13.24 10.10 33.97
C ILE A 320 -13.75 11.53 34.25
N MET A 321 -14.11 11.82 35.50
CA MET A 321 -14.76 13.10 35.88
C MET A 321 -13.72 14.24 35.85
N ILE A 322 -14.11 15.39 35.30
CA ILE A 322 -13.23 16.55 35.28
C ILE A 322 -13.22 17.16 36.68
N PRO A 323 -12.06 17.29 37.37
CA PRO A 323 -12.01 18.00 38.67
C PRO A 323 -12.25 19.51 38.53
N LYS A 324 -12.92 20.09 39.55
CA LYS A 324 -13.11 21.58 39.67
C LYS A 324 -11.77 22.26 39.38
N GLY A 325 -11.80 23.24 38.46
CA GLY A 325 -10.67 24.09 38.14
C GLY A 325 -9.85 23.59 36.97
N VAL A 326 -10.29 22.51 36.32
CA VAL A 326 -9.54 21.92 35.21
C VAL A 326 -10.30 22.13 33.90
N ASN A 327 -9.57 22.64 32.91
CA ASN A 327 -10.04 22.83 31.56
C ASN A 327 -9.78 21.53 30.76
N TRP A 328 -10.85 20.90 30.26
CA TRP A 328 -10.79 19.52 29.71
C TRP A 328 -10.11 19.53 28.33
N TRP A 329 -10.46 20.53 27.52
CA TRP A 329 -9.96 20.61 26.15
C TRP A 329 -8.46 20.95 26.15
N LYS A 330 -7.99 21.67 27.17
CA LYS A 330 -6.55 21.99 27.26
C LYS A 330 -5.78 20.68 27.49
N VAL A 331 -6.28 19.81 28.36
CA VAL A 331 -5.70 18.45 28.56
C VAL A 331 -5.71 17.65 27.23
N SER A 332 -6.88 17.51 26.60
CA SER A 332 -7.01 16.71 25.38
C SER A 332 -6.06 17.22 24.29
N GLU A 333 -5.96 18.53 24.16
CA GLU A 333 -5.19 19.19 23.10
C GLU A 333 -3.69 18.99 23.33
N TYR A 334 -3.24 19.11 24.57
CA TYR A 334 -1.86 18.85 24.89
C TYR A 334 -1.50 17.36 24.66
N ALA A 335 -2.39 16.42 25.00
CA ALA A 335 -2.10 15.01 24.83
C ALA A 335 -1.86 14.65 23.36
N MET A 336 -2.73 15.19 22.50
CA MET A 336 -2.65 14.91 21.09
C MET A 336 -1.35 15.50 20.56
N ASN A 337 -1.11 16.77 20.89
CA ASN A 337 0.00 17.52 20.34
C ASN A 337 1.33 16.94 20.82
N ASN A 338 1.37 16.38 22.04
CA ASN A 338 2.66 15.97 22.69
C ASN A 338 2.85 14.45 22.69
N PHE A 339 1.78 13.66 22.50
CA PHE A 339 1.89 12.20 22.63
C PHE A 339 1.13 11.44 21.54
N SER A 340 0.48 12.19 20.64
CA SER A 340 -0.51 11.67 19.70
C SER A 340 -1.56 10.82 20.44
N LEU A 341 -1.99 11.22 21.64
CA LEU A 341 -3.02 10.44 22.36
C LEU A 341 -4.36 11.13 22.23
N GLU A 342 -5.36 10.35 21.79
CA GLU A 342 -6.75 10.82 21.77
C GLU A 342 -7.36 10.65 23.18
N ILE A 343 -7.56 11.78 23.87
CA ILE A 343 -8.29 11.80 25.12
C ILE A 343 -9.62 12.49 24.85
N GLN A 344 -10.68 11.71 24.61
CA GLN A 344 -11.88 12.31 24.04
C GLN A 344 -12.72 12.95 25.17
N GLY A 345 -13.38 14.07 24.84
CA GLY A 345 -14.29 14.74 25.74
C GLY A 345 -15.57 13.95 25.99
N GLY A 346 -16.41 14.51 26.86
CA GLY A 346 -17.69 13.91 27.21
C GLY A 346 -18.73 14.10 26.13
N PHE A 347 -19.84 13.38 26.26
CA PHE A 347 -20.96 13.36 25.32
C PHE A 347 -22.25 12.94 26.07
N GLY A 348 -23.38 13.44 25.58
CA GLY A 348 -24.72 13.14 26.15
C GLY A 348 -24.78 13.48 27.64
N PRO A 349 -25.11 12.49 28.53
CA PRO A 349 -25.21 12.74 29.97
C PRO A 349 -23.91 13.15 30.66
N THR A 350 -22.81 12.99 29.93
CA THR A 350 -21.47 13.23 30.44
C THR A 350 -20.92 14.52 29.79
N MET A 351 -21.69 15.20 28.94
CA MET A 351 -21.22 16.44 28.26
C MET A 351 -20.77 17.45 29.34
N GLY A 352 -19.53 17.95 29.21
CA GLY A 352 -19.01 19.02 30.07
C GLY A 352 -18.37 18.55 31.39
N ILE A 353 -18.54 17.29 31.78
CA ILE A 353 -18.22 16.88 33.17
C ILE A 353 -17.23 15.71 33.21
N ALA A 354 -16.84 15.18 32.04
CA ALA A 354 -15.94 14.00 32.01
C ALA A 354 -15.29 13.84 30.64
N TRP A 355 -14.15 13.17 30.65
CA TRP A 355 -13.52 12.59 29.46
C TRP A 355 -14.00 11.14 29.32
N ARG A 356 -13.86 10.55 28.11
CA ARG A 356 -14.22 9.14 27.87
C ARG A 356 -12.99 8.33 27.41
N ALA A 357 -12.54 7.40 28.26
CA ALA A 357 -11.32 6.59 28.08
C ALA A 357 -11.69 5.20 27.58
N GLY A 358 -11.32 4.90 26.34
CA GLY A 358 -11.73 3.69 25.70
C GLY A 358 -10.59 2.69 25.63
N ILE A 359 -10.96 1.43 25.81
CA ILE A 359 -10.12 0.26 25.72
C ILE A 359 -10.72 -0.65 24.64
N MET A 360 -10.28 -0.44 23.39
CA MET A 360 -10.88 -1.07 22.22
C MET A 360 -9.82 -1.24 21.13
N GLY A 361 -10.05 -2.24 20.27
CA GLY A 361 -9.11 -2.69 19.30
C GLY A 361 -7.75 -2.99 19.89
N GLU A 362 -6.72 -2.50 19.18
CA GLU A 362 -5.33 -2.76 19.44
C GLU A 362 -4.83 -2.06 20.72
N SER A 363 -5.65 -1.17 21.30
CA SER A 363 -5.30 -0.40 22.53
C SER A 363 -5.78 -1.15 23.78
N SER A 364 -6.13 -2.42 23.62
CA SER A 364 -6.59 -3.30 24.70
C SER A 364 -5.40 -4.06 25.29
N THR A 365 -4.41 -3.32 25.79
CA THR A 365 -3.28 -3.91 26.44
C THR A 365 -2.86 -3.13 27.67
N LEU A 366 -2.17 -3.84 28.59
CA LEU A 366 -1.66 -3.21 29.82
C LEU A 366 -0.72 -2.07 29.43
N GLN A 367 0.07 -2.27 28.36
CA GLN A 367 1.10 -1.28 27.99
C GLN A 367 0.41 0.00 27.50
N ARG A 368 -0.72 -0.15 26.78
CA ARG A 368 -1.48 0.99 26.28
C ARG A 368 -2.20 1.68 27.44
N VAL A 369 -2.70 0.91 28.43
CA VAL A 369 -3.37 1.55 29.59
C VAL A 369 -2.36 2.40 30.40
N ASN A 370 -1.14 1.90 30.63
CA ASN A 370 -0.14 2.66 31.42
C ASN A 370 0.34 3.90 30.64
N PHE A 371 0.40 3.83 29.30
CA PHE A 371 0.78 5.00 28.54
C PHE A 371 -0.33 6.06 28.59
N TYR A 372 -1.59 5.63 28.64
CA TYR A 372 -2.76 6.53 28.75
C TYR A 372 -2.69 7.37 30.02
N LEU A 373 -2.49 6.72 31.18
CA LEU A 373 -2.53 7.43 32.48
C LEU A 373 -1.31 8.36 32.59
N TYR A 374 -0.19 7.96 31.98
CA TYR A 374 1.05 8.74 32.10
C TYR A 374 0.87 10.03 31.33
N ALA A 375 0.40 9.87 30.10
CA ALA A 375 0.23 10.96 29.17
C ALA A 375 -0.87 11.87 29.71
N PHE A 376 -1.95 11.27 30.20
CA PHE A 376 -3.01 12.02 30.82
C PHE A 376 -2.45 12.84 31.99
N LYS A 377 -1.74 12.20 32.93
CA LYS A 377 -1.15 12.87 34.10
C LYS A 377 -0.26 14.03 33.64
N GLU A 378 0.69 13.75 32.73
CA GLU A 378 1.64 14.77 32.23
C GLU A 378 0.91 15.91 31.53
N SER A 379 -0.22 15.60 30.87
CA SER A 379 -1.01 16.58 30.14
C SER A 379 -1.74 17.52 31.11
N LEU A 380 -2.19 16.98 32.26
CA LEU A 380 -2.77 17.80 33.33
C LEU A 380 -1.70 18.77 33.82
N LYS A 381 -0.53 18.24 34.24
CA LYS A 381 0.48 19.01 34.98
C LYS A 381 0.93 20.20 34.13
N ALA A 382 1.18 19.95 32.85
CA ALA A 382 1.83 20.93 32.01
C ALA A 382 0.82 22.03 31.61
N THR A 383 -0.48 21.73 31.70
CA THR A 383 -1.54 22.67 31.32
C THR A 383 -2.13 23.36 32.55
N HIS A 384 -1.90 22.79 33.75
CA HIS A 384 -2.33 23.35 35.06
C HIS A 384 -1.19 23.30 36.09
N PRO A 385 -0.21 24.24 36.09
CA PRO A 385 0.60 24.53 37.27
C PRO A 385 0.39 25.94 37.88
N MET B 1 13.72 -35.47 -13.47
CA MET B 1 14.93 -34.60 -13.26
C MET B 1 15.54 -34.80 -11.86
N LYS B 2 14.80 -35.46 -10.94
CA LYS B 2 15.38 -36.00 -9.70
C LYS B 2 16.06 -34.91 -8.86
N PHE B 3 15.36 -33.78 -8.67
CA PHE B 3 15.84 -32.67 -7.79
C PHE B 3 15.66 -33.03 -6.30
N THR B 4 16.66 -32.66 -5.47
CA THR B 4 16.53 -32.46 -4.01
C THR B 4 15.14 -31.91 -3.68
N PRO B 5 14.44 -32.42 -2.63
CA PRO B 5 13.15 -31.83 -2.23
C PRO B 5 13.29 -30.40 -1.70
N PRO B 6 12.21 -29.58 -1.66
CA PRO B 6 12.30 -28.21 -1.15
C PRO B 6 12.36 -28.15 0.37
N PRO B 7 13.01 -27.12 0.95
CA PRO B 7 13.23 -27.05 2.39
C PRO B 7 11.93 -26.64 3.12
N SER B 8 11.67 -27.26 4.29
CA SER B 8 10.36 -27.15 4.94
C SER B 8 10.18 -25.74 5.50
N SER B 9 11.30 -25.04 5.74
CA SER B 9 11.38 -23.60 6.17
C SER B 9 10.64 -22.61 5.25
N LEU B 10 10.23 -22.99 4.02
CA LEU B 10 9.48 -22.11 3.11
C LEU B 10 7.96 -22.43 3.09
N ARG B 11 7.46 -23.27 3.99
CA ARG B 11 6.04 -23.69 3.94
C ARG B 11 5.14 -22.65 4.62
N GLY B 12 5.64 -21.90 5.60
CA GLY B 12 4.84 -20.91 6.31
C GLY B 12 4.88 -19.51 5.69
N PRO B 13 3.99 -18.60 6.11
CA PRO B 13 3.93 -17.24 5.54
C PRO B 13 5.01 -16.31 6.10
N LEU B 14 5.27 -15.22 5.38
CA LEU B 14 6.10 -14.10 5.83
C LEU B 14 5.33 -13.25 6.84
N VAL B 15 5.95 -13.01 8.00
CA VAL B 15 5.34 -12.21 9.05
C VAL B 15 6.41 -11.26 9.55
N ILE B 16 6.25 -9.98 9.19
CA ILE B 16 7.15 -8.89 9.57
C ILE B 16 6.36 -7.85 10.37
N PRO B 17 6.52 -7.78 11.71
CA PRO B 17 5.75 -6.86 12.53
C PRO B 17 6.18 -5.39 12.38
N ASP B 18 5.25 -4.48 12.67
CA ASP B 18 5.54 -3.08 12.72
C ASP B 18 6.47 -2.85 13.92
N LYS B 19 7.43 -1.93 13.75
CA LYS B 19 8.34 -1.51 14.82
C LYS B 19 8.58 0.00 14.73
N ILE B 20 8.87 0.59 15.89
CA ILE B 20 9.25 1.98 15.98
C ILE B 20 10.77 2.01 15.91
N MET B 21 11.29 2.35 14.72
CA MET B 21 12.70 2.28 14.41
C MET B 21 13.40 3.59 14.78
N MET B 22 13.94 3.64 16.01
CA MET B 22 14.54 4.86 16.60
C MET B 22 15.96 4.54 17.09
N GLY B 23 16.60 3.62 16.35
CA GLY B 23 18.01 3.50 16.27
C GLY B 23 18.56 4.45 15.23
N PRO B 24 19.86 4.34 14.87
CA PRO B 24 20.44 5.20 13.84
C PRO B 24 20.28 4.65 12.41
N GLY B 25 19.35 3.70 12.22
CA GLY B 25 19.00 3.23 10.88
C GLY B 25 18.78 1.73 10.83
N PRO B 26 17.87 1.25 9.99
CA PRO B 26 16.92 2.00 9.18
C PRO B 26 15.90 2.80 9.98
N SER B 27 15.43 3.92 9.43
CA SER B 27 14.30 4.66 10.01
C SER B 27 12.95 4.07 9.56
N ASN B 28 11.87 4.56 10.16
CA ASN B 28 10.53 4.28 9.68
C ASN B 28 10.23 5.11 8.41
N CYS B 29 9.69 4.43 7.40
CA CYS B 29 9.27 5.08 6.14
C CYS B 29 7.80 5.48 6.25
N SER B 30 7.44 6.59 5.61
CA SER B 30 6.04 7.01 5.53
C SER B 30 5.26 6.03 4.68
N LYS B 31 3.93 6.08 4.83
CA LYS B 31 2.97 5.27 4.03
C LYS B 31 3.19 5.47 2.53
N ARG B 32 3.24 6.73 2.12
CA ARG B 32 3.52 7.17 0.75
C ARG B 32 4.80 6.51 0.19
N VAL B 33 5.87 6.46 1.00
CA VAL B 33 7.19 5.97 0.53
C VAL B 33 7.17 4.43 0.36
N LEU B 34 6.66 3.69 1.35
CA LEU B 34 6.48 2.23 1.18
C LEU B 34 5.54 1.92 0.03
N ALA B 35 4.42 2.65 -0.12
CA ALA B 35 3.45 2.38 -1.22
C ALA B 35 4.14 2.47 -2.59
N ALA B 36 5.11 3.37 -2.73
CA ALA B 36 5.88 3.59 -3.98
C ALA B 36 6.60 2.31 -4.48
N LEU B 37 6.94 1.39 -3.57
CA LEU B 37 7.62 0.13 -3.90
C LEU B 37 6.73 -0.77 -4.77
N ASN B 38 5.41 -0.71 -4.53
CA ASN B 38 4.42 -1.63 -5.11
C ASN B 38 3.92 -1.04 -6.43
N ASN B 39 4.72 -1.25 -7.48
CA ASN B 39 4.61 -0.61 -8.79
C ASN B 39 5.41 -1.49 -9.76
N THR B 40 5.09 -1.42 -11.05
CA THR B 40 5.71 -2.22 -12.07
C THR B 40 7.22 -1.99 -12.06
N CYS B 41 8.00 -3.07 -12.04
CA CYS B 41 9.44 -3.03 -12.20
C CYS B 41 9.71 -2.62 -13.66
N LEU B 42 9.89 -1.31 -13.90
CA LEU B 42 10.05 -0.77 -15.27
C LEU B 42 11.38 -1.20 -15.89
N SER B 43 11.39 -1.19 -17.22
CA SER B 43 12.57 -1.47 -18.04
C SER B 43 13.54 -0.31 -17.90
N ASN B 44 14.82 -0.58 -18.14
CA ASN B 44 15.87 0.40 -18.02
C ASN B 44 15.59 1.56 -19.00
N PHE B 45 14.81 1.32 -20.06
CA PHE B 45 14.61 2.36 -21.10
C PHE B 45 13.16 2.84 -21.23
N HIS B 46 12.26 2.58 -20.26
CA HIS B 46 10.92 3.20 -20.35
C HIS B 46 11.01 4.69 -20.00
N ASP B 47 10.25 5.51 -20.72
CA ASP B 47 10.18 6.97 -20.49
C ASP B 47 9.80 7.29 -19.04
N GLU B 48 9.03 6.39 -18.40
CA GLU B 48 8.49 6.64 -17.06
C GLU B 48 9.62 6.54 -16.02
N LEU B 49 10.51 5.54 -16.16
CA LEU B 49 11.73 5.47 -15.32
C LEU B 49 12.66 6.69 -15.52
N PHE B 50 12.91 7.08 -16.77
CA PHE B 50 13.73 8.27 -17.12
C PHE B 50 13.13 9.57 -16.57
N GLN B 51 11.81 9.74 -16.62
CA GLN B 51 11.17 10.88 -15.94
C GLN B 51 11.43 10.81 -14.42
N VAL B 52 11.28 9.64 -13.77
CA VAL B 52 11.50 9.49 -12.31
C VAL B 52 12.97 9.77 -11.96
N ILE B 53 13.89 9.28 -12.79
CA ILE B 53 15.33 9.52 -12.65
C ILE B 53 15.63 11.03 -12.69
N ASP B 54 15.09 11.78 -13.65
CA ASP B 54 15.39 13.22 -13.75
C ASP B 54 14.84 13.90 -12.49
N GLU B 55 13.71 13.43 -11.98
CA GLU B 55 13.07 14.02 -10.78
C GLU B 55 13.93 13.74 -9.53
N VAL B 56 14.56 12.58 -9.46
CA VAL B 56 15.41 12.25 -8.35
C VAL B 56 16.66 13.14 -8.41
N LYS B 57 17.23 13.30 -9.60
CA LYS B 57 18.42 14.15 -9.78
C LYS B 57 18.13 15.62 -9.41
N ASP B 58 16.92 16.11 -9.70
CA ASP B 58 16.54 17.47 -9.34
C ASP B 58 16.45 17.61 -7.82
N GLY B 59 15.77 16.64 -7.18
CA GLY B 59 15.58 16.60 -5.75
C GLY B 59 16.89 16.38 -5.00
N LEU B 60 17.79 15.57 -5.58
CA LEU B 60 19.08 15.32 -4.99
C LEU B 60 19.91 16.60 -4.99
N ARG B 61 19.79 17.39 -6.06
CA ARG B 61 20.44 18.70 -6.11
C ARG B 61 19.86 19.59 -5.01
N TYR B 62 18.56 19.49 -4.77
CA TYR B 62 17.91 20.33 -3.74
C TYR B 62 18.42 19.99 -2.34
N ILE B 63 18.52 18.70 -2.00
CA ILE B 63 18.83 18.33 -0.61
C ILE B 63 20.34 18.42 -0.38
N PHE B 64 21.16 18.12 -1.40
CA PHE B 64 22.62 18.30 -1.33
C PHE B 64 23.03 19.78 -1.50
N GLN B 65 22.17 20.61 -2.10
CA GLN B 65 22.44 22.04 -2.41
C GLN B 65 23.69 22.17 -3.27
N THR B 66 23.65 21.49 -4.42
CA THR B 66 24.63 21.52 -5.49
C THR B 66 23.92 21.73 -6.85
N GLU B 67 24.72 22.15 -7.84
CA GLU B 67 24.29 22.34 -9.22
C GLU B 67 24.98 21.31 -10.12
N ASN B 68 25.76 20.43 -9.50
CA ASN B 68 26.43 19.38 -10.18
C ASN B 68 25.44 18.70 -11.13
N ARG B 69 25.85 18.64 -12.39
CA ARG B 69 25.20 17.85 -13.39
C ARG B 69 25.51 16.39 -13.07
N THR B 70 26.70 16.15 -12.52
CA THR B 70 27.15 14.77 -12.22
C THR B 70 26.61 14.28 -10.87
N THR B 71 25.29 14.17 -10.78
CA THR B 71 24.53 13.83 -9.60
C THR B 71 23.66 12.61 -9.93
N MET B 72 23.87 11.49 -9.22
CA MET B 72 23.25 10.21 -9.61
C MET B 72 22.97 9.35 -8.37
N CYS B 73 22.66 8.04 -8.56
CA CYS B 73 22.62 7.07 -7.44
C CYS B 73 23.41 5.81 -7.82
N ILE B 74 24.10 5.24 -6.84
CA ILE B 74 24.66 3.90 -6.97
C ILE B 74 23.65 2.86 -6.43
N THR B 75 23.62 1.68 -7.06
CA THR B 75 22.78 0.58 -6.69
C THR B 75 23.48 -0.29 -5.63
N GLY B 76 23.01 -0.15 -4.39
CA GLY B 76 23.54 -0.77 -3.21
C GLY B 76 23.32 0.16 -2.03
N SER B 77 23.74 -0.29 -0.85
CA SER B 77 23.62 0.52 0.37
C SER B 77 24.72 1.60 0.36
N ALA B 78 24.74 2.43 1.40
CA ALA B 78 25.56 3.61 1.48
C ALA B 78 27.07 3.33 1.61
N HIS B 79 27.51 2.10 1.95
CA HIS B 79 28.96 1.70 1.82
C HIS B 79 29.48 1.97 0.40
N THR B 80 28.66 1.57 -0.55
CA THR B 80 28.76 1.74 -2.00
C THR B 80 29.18 3.17 -2.38
N GLY B 81 28.71 4.18 -1.63
CA GLY B 81 28.98 5.59 -1.91
C GLY B 81 30.40 5.96 -1.52
N MET B 82 30.81 5.45 -0.35
CA MET B 82 32.22 5.48 0.13
C MET B 82 33.12 4.70 -0.85
N GLU B 83 32.77 3.45 -1.17
CA GLU B 83 33.53 2.62 -2.12
C GLU B 83 33.80 3.40 -3.41
N ALA B 84 32.74 4.06 -3.93
CA ALA B 84 32.74 4.61 -5.25
C ALA B 84 33.64 5.86 -5.32
N LEU B 85 33.65 6.65 -4.26
CA LEU B 85 34.43 7.87 -4.24
C LEU B 85 35.93 7.51 -4.27
N LEU B 86 36.32 6.61 -3.36
CA LEU B 86 37.71 6.18 -3.25
C LEU B 86 38.17 5.48 -4.54
N CYS B 87 37.34 4.55 -5.05
CA CYS B 87 37.70 3.67 -6.18
C CYS B 87 37.92 4.47 -7.47
N ASN B 88 37.10 5.49 -7.68
CA ASN B 88 37.17 6.32 -8.86
C ASN B 88 38.31 7.34 -8.73
N LEU B 89 38.45 8.03 -7.58
CA LEU B 89 39.34 9.19 -7.50
C LEU B 89 40.78 8.83 -7.11
N LEU B 90 41.10 7.55 -6.85
CA LEU B 90 42.50 7.16 -6.47
C LEU B 90 43.02 6.02 -7.36
N GLU B 91 44.23 6.24 -7.92
CA GLU B 91 45.05 5.24 -8.60
C GLU B 91 46.05 4.65 -7.59
N GLU B 92 46.70 3.53 -7.93
CA GLU B 92 47.73 2.93 -7.06
C GLU B 92 48.74 4.00 -6.65
N GLY B 93 48.96 4.17 -5.34
CA GLY B 93 50.01 5.07 -4.82
C GLY B 93 49.57 6.52 -4.57
N ASP B 94 48.41 6.95 -5.08
CA ASP B 94 47.87 8.33 -4.81
C ASP B 94 47.63 8.47 -3.31
N ILE B 95 47.72 9.70 -2.82
CA ILE B 95 47.78 9.96 -1.40
C ILE B 95 46.39 10.42 -0.93
N VAL B 96 45.81 9.65 0.00
CA VAL B 96 44.54 10.01 0.63
C VAL B 96 44.77 10.26 2.13
N LEU B 97 44.21 11.37 2.60
CA LEU B 97 44.19 11.69 4.00
C LEU B 97 42.79 11.40 4.56
N ILE B 98 42.74 10.58 5.61
CA ILE B 98 41.47 10.27 6.23
C ILE B 98 41.45 10.80 7.67
N ALA B 99 40.47 11.68 7.99
CA ALA B 99 40.18 12.14 9.37
C ALA B 99 39.39 11.07 10.13
N ASN B 100 40.07 10.33 11.02
CA ASN B 100 39.53 9.19 11.77
C ASN B 100 39.30 9.54 13.24
N ASN B 101 38.04 9.86 13.62
CA ASN B 101 37.60 9.73 15.03
C ASN B 101 36.34 8.84 15.10
N GLY B 102 36.29 7.82 14.24
CA GLY B 102 35.13 6.95 14.16
C GLY B 102 35.37 5.73 13.29
N ILE B 103 34.46 4.75 13.40
CA ILE B 103 34.57 3.49 12.68
C ILE B 103 34.26 3.68 11.19
N TRP B 104 33.46 4.70 10.87
CA TRP B 104 33.19 4.99 9.48
C TRP B 104 34.48 5.37 8.75
N ALA B 105 35.44 5.97 9.45
CA ALA B 105 36.75 6.28 8.84
C ALA B 105 37.65 5.03 8.79
N GLU B 106 37.49 4.13 9.78
CA GLU B 106 38.21 2.86 9.73
C GLU B 106 37.82 2.10 8.46
N ARG B 107 36.53 2.18 8.09
CA ARG B 107 35.97 1.55 6.86
C ARG B 107 36.69 2.18 5.66
N ALA B 108 36.69 3.51 5.62
CA ALA B 108 37.33 4.23 4.53
C ALA B 108 38.80 3.79 4.40
N ILE B 109 39.55 3.77 5.52
CA ILE B 109 40.96 3.38 5.49
C ILE B 109 41.08 2.00 4.82
N ASN B 110 40.22 1.05 5.21
CA ASN B 110 40.25 -0.34 4.74
C ASN B 110 40.07 -0.38 3.22
N MET B 111 39.03 0.30 2.74
CA MET B 111 38.75 0.40 1.32
C MET B 111 39.97 1.00 0.60
N ALA B 112 40.43 2.17 1.08
CA ALA B 112 41.48 2.93 0.37
C ALA B 112 42.76 2.07 0.21
N THR B 113 43.13 1.33 1.27
CA THR B 113 44.18 0.33 1.21
C THR B 113 43.87 -0.73 0.14
N ARG B 114 42.70 -1.37 0.23
CA ARG B 114 42.31 -2.42 -0.72
C ARG B 114 42.56 -1.94 -2.15
N TYR B 115 42.20 -0.68 -2.42
CA TYR B 115 42.30 -0.06 -3.76
C TYR B 115 43.74 0.36 -4.09
N GLY B 116 44.63 0.34 -3.08
CA GLY B 116 46.08 0.43 -3.29
C GLY B 116 46.63 1.83 -3.11
N ALA B 117 45.86 2.67 -2.39
CA ALA B 117 46.26 4.04 -2.12
C ALA B 117 47.31 4.03 -1.02
N ASP B 118 48.01 5.18 -0.91
CA ASP B 118 48.96 5.48 0.13
C ASP B 118 48.20 6.27 1.20
N VAL B 119 47.85 5.56 2.27
CA VAL B 119 46.87 6.04 3.22
C VAL B 119 47.62 6.80 4.32
N ARG B 120 47.24 8.06 4.53
CA ARG B 120 47.63 8.85 5.67
C ARG B 120 46.39 9.07 6.57
N VAL B 121 46.60 8.97 7.88
CA VAL B 121 45.55 9.13 8.85
C VAL B 121 45.84 10.39 9.65
N LEU B 122 44.76 11.04 10.09
CA LEU B 122 44.72 12.10 11.10
C LEU B 122 43.83 11.58 12.24
N GLU B 123 44.47 10.98 13.25
CA GLU B 123 43.81 10.26 14.37
C GLU B 123 43.22 11.30 15.31
N GLY B 124 42.23 10.92 16.13
CA GLY B 124 41.53 11.88 17.01
C GLY B 124 40.61 11.21 18.02
N PRO B 125 40.07 11.98 19.00
CA PRO B 125 39.10 11.46 19.96
C PRO B 125 37.68 11.48 19.39
N ALA B 126 36.89 10.48 19.78
CA ALA B 126 35.63 10.20 19.17
C ALA B 126 34.58 11.23 19.61
N ASP B 127 34.81 11.89 20.74
CA ASP B 127 33.81 12.78 21.34
C ASP B 127 34.14 14.25 21.06
N LYS B 128 35.11 14.54 20.20
CA LYS B 128 35.41 15.93 19.89
C LYS B 128 35.79 16.07 18.43
N PRO B 129 35.32 17.15 17.76
CA PRO B 129 35.62 17.42 16.36
C PRO B 129 37.08 17.84 16.08
N PHE B 130 37.48 17.76 14.81
CA PHE B 130 38.72 18.39 14.39
C PHE B 130 38.48 19.87 14.15
N SER B 131 39.47 20.68 14.54
CA SER B 131 39.55 22.12 14.21
C SER B 131 40.04 22.28 12.77
N MET B 132 39.88 23.47 12.20
CA MET B 132 40.46 23.76 10.88
C MET B 132 41.99 23.72 10.93
N THR B 133 42.58 24.21 12.03
CA THR B 133 44.05 24.25 12.11
C THR B 133 44.55 22.80 12.21
N ASP B 134 43.80 21.92 12.89
CA ASP B 134 44.13 20.49 12.88
C ASP B 134 44.19 20.00 11.42
N PHE B 135 43.19 20.35 10.60
CA PHE B 135 43.11 19.87 9.19
C PHE B 135 44.22 20.47 8.30
N LYS B 136 44.36 21.81 8.26
CA LYS B 136 45.46 22.50 7.52
C LYS B 136 46.83 21.82 7.73
N LYS B 137 47.22 21.67 9.00
CA LYS B 137 48.53 21.15 9.39
C LYS B 137 48.78 19.72 8.86
N ALA B 138 47.73 18.91 8.69
CA ALA B 138 47.83 17.52 8.22
C ALA B 138 47.90 17.45 6.69
N ILE B 139 47.12 18.32 6.03
CA ILE B 139 47.19 18.56 4.56
C ILE B 139 48.60 19.04 4.19
N GLU B 140 49.06 20.12 4.86
CA GLU B 140 50.47 20.60 4.88
C GLU B 140 51.47 19.42 4.79
N GLN B 141 51.45 18.57 5.83
CA GLN B 141 52.43 17.52 6.02
C GLN B 141 52.36 16.51 4.86
N HIS B 142 51.14 16.15 4.42
CA HIS B 142 50.93 14.93 3.59
C HIS B 142 50.75 15.25 2.11
N ARG B 143 50.28 16.48 1.83
CA ARG B 143 50.11 16.99 0.48
C ARG B 143 49.23 16.01 -0.30
N PRO B 144 47.99 15.76 0.15
CA PRO B 144 47.19 14.65 -0.35
C PRO B 144 46.30 15.01 -1.55
N LYS B 145 45.98 13.98 -2.35
CA LYS B 145 45.16 14.13 -3.53
C LYS B 145 43.71 14.35 -3.09
N CYS B 146 43.28 13.50 -2.15
CA CYS B 146 41.95 13.65 -1.53
C CYS B 146 42.05 13.65 0.00
N LEU B 147 41.16 14.41 0.64
CA LEU B 147 40.86 14.33 2.09
C LEU B 147 39.44 13.79 2.28
N PHE B 148 39.27 12.80 3.18
CA PHE B 148 37.96 12.15 3.47
C PHE B 148 37.51 12.48 4.89
N VAL B 149 36.22 12.84 5.05
CA VAL B 149 35.64 13.32 6.32
C VAL B 149 34.23 12.73 6.50
N VAL B 150 33.99 12.07 7.64
CA VAL B 150 32.66 11.78 8.13
C VAL B 150 32.01 13.08 8.66
N HIS B 151 30.80 13.43 8.21
CA HIS B 151 30.10 14.67 8.63
C HIS B 151 29.34 14.39 9.92
N GLY B 152 28.38 13.46 9.83
CA GLY B 152 27.62 13.03 10.97
C GLY B 152 27.99 11.61 11.29
N ASP B 153 28.54 11.39 12.49
CA ASP B 153 29.08 10.07 12.87
C ASP B 153 28.02 9.31 13.69
N SER B 154 27.54 8.21 13.15
CA SER B 154 26.41 7.49 13.74
C SER B 154 26.89 6.50 14.80
N SER B 155 28.21 6.41 15.00
CA SER B 155 28.75 5.52 16.04
C SER B 155 29.02 6.30 17.33
N SER B 156 28.97 7.65 17.26
CA SER B 156 29.49 8.54 18.28
C SER B 156 28.52 9.69 18.65
N GLY B 157 27.69 10.15 17.71
CA GLY B 157 26.76 11.26 17.94
C GLY B 157 27.37 12.62 17.68
N LEU B 158 28.51 12.62 16.95
CA LEU B 158 29.38 13.80 16.71
C LEU B 158 29.15 14.38 15.30
N LEU B 159 28.90 15.70 15.25
CA LEU B 159 28.79 16.47 14.00
C LEU B 159 30.03 17.36 13.82
N GLN B 160 30.85 17.00 12.84
CA GLN B 160 32.05 17.71 12.43
C GLN B 160 31.69 19.00 11.68
N PRO B 161 32.10 20.23 12.12
CA PRO B 161 31.99 21.44 11.30
C PRO B 161 32.87 21.39 10.03
N LEU B 162 32.33 21.90 8.93
CA LEU B 162 32.93 21.84 7.58
C LEU B 162 33.24 23.24 7.02
N GLU B 163 32.70 24.32 7.61
CA GLU B 163 32.87 25.65 7.01
C GLU B 163 34.37 25.95 6.94
N GLY B 164 34.84 26.28 5.72
CA GLY B 164 36.20 26.65 5.43
C GLY B 164 37.02 25.51 4.84
N LEU B 165 36.86 24.29 5.36
CA LEU B 165 37.70 23.13 5.01
C LEU B 165 37.83 22.92 3.49
N GLY B 166 36.83 23.34 2.71
CA GLY B 166 36.86 23.25 1.25
C GLY B 166 37.87 24.21 0.63
N LYS B 167 37.80 25.48 1.06
CA LYS B 167 38.77 26.50 0.67
C LYS B 167 40.19 26.00 0.97
N ILE B 168 40.40 25.52 2.20
CA ILE B 168 41.75 25.12 2.66
C ILE B 168 42.24 23.95 1.79
N CYS B 169 41.32 23.04 1.45
CA CYS B 169 41.65 21.89 0.61
C CYS B 169 42.09 22.35 -0.80
N HIS B 170 41.33 23.26 -1.39
CA HIS B 170 41.62 23.78 -2.74
C HIS B 170 42.90 24.63 -2.74
N ASP B 171 43.14 25.37 -1.64
CA ASP B 171 44.40 26.10 -1.45
C ASP B 171 45.58 25.11 -1.65
N TYR B 172 45.48 23.89 -1.06
CA TYR B 172 46.57 22.85 -1.14
C TYR B 172 46.35 21.85 -2.29
N ASP B 173 45.53 22.22 -3.30
CA ASP B 173 45.26 21.36 -4.50
C ASP B 173 44.63 20.01 -4.13
N CYS B 174 43.65 20.02 -3.22
CA CYS B 174 43.17 18.77 -2.61
C CYS B 174 41.66 18.65 -2.83
N LEU B 175 41.17 17.42 -3.12
CA LEU B 175 39.70 17.17 -3.29
C LEU B 175 39.11 16.88 -1.91
N LEU B 176 37.96 17.53 -1.60
CA LEU B 176 37.26 17.31 -0.29
C LEU B 176 36.06 16.36 -0.47
N LEU B 177 36.06 15.27 0.32
CA LEU B 177 35.08 14.17 0.29
C LEU B 177 34.37 14.05 1.63
N VAL B 178 33.03 13.97 1.60
CA VAL B 178 32.23 13.98 2.83
C VAL B 178 31.23 12.82 2.84
N ASP B 179 31.30 12.01 3.91
CA ASP B 179 30.23 11.09 4.27
C ASP B 179 29.14 11.90 4.95
N ALA B 180 27.94 11.84 4.39
CA ALA B 180 26.85 12.66 4.89
C ALA B 180 25.58 11.80 5.05
N VAL B 181 25.78 10.50 5.24
CA VAL B 181 24.73 9.51 5.38
C VAL B 181 23.79 9.90 6.52
N ALA B 182 24.37 10.14 7.71
CA ALA B 182 23.61 10.42 8.93
C ALA B 182 23.25 11.91 9.09
N SER B 183 23.92 12.81 8.36
CA SER B 183 23.74 14.30 8.55
C SER B 183 22.67 14.90 7.60
N LEU B 184 22.64 14.47 6.33
CA LEU B 184 21.82 15.22 5.38
C LEU B 184 20.34 15.16 5.78
N CYS B 185 19.72 16.35 5.79
CA CYS B 185 18.30 16.65 6.07
C CYS B 185 18.03 16.71 7.57
N GLY B 186 19.08 16.57 8.38
CA GLY B 186 19.02 16.79 9.83
C GLY B 186 19.63 18.13 10.25
N VAL B 187 20.62 18.58 9.47
CA VAL B 187 21.37 19.81 9.70
C VAL B 187 21.54 20.57 8.39
N PRO B 188 21.82 21.89 8.46
CA PRO B 188 22.21 22.63 7.27
C PRO B 188 23.33 21.89 6.54
N PHE B 189 23.24 21.87 5.20
CA PHE B 189 24.32 21.41 4.33
C PHE B 189 24.28 22.16 3.01
N TYR B 190 25.47 22.57 2.54
CA TYR B 190 25.61 23.43 1.36
C TYR B 190 26.78 22.89 0.52
N MET B 191 26.54 21.88 -0.31
CA MET B 191 27.63 21.20 -0.97
C MET B 191 28.52 22.22 -1.71
N ASP B 192 27.89 23.11 -2.49
CA ASP B 192 28.63 24.02 -3.40
C ASP B 192 29.38 25.09 -2.59
N LYS B 193 28.65 25.83 -1.73
CA LYS B 193 29.18 26.92 -0.92
C LYS B 193 30.20 26.44 0.12
N TRP B 194 30.17 25.16 0.51
CA TRP B 194 31.25 24.60 1.34
C TRP B 194 32.33 23.93 0.48
N GLU B 195 32.38 24.30 -0.80
CA GLU B 195 33.39 23.83 -1.75
C GLU B 195 33.72 22.36 -1.46
N ILE B 196 32.71 21.50 -1.58
CA ILE B 196 32.84 20.06 -1.43
C ILE B 196 32.86 19.45 -2.83
N ASP B 197 33.68 18.39 -3.03
CA ASP B 197 33.94 17.78 -4.35
C ASP B 197 33.25 16.41 -4.52
N GLY B 198 32.94 15.75 -3.40
CA GLY B 198 32.41 14.40 -3.40
C GLY B 198 31.61 14.12 -2.15
N VAL B 199 30.40 13.58 -2.35
CA VAL B 199 29.46 13.37 -1.27
C VAL B 199 28.45 12.27 -1.64
N TYR B 200 27.97 11.57 -0.60
CA TYR B 200 26.93 10.57 -0.72
C TYR B 200 26.05 10.66 0.53
N THR B 201 24.82 10.13 0.46
CA THR B 201 24.00 9.84 1.65
C THR B 201 23.42 8.42 1.53
N GLY B 202 22.60 8.05 2.51
CA GLY B 202 21.87 6.77 2.54
C GLY B 202 20.36 6.99 2.51
N SER B 203 19.65 6.02 1.93
CA SER B 203 18.21 6.11 1.80
C SER B 203 17.56 5.94 3.18
N GLN B 204 18.07 5.00 3.99
CA GLN B 204 17.38 4.51 5.20
C GLN B 204 17.71 5.35 6.44
N LYS B 205 18.35 6.51 6.30
CA LYS B 205 18.70 7.31 7.47
C LYS B 205 17.66 8.44 7.54
N VAL B 206 18.07 9.71 7.43
CA VAL B 206 17.11 10.76 7.73
C VAL B 206 15.97 10.78 6.68
N LEU B 207 16.23 10.41 5.43
CA LEU B 207 15.21 10.52 4.33
C LEU B 207 13.96 9.66 4.61
N GLY B 208 14.11 8.58 5.38
CA GLY B 208 13.01 7.68 5.70
C GLY B 208 12.57 6.89 4.48
N ALA B 209 13.53 6.22 3.83
CA ALA B 209 13.38 5.52 2.55
C ALA B 209 14.03 4.14 2.62
N PRO B 210 13.53 3.13 1.87
CA PRO B 210 14.06 1.78 2.01
C PRO B 210 15.54 1.72 1.66
N PRO B 211 16.34 0.88 2.33
CA PRO B 211 17.74 0.74 1.98
C PRO B 211 17.92 0.12 0.59
N GLY B 212 19.04 0.43 -0.06
CA GLY B 212 19.44 -0.28 -1.27
C GLY B 212 19.84 0.62 -2.43
N ILE B 213 19.74 1.93 -2.25
CA ILE B 213 19.93 2.89 -3.35
C ILE B 213 20.59 4.16 -2.74
N THR B 214 21.75 4.55 -3.27
CA THR B 214 22.65 5.50 -2.59
C THR B 214 22.89 6.73 -3.48
N PRO B 215 22.30 7.89 -3.19
CA PRO B 215 22.65 9.13 -3.88
C PRO B 215 24.14 9.51 -3.76
N ILE B 216 24.69 10.13 -4.81
CA ILE B 216 26.09 10.54 -4.89
C ILE B 216 26.19 11.73 -5.85
N SER B 217 27.17 12.61 -5.61
CA SER B 217 27.38 13.81 -6.45
C SER B 217 28.84 14.25 -6.39
N ILE B 218 29.38 14.66 -7.55
CA ILE B 218 30.75 15.13 -7.65
C ILE B 218 30.84 16.45 -8.44
N SER B 219 31.83 17.26 -8.07
CA SER B 219 32.09 18.59 -8.66
C SER B 219 32.75 18.48 -10.04
N PRO B 220 32.65 19.54 -10.89
CA PRO B 220 33.45 19.61 -12.12
C PRO B 220 34.95 19.26 -11.94
N LYS B 221 35.63 19.80 -10.91
CA LYS B 221 37.05 19.39 -10.67
C LYS B 221 37.13 17.85 -10.54
N ALA B 222 36.28 17.26 -9.67
CA ALA B 222 36.34 15.81 -9.36
C ALA B 222 36.10 14.95 -10.62
N LEU B 223 35.20 15.39 -11.50
CA LEU B 223 34.92 14.70 -12.76
C LEU B 223 36.18 14.68 -13.64
N GLU B 224 36.85 15.83 -13.75
CA GLU B 224 38.05 15.99 -14.58
C GLU B 224 39.19 15.14 -14.01
N VAL B 225 39.27 15.03 -12.68
CA VAL B 225 40.30 14.17 -12.11
C VAL B 225 40.06 12.70 -12.51
N ILE B 226 38.80 12.28 -12.69
CA ILE B 226 38.48 10.90 -13.09
C ILE B 226 38.81 10.68 -14.57
N ARG B 227 38.37 11.59 -15.44
CA ARG B 227 38.70 11.57 -16.89
C ARG B 227 40.22 11.56 -17.13
N SER B 228 40.99 12.20 -16.23
CA SER B 228 42.45 12.33 -16.31
C SER B 228 43.16 11.01 -15.99
N ARG B 229 42.48 10.09 -15.28
CA ARG B 229 43.10 8.83 -14.87
C ARG B 229 43.89 8.21 -16.04
N LYS B 230 45.10 7.75 -15.75
CA LYS B 230 45.91 7.02 -16.70
C LYS B 230 45.42 5.57 -16.70
N THR B 231 45.33 4.97 -15.50
CA THR B 231 44.82 3.60 -15.33
C THR B 231 43.29 3.59 -15.19
N PRO B 232 42.64 2.48 -15.56
CA PRO B 232 41.19 2.35 -15.38
C PRO B 232 40.81 2.05 -13.91
N SER B 233 39.74 2.70 -13.40
CA SER B 233 39.19 2.38 -12.07
C SER B 233 38.75 0.92 -12.05
N LYS B 234 38.81 0.32 -10.86
CA LYS B 234 38.80 -1.14 -10.69
C LYS B 234 37.40 -1.78 -10.80
N VAL B 235 36.32 -1.00 -10.68
CA VAL B 235 34.99 -1.56 -10.55
C VAL B 235 34.07 -0.97 -11.62
N PHE B 236 33.71 -1.83 -12.58
CA PHE B 236 32.79 -1.47 -13.68
C PHE B 236 31.44 -1.01 -13.13
N TYR B 237 30.99 -1.69 -12.09
CA TYR B 237 29.67 -1.53 -11.57
C TYR B 237 29.48 -0.12 -10.99
N TRP B 238 30.55 0.57 -10.53
CA TRP B 238 30.44 1.99 -10.02
C TRP B 238 31.54 2.94 -10.54
N ASP B 239 32.10 2.67 -11.72
CA ASP B 239 32.83 3.69 -12.49
C ASP B 239 31.86 4.80 -12.88
N LEU B 240 32.08 6.02 -12.39
CA LEU B 240 31.10 7.08 -12.52
C LEU B 240 31.00 7.62 -13.96
N LEU B 241 31.92 7.24 -14.85
CA LEU B 241 31.93 7.81 -16.24
C LEU B 241 30.92 7.04 -17.12
N ILE B 242 30.72 5.75 -16.81
CA ILE B 242 29.77 4.93 -17.52
C ILE B 242 28.43 4.86 -16.76
N LEU B 243 28.44 4.77 -15.43
CA LEU B 243 27.18 4.85 -14.66
C LEU B 243 26.53 6.22 -14.85
N GLY B 244 27.34 7.28 -14.89
CA GLY B 244 26.87 8.64 -15.13
C GLY B 244 26.17 8.76 -16.46
N ASN B 245 26.63 7.96 -17.44
CA ASN B 245 26.05 7.92 -18.77
C ASN B 245 24.56 7.52 -18.65
N TYR B 246 24.28 6.32 -18.10
CA TYR B 246 22.90 5.79 -17.95
C TYR B 246 21.98 6.81 -17.24
N TRP B 247 22.57 7.50 -16.24
CA TRP B 247 21.87 8.47 -15.43
C TRP B 247 21.78 9.83 -16.12
N GLY B 248 22.21 9.89 -17.38
CA GLY B 248 21.97 11.06 -18.23
C GLY B 248 22.67 12.28 -17.68
N CYS B 249 23.95 12.11 -17.35
CA CYS B 249 24.77 13.10 -16.66
C CYS B 249 25.68 13.83 -17.64
N TYR B 250 25.96 13.20 -18.79
CA TYR B 250 26.90 13.65 -19.79
C TYR B 250 26.16 13.92 -21.10
N ASP B 251 26.89 14.48 -22.09
CA ASP B 251 26.42 14.66 -23.49
C ASP B 251 26.88 13.45 -24.29
N GLU B 252 26.16 12.35 -24.13
CA GLU B 252 26.41 11.13 -24.86
C GLU B 252 25.07 10.42 -25.12
N GLN B 253 25.09 9.40 -25.96
CA GLN B 253 23.93 8.51 -26.11
C GLN B 253 23.83 7.71 -24.81
N LYS B 254 22.63 7.60 -24.22
CA LYS B 254 22.40 6.65 -23.09
C LYS B 254 22.64 5.21 -23.57
N ARG B 255 23.47 4.47 -22.84
CA ARG B 255 23.66 3.04 -23.00
C ARG B 255 23.23 2.34 -21.71
N TYR B 256 22.99 1.03 -21.82
CA TYR B 256 22.74 0.21 -20.65
C TYR B 256 24.06 0.01 -19.89
N HIS B 257 23.96 0.07 -18.56
CA HIS B 257 25.11 -0.16 -17.68
C HIS B 257 24.83 -1.39 -16.80
N HIS B 258 23.76 -1.30 -15.99
CA HIS B 258 23.26 -2.36 -15.13
C HIS B 258 21.77 -2.10 -14.91
N THR B 259 21.00 -3.08 -14.41
CA THR B 259 19.57 -2.82 -14.19
C THR B 259 19.37 -2.12 -12.83
N VAL B 260 18.82 -0.91 -12.87
CA VAL B 260 18.60 -0.17 -11.64
C VAL B 260 17.34 -0.67 -10.93
N PRO B 261 17.35 -0.61 -9.58
CA PRO B 261 16.23 -1.07 -8.78
C PRO B 261 15.08 -0.06 -8.82
N SER B 262 14.24 -0.16 -9.85
CA SER B 262 13.20 0.83 -10.12
C SER B 262 12.31 1.04 -8.89
N ASN B 263 11.98 -0.03 -8.16
CA ASN B 263 11.13 0.09 -6.96
C ASN B 263 11.78 0.99 -5.87
N LEU B 264 13.06 0.80 -5.57
CA LEU B 264 13.74 1.59 -4.57
C LEU B 264 13.84 3.05 -5.01
N ILE B 265 14.01 3.28 -6.33
CA ILE B 265 14.12 4.65 -6.90
C ILE B 265 12.76 5.37 -6.76
N PHE B 266 11.66 4.65 -7.02
CA PHE B 266 10.30 5.23 -6.83
C PHE B 266 10.10 5.70 -5.38
N ALA B 267 10.50 4.88 -4.42
CA ALA B 267 10.43 5.19 -2.95
C ALA B 267 11.33 6.38 -2.58
N LEU B 268 12.56 6.41 -3.14
CA LEU B 268 13.47 7.54 -2.93
C LEU B 268 12.80 8.81 -3.46
N ARG B 269 12.23 8.78 -4.67
CA ARG B 269 11.59 9.95 -5.26
C ARG B 269 10.54 10.53 -4.30
N GLU B 270 9.71 9.66 -3.73
CA GLU B 270 8.63 10.11 -2.83
C GLU B 270 9.21 10.63 -1.50
N ALA B 271 10.35 10.07 -1.08
CA ALA B 271 11.03 10.50 0.14
C ALA B 271 11.53 11.93 -0.02
N ILE B 272 12.20 12.20 -1.14
CA ILE B 272 12.68 13.56 -1.41
C ILE B 272 11.52 14.56 -1.60
N ALA B 273 10.44 14.15 -2.28
CA ALA B 273 9.29 14.99 -2.49
C ALA B 273 8.68 15.47 -1.17
N GLN B 274 8.62 14.59 -0.18
CA GLN B 274 8.12 14.91 1.18
C GLN B 274 8.89 16.12 1.74
N ILE B 275 10.20 16.14 1.52
CA ILE B 275 11.05 17.19 2.02
C ILE B 275 10.86 18.47 1.19
N ALA B 276 10.65 18.36 -0.12
CA ALA B 276 10.33 19.54 -0.98
C ALA B 276 8.98 20.16 -0.57
N GLU B 277 8.02 19.34 -0.14
CA GLU B 277 6.70 19.83 0.18
C GLU B 277 6.75 20.68 1.45
N GLU B 278 7.40 20.19 2.52
CA GLU B 278 7.37 20.87 3.80
C GLU B 278 8.41 22.01 3.81
N GLY B 279 9.55 21.78 3.16
CA GLY B 279 10.65 22.72 3.07
C GLY B 279 11.87 22.19 3.81
N LEU B 280 13.04 22.21 3.15
CA LEU B 280 14.33 21.76 3.79
C LEU B 280 14.56 22.43 5.16
N GLU B 281 14.21 23.72 5.28
CA GLU B 281 14.51 24.52 6.46
C GLU B 281 13.63 24.07 7.61
N PRO B 282 12.27 24.09 7.48
CA PRO B 282 11.40 23.54 8.52
C PRO B 282 11.72 22.08 8.92
N VAL B 283 12.06 21.27 7.92
CA VAL B 283 12.36 19.85 8.14
C VAL B 283 13.60 19.71 9.03
N ILE B 284 14.59 20.59 8.82
CA ILE B 284 15.80 20.62 9.65
C ILE B 284 15.46 21.19 11.05
N ARG B 285 14.70 22.29 11.08
CA ARG B 285 14.29 22.92 12.36
C ARG B 285 13.51 21.93 13.23
N ARG B 286 12.65 21.08 12.62
CA ARG B 286 11.84 20.13 13.39
C ARG B 286 12.78 19.10 14.02
N ARG B 287 13.83 18.68 13.31
CA ARG B 287 14.82 17.73 13.84
C ARG B 287 15.68 18.34 14.95
N GLN B 288 16.14 19.59 14.77
CA GLN B 288 16.85 20.31 15.82
C GLN B 288 15.96 20.34 17.07
N GLU B 289 14.65 20.62 16.93
CA GLU B 289 13.74 20.74 18.10
C GLU B 289 13.52 19.38 18.79
N CYS B 290 13.43 18.29 18.02
CA CYS B 290 13.28 16.96 18.57
C CYS B 290 14.55 16.58 19.39
N ALA B 291 15.72 17.08 18.99
CA ALA B 291 16.92 16.78 19.74
C ALA B 291 16.94 17.53 21.08
N GLU B 292 16.53 18.80 21.06
CA GLU B 292 16.37 19.60 22.26
C GLU B 292 15.55 18.79 23.26
N GLN B 293 14.37 18.33 22.85
CA GLN B 293 13.44 17.65 23.74
C GLN B 293 14.12 16.39 24.27
N MET B 294 14.80 15.65 23.38
CA MET B 294 15.52 14.43 23.77
C MET B 294 16.49 14.77 24.90
N TYR B 295 17.21 15.90 24.74
CA TYR B 295 18.28 16.35 25.66
C TYR B 295 17.67 16.66 27.04
N ARG B 296 16.56 17.39 27.04
CA ARG B 296 15.89 17.75 28.29
C ARG B 296 15.45 16.49 29.04
N GLY B 297 14.83 15.56 28.32
CA GLY B 297 14.34 14.32 28.91
C GLY B 297 15.46 13.47 29.49
N LEU B 298 16.61 13.47 28.82
CA LEU B 298 17.77 12.71 29.28
C LEU B 298 18.40 13.39 30.52
N GLN B 299 18.41 14.72 30.58
CA GLN B 299 18.97 15.42 31.70
C GLN B 299 18.13 15.12 32.94
N ALA B 300 16.80 15.10 32.75
CA ALA B 300 15.83 14.93 33.82
C ALA B 300 15.95 13.52 34.40
N MET B 301 16.43 12.58 33.59
CA MET B 301 16.58 11.19 33.97
C MET B 301 17.99 10.92 34.53
N GLY B 302 18.85 11.94 34.56
CA GLY B 302 20.16 11.89 35.15
C GLY B 302 21.21 11.27 34.25
N LEU B 303 20.85 10.97 33.00
CA LEU B 303 21.73 10.20 32.07
C LEU B 303 22.63 11.16 31.28
N GLU B 304 23.75 10.63 30.78
CA GLU B 304 24.74 11.43 30.09
C GLU B 304 24.80 11.06 28.60
N ILE B 305 25.45 11.94 27.84
CA ILE B 305 25.60 11.86 26.41
C ILE B 305 27.11 11.82 26.07
N PHE B 306 27.51 10.87 25.22
CA PHE B 306 28.93 10.61 24.87
C PHE B 306 29.66 11.89 24.44
N VAL B 307 29.02 12.65 23.53
CA VAL B 307 29.52 13.93 23.11
C VAL B 307 28.97 14.98 24.08
N LYS B 308 29.82 15.53 24.95
CA LYS B 308 29.33 16.35 26.07
C LYS B 308 29.00 17.77 25.58
N ASP B 309 29.78 18.29 24.62
CA ASP B 309 29.60 19.66 24.20
C ASP B 309 28.47 19.73 23.19
N PRO B 310 27.29 20.30 23.57
CA PRO B 310 26.08 20.24 22.74
C PRO B 310 26.22 20.83 21.34
N GLU B 311 27.11 21.81 21.19
CA GLU B 311 27.29 22.46 19.91
C GLU B 311 27.99 21.50 18.93
N TYR B 312 28.52 20.36 19.40
CA TYR B 312 29.13 19.39 18.48
C TYR B 312 28.31 18.09 18.39
N ARG B 313 27.05 18.13 18.88
CA ARG B 313 26.13 16.96 18.83
C ARG B 313 25.38 16.93 17.49
N LEU B 314 25.36 15.74 16.90
CA LEU B 314 24.56 15.41 15.72
C LEU B 314 23.12 15.22 16.17
N PRO B 315 22.17 16.09 15.79
CA PRO B 315 20.82 15.94 16.29
C PRO B 315 20.16 14.58 15.99
N THR B 316 20.54 13.90 14.90
CA THR B 316 19.80 12.71 14.47
C THR B 316 20.27 11.44 15.17
N VAL B 317 21.45 11.50 15.82
CA VAL B 317 21.95 10.40 16.62
C VAL B 317 22.55 10.95 17.93
N THR B 318 22.04 10.40 19.04
CA THR B 318 22.42 10.77 20.37
C THR B 318 22.78 9.52 21.17
N CYS B 319 24.03 9.46 21.66
CA CYS B 319 24.58 8.23 22.27
C CYS B 319 24.52 8.30 23.79
N ILE B 320 23.60 7.53 24.35
CA ILE B 320 23.20 7.56 25.74
C ILE B 320 24.12 6.61 26.54
N MET B 321 24.77 7.14 27.59
CA MET B 321 25.82 6.37 28.34
C MET B 321 25.15 5.38 29.31
N ILE B 322 25.54 4.11 29.24
CA ILE B 322 24.96 3.10 30.10
C ILE B 322 25.45 3.36 31.53
N PRO B 323 24.56 3.59 32.52
CA PRO B 323 24.99 3.77 33.91
C PRO B 323 25.68 2.51 34.45
N LYS B 324 26.66 2.72 35.36
CA LYS B 324 27.41 1.63 36.01
C LYS B 324 26.38 0.61 36.49
N GLY B 325 26.66 -0.67 36.17
CA GLY B 325 25.96 -1.84 36.66
C GLY B 325 24.63 -2.09 35.99
N VAL B 326 24.32 -1.40 34.87
CA VAL B 326 23.07 -1.63 34.11
C VAL B 326 23.39 -2.52 32.90
N ASN B 327 22.59 -3.58 32.70
CA ASN B 327 22.71 -4.47 31.52
C ASN B 327 21.92 -3.87 30.34
N TRP B 328 22.63 -3.42 29.31
CA TRP B 328 21.99 -2.68 28.21
C TRP B 328 21.06 -3.60 27.40
N TRP B 329 21.43 -4.87 27.23
CA TRP B 329 20.67 -5.86 26.46
C TRP B 329 19.29 -6.10 27.11
N LYS B 330 19.23 -6.19 28.44
CA LYS B 330 17.94 -6.44 29.11
C LYS B 330 16.96 -5.31 28.76
N VAL B 331 17.46 -4.07 28.66
CA VAL B 331 16.61 -2.89 28.45
C VAL B 331 16.09 -2.88 27.01
N SER B 332 16.97 -3.16 26.05
CA SER B 332 16.61 -3.21 24.63
C SER B 332 15.58 -4.32 24.37
N GLU B 333 15.74 -5.46 25.04
CA GLU B 333 14.87 -6.62 24.90
C GLU B 333 13.46 -6.29 25.43
N TYR B 334 13.43 -5.75 26.66
CA TYR B 334 12.19 -5.37 27.28
C TYR B 334 11.43 -4.40 26.36
N ALA B 335 12.13 -3.38 25.84
CA ALA B 335 11.51 -2.29 25.10
C ALA B 335 10.89 -2.80 23.79
N MET B 336 11.52 -3.83 23.20
CA MET B 336 11.05 -4.43 21.97
C MET B 336 9.86 -5.35 22.28
N ASN B 337 9.96 -6.12 23.38
CA ASN B 337 8.93 -7.06 23.68
C ASN B 337 7.65 -6.33 24.08
N ASN B 338 7.77 -5.17 24.72
CA ASN B 338 6.61 -4.52 25.36
C ASN B 338 6.07 -3.34 24.55
N PHE B 339 6.93 -2.59 23.85
CA PHE B 339 6.55 -1.33 23.15
C PHE B 339 6.79 -1.37 21.62
N SER B 340 7.41 -2.45 21.13
CA SER B 340 7.85 -2.61 19.73
C SER B 340 8.83 -1.51 19.34
N LEU B 341 9.64 -1.08 20.32
CA LEU B 341 10.63 -0.04 20.15
C LEU B 341 12.02 -0.66 19.98
N GLU B 342 12.76 -0.13 19.00
CA GLU B 342 14.17 -0.39 18.83
C GLU B 342 14.98 0.59 19.70
N ILE B 343 15.62 0.08 20.76
CA ILE B 343 16.65 0.82 21.51
C ILE B 343 17.98 0.14 21.24
N GLN B 344 18.74 0.69 20.27
CA GLN B 344 19.89 -0.02 19.71
C GLN B 344 21.11 0.14 20.63
N GLY B 345 21.92 -0.92 20.73
CA GLY B 345 23.24 -0.91 21.36
C GLY B 345 24.23 -0.01 20.61
N GLY B 346 25.43 0.11 21.19
CA GLY B 346 26.49 0.92 20.65
C GLY B 346 27.29 0.17 19.62
N PHE B 347 28.33 0.82 19.10
CA PHE B 347 29.02 0.47 17.88
C PHE B 347 30.27 1.36 17.75
N GLY B 348 31.37 0.77 17.25
CA GLY B 348 32.62 1.47 17.11
C GLY B 348 33.06 2.04 18.44
N PRO B 349 33.32 3.37 18.58
CA PRO B 349 33.77 3.95 19.85
C PRO B 349 32.79 3.83 21.03
N THR B 350 31.62 3.25 20.77
CA THR B 350 30.45 3.33 21.64
C THR B 350 30.03 1.89 22.01
N MET B 351 30.77 0.89 21.52
CA MET B 351 30.52 -0.50 21.83
C MET B 351 30.60 -0.69 23.35
N GLY B 352 29.49 -1.16 23.92
CA GLY B 352 29.39 -1.60 25.29
C GLY B 352 29.23 -0.44 26.26
N ILE B 353 29.18 0.81 25.79
CA ILE B 353 29.16 1.95 26.72
C ILE B 353 27.92 2.84 26.50
N ALA B 354 27.36 2.83 25.27
CA ALA B 354 26.18 3.65 24.98
C ALA B 354 25.13 2.85 24.20
N TRP B 355 23.88 3.28 24.34
CA TRP B 355 22.83 3.04 23.38
C TRP B 355 22.87 4.19 22.37
N ARG B 356 22.22 4.01 21.21
CA ARG B 356 22.24 5.03 20.14
C ARG B 356 20.81 5.42 19.75
N ALA B 357 20.48 6.69 19.95
CA ALA B 357 19.11 7.11 19.84
C ALA B 357 18.91 7.91 18.53
N GLY B 358 18.03 7.37 17.68
CA GLY B 358 17.81 7.88 16.35
C GLY B 358 16.67 8.86 16.26
N ILE B 359 16.91 9.97 15.58
CA ILE B 359 15.84 10.87 15.19
C ILE B 359 15.86 11.05 13.67
N MET B 360 15.17 10.16 12.97
CA MET B 360 15.29 10.00 11.53
C MET B 360 13.96 9.51 10.93
N GLY B 361 13.69 9.91 9.69
CA GLY B 361 12.47 9.48 9.02
C GLY B 361 11.26 9.82 9.87
N GLU B 362 10.26 8.93 9.93
CA GLU B 362 8.90 9.31 10.42
C GLU B 362 8.87 9.43 11.94
N SER B 363 9.91 8.95 12.62
CA SER B 363 9.97 9.11 14.07
C SER B 363 10.70 10.40 14.43
N SER B 364 10.70 11.38 13.51
CA SER B 364 11.23 12.75 13.77
C SER B 364 10.11 13.67 14.25
N THR B 365 9.41 13.28 15.32
CA THR B 365 8.30 14.06 15.86
C THR B 365 8.48 14.18 17.38
N LEU B 366 8.01 15.32 17.90
CA LEU B 366 7.91 15.59 19.33
C LEU B 366 7.24 14.41 20.03
N GLN B 367 6.15 13.90 19.43
CA GLN B 367 5.36 12.79 19.98
C GLN B 367 6.19 11.51 20.02
N ARG B 368 7.03 11.26 19.01
CA ARG B 368 7.81 10.02 18.98
C ARG B 368 8.96 10.06 19.98
N VAL B 369 9.57 11.24 20.16
CA VAL B 369 10.66 11.43 21.13
C VAL B 369 10.10 11.20 22.55
N ASN B 370 8.94 11.78 22.84
CA ASN B 370 8.28 11.69 24.16
C ASN B 370 7.93 10.24 24.48
N PHE B 371 7.56 9.47 23.45
CA PHE B 371 7.37 8.03 23.60
C PHE B 371 8.69 7.30 23.90
N TYR B 372 9.77 7.66 23.17
CA TYR B 372 11.11 7.05 23.33
C TYR B 372 11.55 7.24 24.80
N LEU B 373 11.46 8.47 25.28
CA LEU B 373 11.87 8.77 26.65
C LEU B 373 11.07 7.90 27.63
N TYR B 374 9.75 7.90 27.47
CA TYR B 374 8.85 7.16 28.35
C TYR B 374 9.29 5.69 28.42
N ALA B 375 9.38 5.09 27.24
CA ALA B 375 9.52 3.66 27.05
C ALA B 375 10.88 3.19 27.59
N PHE B 376 11.94 3.96 27.27
CA PHE B 376 13.30 3.75 27.76
C PHE B 376 13.29 3.71 29.29
N LYS B 377 12.59 4.68 29.91
CA LYS B 377 12.56 4.86 31.35
C LYS B 377 11.81 3.71 31.99
N GLU B 378 10.61 3.39 31.48
CA GLU B 378 9.80 2.26 31.95
C GLU B 378 10.60 0.96 31.83
N SER B 379 11.33 0.79 30.72
CA SER B 379 12.13 -0.40 30.43
C SER B 379 13.29 -0.53 31.41
N LEU B 380 13.93 0.60 31.74
CA LEU B 380 15.03 0.67 32.75
C LEU B 380 14.57 0.07 34.08
N LYS B 381 13.46 0.62 34.61
CA LYS B 381 12.86 0.34 35.92
C LYS B 381 12.29 -1.10 35.97
N ALA B 382 11.72 -1.59 34.87
CA ALA B 382 11.16 -2.91 34.84
C ALA B 382 12.26 -3.98 34.99
N THR B 383 13.48 -3.67 34.51
CA THR B 383 14.58 -4.65 34.47
C THR B 383 15.61 -4.43 35.58
N HIS B 384 15.65 -3.20 36.14
CA HIS B 384 16.50 -2.78 37.25
C HIS B 384 15.65 -2.05 38.30
N PRO B 385 15.83 -2.24 39.64
CA PRO B 385 14.96 -1.56 40.61
C PRO B 385 15.11 -0.03 40.59
N MET C 1 -16.82 -19.51 30.89
CA MET C 1 -17.77 -18.70 29.97
C MET C 1 -18.49 -19.62 28.96
N LYS C 2 -17.88 -20.74 28.60
CA LYS C 2 -18.58 -21.83 27.92
C LYS C 2 -19.20 -21.39 26.58
N PHE C 3 -18.44 -20.64 25.77
CA PHE C 3 -18.96 -20.14 24.48
C PHE C 3 -18.98 -21.27 23.45
N THR C 4 -20.04 -21.33 22.65
CA THR C 4 -20.02 -22.05 21.35
C THR C 4 -18.67 -21.76 20.68
N PRO C 5 -17.92 -22.76 20.12
CA PRO C 5 -16.58 -22.51 19.57
C PRO C 5 -16.59 -21.79 18.22
N PRO C 6 -15.45 -21.21 17.82
CA PRO C 6 -15.34 -20.51 16.54
C PRO C 6 -15.34 -21.47 15.35
N PRO C 7 -15.72 -20.98 14.16
CA PRO C 7 -15.79 -21.79 12.95
C PRO C 7 -14.44 -21.94 12.24
N SER C 8 -14.22 -23.14 11.70
CA SER C 8 -12.93 -23.52 11.16
C SER C 8 -12.58 -22.67 9.92
N SER C 9 -13.59 -22.12 9.21
CA SER C 9 -13.39 -21.32 7.97
C SER C 9 -12.55 -20.06 8.25
N LEU C 10 -12.56 -19.57 9.49
CA LEU C 10 -11.73 -18.47 9.85
C LEU C 10 -10.28 -18.90 10.09
N ARG C 11 -9.98 -20.21 10.06
CA ARG C 11 -8.62 -20.72 10.39
C ARG C 11 -7.60 -20.32 9.31
N GLY C 12 -8.05 -20.19 8.05
CA GLY C 12 -7.22 -19.97 6.90
C GLY C 12 -7.11 -18.49 6.54
N PRO C 13 -6.24 -18.14 5.57
CA PRO C 13 -6.02 -16.75 5.18
C PRO C 13 -6.98 -16.19 4.11
N LEU C 14 -7.07 -14.86 4.09
CA LEU C 14 -7.80 -14.14 3.11
C LEU C 14 -6.98 -14.11 1.83
N VAL C 15 -7.60 -14.49 0.70
CA VAL C 15 -6.98 -14.50 -0.61
C VAL C 15 -7.95 -13.90 -1.63
N ILE C 16 -7.68 -12.66 -2.04
CA ILE C 16 -8.49 -11.97 -3.00
C ILE C 16 -7.64 -11.67 -4.23
N PRO C 17 -7.75 -12.45 -5.32
CA PRO C 17 -6.90 -12.23 -6.49
C PRO C 17 -7.20 -10.91 -7.22
N ASP C 18 -6.22 -10.45 -8.00
CA ASP C 18 -6.38 -9.32 -8.91
C ASP C 18 -7.30 -9.74 -10.06
N LYS C 19 -8.17 -8.81 -10.45
CA LYS C 19 -9.11 -9.01 -11.54
C LYS C 19 -9.12 -7.73 -12.37
N ILE C 20 -9.27 -7.88 -13.67
CA ILE C 20 -9.63 -6.79 -14.52
C ILE C 20 -11.15 -6.62 -14.44
N MET C 21 -11.59 -5.48 -13.89
CA MET C 21 -13.01 -5.18 -13.61
C MET C 21 -13.57 -4.21 -14.66
N MET C 22 -13.98 -4.80 -15.80
CA MET C 22 -14.59 -4.08 -16.94
C MET C 22 -16.05 -4.54 -17.17
N GLY C 23 -16.70 -5.04 -16.12
CA GLY C 23 -18.12 -4.87 -15.97
C GLY C 23 -18.45 -3.39 -15.69
N PRO C 24 -19.73 -3.05 -15.46
CA PRO C 24 -20.08 -1.74 -14.92
C PRO C 24 -19.91 -1.71 -13.39
N GLY C 25 -19.29 -2.77 -12.84
CA GLY C 25 -19.61 -3.39 -11.53
C GLY C 25 -19.19 -2.46 -10.42
N PRO C 26 -18.18 -2.85 -9.60
CA PRO C 26 -17.12 -1.92 -9.19
C PRO C 26 -15.98 -1.85 -10.22
N SER C 27 -15.27 -0.71 -10.31
CA SER C 27 -14.04 -0.57 -11.16
C SER C 27 -12.75 -0.88 -10.36
N ASN C 28 -11.67 -1.03 -11.14
CA ASN C 28 -10.30 -1.02 -10.67
C ASN C 28 -9.93 0.37 -10.11
N CYS C 29 -9.44 0.37 -8.87
CA CYS C 29 -8.93 1.58 -8.21
C CYS C 29 -7.42 1.72 -8.50
N SER C 30 -6.91 2.94 -8.68
CA SER C 30 -5.44 3.16 -8.83
C SER C 30 -4.70 2.73 -7.56
N LYS C 31 -3.38 2.57 -7.66
CA LYS C 31 -2.50 2.28 -6.49
C LYS C 31 -2.71 3.33 -5.39
N ARG C 32 -2.75 4.58 -5.81
CA ARG C 32 -2.83 5.75 -4.96
C ARG C 32 -4.13 5.73 -4.13
N VAL C 33 -5.23 5.23 -4.74
CA VAL C 33 -6.52 5.31 -4.13
C VAL C 33 -6.62 4.21 -3.07
N LEU C 34 -6.16 3.01 -3.43
CA LEU C 34 -6.19 1.88 -2.50
C LEU C 34 -5.25 2.18 -1.30
N ALA C 35 -4.09 2.77 -1.57
CA ALA C 35 -3.13 3.05 -0.50
C ALA C 35 -3.78 3.98 0.54
N ALA C 36 -4.61 4.92 0.09
CA ALA C 36 -5.24 5.87 0.98
C ALA C 36 -6.02 5.16 2.10
N LEU C 37 -6.64 4.00 1.83
CA LEU C 37 -7.44 3.22 2.81
C LEU C 37 -6.59 2.86 4.03
N ASN C 38 -5.31 2.59 3.78
CA ASN C 38 -4.33 2.22 4.77
C ASN C 38 -3.83 3.45 5.54
N ASN C 39 -4.71 3.97 6.43
CA ASN C 39 -4.46 5.13 7.28
C ASN C 39 -5.36 5.07 8.54
N THR C 40 -4.94 5.82 9.57
CA THR C 40 -5.64 5.84 10.86
C THR C 40 -7.12 6.18 10.63
N CYS C 41 -8.00 5.34 11.19
CA CYS C 41 -9.38 5.66 11.31
C CYS C 41 -9.51 6.83 12.30
N LEU C 42 -9.80 8.03 11.80
CA LEU C 42 -9.74 9.26 12.63
C LEU C 42 -11.06 9.46 13.37
N SER C 43 -10.97 10.20 14.48
CA SER C 43 -12.11 10.73 15.21
C SER C 43 -12.88 11.69 14.32
N ASN C 44 -14.19 11.76 14.54
CA ASN C 44 -15.13 12.61 13.80
C ASN C 44 -14.80 14.09 13.99
N PHE C 45 -14.07 14.42 15.07
CA PHE C 45 -13.74 15.79 15.39
C PHE C 45 -12.21 15.99 15.37
N HIS C 46 -11.47 15.19 14.62
CA HIS C 46 -10.05 15.49 14.40
C HIS C 46 -9.92 16.51 13.27
N ASP C 47 -9.09 17.54 13.51
CA ASP C 47 -8.84 18.60 12.52
C ASP C 47 -8.50 17.98 11.17
N GLU C 48 -7.68 16.92 11.16
CA GLU C 48 -7.20 16.33 9.90
C GLU C 48 -8.40 15.82 9.08
N LEU C 49 -9.39 15.24 9.75
CA LEU C 49 -10.53 14.66 9.05
C LEU C 49 -11.36 15.81 8.48
N PHE C 50 -11.51 16.89 9.27
CA PHE C 50 -12.26 18.06 8.88
C PHE C 50 -11.64 18.70 7.64
N GLN C 51 -10.31 18.64 7.56
CA GLN C 51 -9.57 19.19 6.45
C GLN C 51 -9.91 18.40 5.17
N VAL C 52 -9.78 17.07 5.24
CA VAL C 52 -10.02 16.20 4.12
C VAL C 52 -11.47 16.40 3.64
N ILE C 53 -12.38 16.63 4.59
CA ILE C 53 -13.79 16.74 4.33
C ILE C 53 -14.00 17.97 3.43
N ASP C 54 -13.41 19.10 3.83
CA ASP C 54 -13.54 20.37 3.08
C ASP C 54 -13.00 20.17 1.65
N GLU C 55 -11.94 19.36 1.51
CA GLU C 55 -11.31 19.10 0.21
C GLU C 55 -12.24 18.20 -0.63
N VAL C 56 -12.97 17.30 0.02
CA VAL C 56 -13.90 16.46 -0.68
C VAL C 56 -15.06 17.31 -1.18
N LYS C 57 -15.57 18.21 -0.34
CA LYS C 57 -16.63 19.13 -0.71
C LYS C 57 -16.17 20.00 -1.89
N ASP C 58 -14.93 20.53 -1.85
CA ASP C 58 -14.46 21.41 -2.96
C ASP C 58 -14.45 20.58 -4.24
N GLY C 59 -13.91 19.37 -4.16
CA GLY C 59 -13.72 18.51 -5.34
C GLY C 59 -15.05 18.00 -5.88
N LEU C 60 -16.07 17.94 -5.02
CA LEU C 60 -17.39 17.48 -5.43
C LEU C 60 -18.06 18.61 -6.23
N ARG C 61 -17.99 19.85 -5.70
CA ARG C 61 -18.40 21.06 -6.41
C ARG C 61 -17.83 21.05 -7.84
N TYR C 62 -16.56 20.64 -7.98
CA TYR C 62 -15.86 20.59 -9.25
C TYR C 62 -16.56 19.60 -10.17
N ILE C 63 -16.61 18.33 -9.78
CA ILE C 63 -17.02 17.24 -10.71
C ILE C 63 -18.55 17.22 -10.91
N PHE C 64 -19.29 17.80 -9.98
CA PHE C 64 -20.74 17.97 -10.14
C PHE C 64 -21.02 19.23 -10.98
N GLN C 65 -20.17 20.26 -10.81
CA GLN C 65 -20.19 21.61 -11.46
C GLN C 65 -21.32 22.43 -10.84
N THR C 66 -21.06 22.94 -9.63
CA THR C 66 -22.04 23.62 -8.78
C THR C 66 -21.28 24.42 -7.71
N GLU C 67 -21.91 25.48 -7.20
CA GLU C 67 -21.41 26.28 -6.07
C GLU C 67 -22.23 25.99 -4.82
N ASN C 68 -23.09 24.95 -4.92
CA ASN C 68 -23.95 24.49 -3.84
C ASN C 68 -23.10 24.29 -2.57
N ARG C 69 -23.41 25.08 -1.54
CA ARG C 69 -22.90 24.89 -0.18
C ARG C 69 -23.40 23.55 0.40
N THR C 70 -24.62 23.13 0.05
CA THR C 70 -25.15 21.85 0.53
C THR C 70 -24.65 20.73 -0.40
N THR C 71 -23.33 20.50 -0.37
CA THR C 71 -22.67 19.31 -0.96
C THR C 71 -21.97 18.50 0.16
N MET C 72 -22.14 17.17 0.13
CA MET C 72 -21.68 16.29 1.22
C MET C 72 -21.65 14.82 0.73
N CYS C 73 -21.42 13.86 1.64
CA CYS C 73 -21.55 12.43 1.32
C CYS C 73 -22.48 11.78 2.32
N ILE C 74 -23.15 10.72 1.86
CA ILE C 74 -23.91 9.81 2.74
C ILE C 74 -23.06 8.54 2.96
N THR C 75 -23.05 8.03 4.19
CA THR C 75 -22.30 6.84 4.49
C THR C 75 -23.12 5.62 4.06
N GLY C 76 -22.72 4.98 2.95
CA GLY C 76 -23.49 3.91 2.28
C GLY C 76 -23.19 3.83 0.79
N SER C 77 -23.65 2.76 0.14
CA SER C 77 -23.50 2.63 -1.28
C SER C 77 -24.45 3.60 -1.99
N ALA C 78 -24.37 3.67 -3.31
CA ALA C 78 -25.03 4.78 -4.04
C ALA C 78 -26.58 4.72 -3.91
N HIS C 79 -27.16 3.56 -3.56
CA HIS C 79 -28.63 3.46 -3.38
C HIS C 79 -29.12 4.51 -2.37
N THR C 80 -28.25 4.78 -1.42
CA THR C 80 -28.36 5.79 -0.37
C THR C 80 -28.60 7.20 -0.98
N GLY C 81 -28.02 7.47 -2.15
CA GLY C 81 -28.25 8.74 -2.86
C GLY C 81 -29.70 8.92 -3.30
N MET C 82 -30.26 7.83 -3.84
CA MET C 82 -31.64 7.73 -4.28
C MET C 82 -32.55 7.77 -3.03
N GLU C 83 -32.15 7.06 -1.97
CA GLU C 83 -32.98 7.05 -0.76
C GLU C 83 -33.14 8.48 -0.26
N ALA C 84 -32.03 9.20 -0.10
CA ALA C 84 -31.98 10.41 0.67
C ALA C 84 -32.69 11.54 -0.07
N LEU C 85 -32.55 11.57 -1.41
CA LEU C 85 -33.29 12.57 -2.20
C LEU C 85 -34.81 12.37 -2.02
N LEU C 86 -35.30 11.16 -2.32
CA LEU C 86 -36.73 10.91 -2.25
C LEU C 86 -37.23 11.17 -0.82
N CYS C 87 -36.50 10.63 0.17
CA CYS C 87 -36.83 10.66 1.63
C CYS C 87 -36.92 12.09 2.14
N ASN C 88 -35.98 12.94 1.73
CA ASN C 88 -35.87 14.29 2.25
C ASN C 88 -36.91 15.21 1.63
N LEU C 89 -37.20 15.00 0.35
CA LEU C 89 -37.96 15.95 -0.45
C LEU C 89 -39.46 15.63 -0.49
N LEU C 90 -39.87 14.39 -0.16
CA LEU C 90 -41.28 13.96 -0.34
C LEU C 90 -41.94 13.67 1.02
N GLU C 91 -42.98 14.45 1.34
CA GLU C 91 -43.85 14.19 2.47
C GLU C 91 -44.90 13.16 2.05
N GLU C 92 -45.55 12.54 3.05
CA GLU C 92 -46.75 11.73 2.83
C GLU C 92 -47.71 12.49 1.89
N GLY C 93 -47.87 11.98 0.66
CA GLY C 93 -48.92 12.50 -0.20
C GLY C 93 -48.41 13.45 -1.29
N ASP C 94 -47.18 13.98 -1.16
CA ASP C 94 -46.55 14.76 -2.24
C ASP C 94 -46.43 13.90 -3.51
N ILE C 95 -46.35 14.57 -4.66
CA ILE C 95 -46.49 13.92 -5.97
C ILE C 95 -45.12 13.91 -6.65
N VAL C 96 -44.68 12.73 -7.07
CA VAL C 96 -43.38 12.53 -7.68
C VAL C 96 -43.57 11.87 -9.05
N LEU C 97 -42.87 12.40 -10.06
CA LEU C 97 -42.88 11.84 -11.40
C LEU C 97 -41.54 11.15 -11.67
N ILE C 98 -41.60 9.92 -12.16
CA ILE C 98 -40.43 9.07 -12.34
C ILE C 98 -40.45 8.57 -13.78
N ALA C 99 -39.53 9.11 -14.58
CA ALA C 99 -39.23 8.61 -15.88
C ALA C 99 -38.67 7.19 -15.75
N ASN C 100 -39.35 6.23 -16.36
CA ASN C 100 -39.02 4.84 -16.19
C ASN C 100 -38.79 4.19 -17.56
N ASN C 101 -37.51 3.91 -17.86
CA ASN C 101 -37.12 2.97 -18.91
C ASN C 101 -35.95 2.10 -18.43
N GLY C 102 -35.98 1.71 -17.15
CA GLY C 102 -34.94 0.84 -16.59
C GLY C 102 -35.13 0.49 -15.11
N ILE C 103 -34.33 -0.49 -14.69
CA ILE C 103 -34.40 -1.06 -13.35
C ILE C 103 -34.10 -0.01 -12.27
N TRP C 104 -33.31 1.03 -12.58
CA TRP C 104 -32.99 2.06 -11.57
C TRP C 104 -34.22 2.92 -11.29
N ALA C 105 -35.10 3.07 -12.29
CA ALA C 105 -36.35 3.80 -12.09
C ALA C 105 -37.33 2.90 -11.31
N GLU C 106 -37.32 1.59 -11.57
CA GLU C 106 -38.17 0.64 -10.80
C GLU C 106 -37.81 0.72 -9.30
N ARG C 107 -36.51 0.79 -8.99
CA ARG C 107 -36.02 0.96 -7.63
C ARG C 107 -36.57 2.28 -7.04
N ALA C 108 -36.47 3.39 -7.81
CA ALA C 108 -36.98 4.70 -7.37
C ALA C 108 -38.51 4.68 -7.15
N ILE C 109 -39.24 3.85 -7.91
CA ILE C 109 -40.71 3.67 -7.75
C ILE C 109 -40.99 2.91 -6.45
N ASN C 110 -40.19 1.87 -6.17
CA ASN C 110 -40.23 1.07 -4.91
C ASN C 110 -40.01 1.93 -3.65
N MET C 111 -38.95 2.77 -3.66
CA MET C 111 -38.55 3.66 -2.53
C MET C 111 -39.61 4.73 -2.28
N ALA C 112 -40.07 5.37 -3.37
CA ALA C 112 -40.99 6.49 -3.28
C ALA C 112 -42.36 6.01 -2.76
N THR C 113 -42.77 4.79 -3.10
CA THR C 113 -44.01 4.22 -2.53
C THR C 113 -43.85 4.05 -1.01
N ARG C 114 -42.74 3.42 -0.62
CA ARG C 114 -42.46 3.10 0.79
C ARG C 114 -42.51 4.40 1.63
N TYR C 115 -42.06 5.54 1.06
CA TYR C 115 -41.98 6.85 1.78
C TYR C 115 -43.34 7.57 1.80
N GLY C 116 -44.34 7.00 1.10
CA GLY C 116 -45.76 7.39 1.19
C GLY C 116 -46.17 8.37 0.10
N ALA C 117 -45.40 8.39 -1.00
CA ALA C 117 -45.56 9.40 -2.04
C ALA C 117 -46.66 8.97 -2.99
N ASP C 118 -47.25 9.96 -3.69
CA ASP C 118 -48.13 9.75 -4.84
C ASP C 118 -47.25 9.60 -6.11
N VAL C 119 -47.02 8.35 -6.50
CA VAL C 119 -46.06 8.01 -7.54
C VAL C 119 -46.76 8.05 -8.91
N ARG C 120 -46.23 8.89 -9.82
CA ARG C 120 -46.60 8.88 -11.24
C ARG C 120 -45.39 8.42 -12.04
N VAL C 121 -45.66 7.65 -13.09
CA VAL C 121 -44.67 7.04 -13.96
C VAL C 121 -44.90 7.55 -15.38
N LEU C 122 -43.80 7.92 -16.03
CA LEU C 122 -43.71 8.06 -17.46
C LEU C 122 -42.94 6.84 -17.98
N GLU C 123 -43.66 5.87 -18.54
CA GLU C 123 -43.09 4.62 -19.11
C GLU C 123 -42.56 4.87 -20.53
N GLY C 124 -41.62 4.04 -20.95
CA GLY C 124 -40.93 4.17 -22.22
C GLY C 124 -39.95 3.02 -22.42
N PRO C 125 -39.52 2.70 -23.66
CA PRO C 125 -38.69 1.53 -23.90
C PRO C 125 -37.23 1.87 -23.54
N ALA C 126 -36.51 0.81 -23.17
CA ALA C 126 -35.23 0.92 -22.54
C ALA C 126 -34.17 1.48 -23.52
N ASP C 127 -34.40 1.35 -24.83
CA ASP C 127 -33.29 1.57 -25.81
C ASP C 127 -33.40 2.94 -26.51
N LYS C 128 -34.24 3.86 -26.01
CA LYS C 128 -34.32 5.25 -26.54
C LYS C 128 -34.69 6.21 -25.42
N PRO C 129 -34.17 7.45 -25.41
CA PRO C 129 -34.52 8.43 -24.37
C PRO C 129 -35.82 9.21 -24.57
N PHE C 130 -36.20 9.95 -23.53
CA PHE C 130 -37.38 10.81 -23.50
C PHE C 130 -37.07 12.16 -24.18
N SER C 131 -37.99 12.61 -25.04
CA SER C 131 -37.99 13.95 -25.67
C SER C 131 -38.34 14.97 -24.58
N MET C 132 -37.94 16.24 -24.77
CA MET C 132 -38.34 17.30 -23.83
C MET C 132 -39.86 17.48 -23.88
N THR C 133 -40.45 17.09 -25.02
CA THR C 133 -41.90 17.06 -25.24
C THR C 133 -42.54 16.02 -24.30
N ASP C 134 -42.10 14.77 -24.41
CA ASP C 134 -42.50 13.65 -23.54
C ASP C 134 -42.55 14.11 -22.06
N PHE C 135 -41.47 14.76 -21.57
CA PHE C 135 -41.41 15.27 -20.18
C PHE C 135 -42.49 16.35 -19.96
N LYS C 136 -42.53 17.34 -20.86
CA LYS C 136 -43.44 18.48 -20.73
C LYS C 136 -44.89 18.00 -20.63
N LYS C 137 -45.25 16.98 -21.43
CA LYS C 137 -46.61 16.42 -21.36
C LYS C 137 -46.86 15.86 -19.96
N ALA C 138 -45.89 15.06 -19.47
CA ALA C 138 -46.00 14.34 -18.21
C ALA C 138 -46.08 15.33 -17.05
N ILE C 139 -45.40 16.46 -17.20
CA ILE C 139 -45.32 17.45 -16.16
C ILE C 139 -46.64 18.23 -16.05
N GLU C 140 -47.29 18.53 -17.19
CA GLU C 140 -48.64 19.20 -17.23
C GLU C 140 -49.67 18.30 -16.54
N GLN C 141 -49.85 17.10 -17.11
CA GLN C 141 -50.71 16.03 -16.59
C GLN C 141 -50.72 15.98 -15.05
N HIS C 142 -49.58 15.67 -14.43
CA HIS C 142 -49.54 15.23 -13.03
C HIS C 142 -49.21 16.38 -12.05
N ARG C 143 -48.81 17.55 -12.60
CA ARG C 143 -48.24 18.72 -11.85
C ARG C 143 -47.52 18.27 -10.57
N PRO C 144 -46.30 17.70 -10.68
CA PRO C 144 -45.63 17.07 -9.54
C PRO C 144 -44.71 18.03 -8.76
N LYS C 145 -44.42 17.65 -7.51
CA LYS C 145 -43.48 18.36 -6.64
C LYS C 145 -42.03 18.15 -7.11
N CYS C 146 -41.72 16.98 -7.70
CA CYS C 146 -40.34 16.60 -8.14
C CYS C 146 -40.43 15.69 -9.38
N LEU C 147 -39.45 15.83 -10.28
CA LEU C 147 -39.21 14.83 -11.35
C LEU C 147 -37.88 14.13 -11.05
N PHE C 148 -37.80 12.84 -11.43
CA PHE C 148 -36.65 11.96 -11.16
C PHE C 148 -36.25 11.21 -12.43
N VAL C 149 -35.04 11.49 -12.89
CA VAL C 149 -34.47 11.01 -14.15
C VAL C 149 -33.17 10.25 -13.86
N VAL C 150 -32.95 9.17 -14.60
CA VAL C 150 -31.69 8.48 -14.61
C VAL C 150 -30.90 9.06 -15.77
N HIS C 151 -29.73 9.65 -15.46
CA HIS C 151 -28.86 10.27 -16.49
C HIS C 151 -28.12 9.18 -17.26
N GLY C 152 -27.54 8.22 -16.56
CA GLY C 152 -26.77 7.15 -17.16
C GLY C 152 -27.19 5.80 -16.62
N ASP C 153 -27.72 4.95 -17.49
CA ASP C 153 -28.35 3.73 -17.08
C ASP C 153 -27.41 2.55 -17.37
N SER C 154 -26.86 1.97 -16.29
CA SER C 154 -25.95 0.84 -16.34
C SER C 154 -26.69 -0.45 -16.71
N SER C 155 -28.03 -0.47 -16.65
CA SER C 155 -28.80 -1.68 -17.10
C SER C 155 -28.92 -1.75 -18.63
N SER C 156 -28.90 -0.60 -19.32
CA SER C 156 -29.18 -0.51 -20.79
C SER C 156 -27.93 -0.12 -21.60
N GLY C 157 -27.18 0.85 -21.08
CA GLY C 157 -26.12 1.50 -21.83
C GLY C 157 -26.63 2.73 -22.55
N LEU C 158 -27.60 3.41 -21.91
CA LEU C 158 -28.37 4.52 -22.42
C LEU C 158 -28.04 5.79 -21.63
N LEU C 159 -28.01 6.92 -22.34
CA LEU C 159 -27.73 8.24 -21.81
C LEU C 159 -28.88 9.15 -22.24
N GLN C 160 -29.39 9.93 -21.28
CA GLN C 160 -30.57 10.74 -21.41
C GLN C 160 -30.16 12.21 -21.45
N PRO C 161 -30.35 12.94 -22.57
CA PRO C 161 -30.03 14.36 -22.64
C PRO C 161 -30.85 15.14 -21.61
N LEU C 162 -30.25 16.18 -21.02
CA LEU C 162 -30.85 16.90 -19.90
C LEU C 162 -30.98 18.39 -20.22
N GLU C 163 -30.32 18.86 -21.30
CA GLU C 163 -30.31 20.32 -21.61
C GLU C 163 -31.75 20.76 -21.88
N GLY C 164 -32.21 21.78 -21.14
CA GLY C 164 -33.58 22.28 -21.24
C GLY C 164 -34.44 21.88 -20.06
N LEU C 165 -34.30 20.62 -19.61
CA LEU C 165 -35.24 19.94 -18.66
C LEU C 165 -35.44 20.75 -17.37
N GLY C 166 -34.33 21.28 -16.82
CA GLY C 166 -34.37 22.10 -15.61
C GLY C 166 -35.37 23.25 -15.71
N LYS C 167 -35.23 24.06 -16.77
CA LYS C 167 -36.07 25.28 -16.93
C LYS C 167 -37.56 24.92 -17.10
N ILE C 168 -37.86 23.79 -17.76
CA ILE C 168 -39.25 23.28 -17.90
C ILE C 168 -39.81 22.95 -16.51
N CYS C 169 -39.07 22.15 -15.72
CA CYS C 169 -39.49 21.72 -14.38
C CYS C 169 -39.79 22.96 -13.52
N HIS C 170 -38.90 23.95 -13.58
CA HIS C 170 -39.02 25.11 -12.70
C HIS C 170 -40.25 25.94 -13.09
N ASP C 171 -40.56 26.02 -14.39
CA ASP C 171 -41.78 26.71 -14.93
C ASP C 171 -43.05 26.19 -14.23
N TYR C 172 -43.13 24.88 -13.96
CA TYR C 172 -44.28 24.26 -13.28
C TYR C 172 -44.04 24.12 -11.76
N ASP C 173 -43.02 24.81 -11.24
CA ASP C 173 -42.70 24.84 -9.80
C ASP C 173 -42.33 23.42 -9.31
N CYS C 174 -41.58 22.70 -10.15
CA CYS C 174 -41.19 21.31 -9.91
C CYS C 174 -39.65 21.18 -9.82
N LEU C 175 -39.16 20.39 -8.84
CA LEU C 175 -37.71 20.10 -8.69
C LEU C 175 -37.28 18.96 -9.62
N LEU C 176 -36.04 19.09 -10.12
CA LEU C 176 -35.37 18.10 -10.95
C LEU C 176 -34.30 17.38 -10.10
N LEU C 177 -34.40 16.05 -10.10
CA LEU C 177 -33.53 15.15 -9.35
C LEU C 177 -32.98 14.15 -10.38
N VAL C 178 -31.65 13.91 -10.35
CA VAL C 178 -30.93 13.10 -11.34
C VAL C 178 -30.02 12.07 -10.64
N ASP C 179 -29.94 10.86 -11.23
CA ASP C 179 -28.99 9.79 -10.88
C ASP C 179 -27.78 9.88 -11.82
N ALA C 180 -26.66 10.36 -11.28
CA ALA C 180 -25.44 10.54 -12.06
C ALA C 180 -24.37 9.52 -11.64
N VAL C 181 -24.79 8.33 -11.22
CA VAL C 181 -23.87 7.30 -10.69
C VAL C 181 -22.94 6.78 -11.79
N ALA C 182 -23.57 6.36 -12.90
CA ALA C 182 -22.87 5.71 -14.00
C ALA C 182 -22.36 6.70 -15.06
N SER C 183 -22.70 7.99 -14.96
CA SER C 183 -22.34 9.00 -15.99
C SER C 183 -21.36 10.07 -15.48
N LEU C 184 -21.27 10.35 -14.17
CA LEU C 184 -20.41 11.52 -13.76
C LEU C 184 -18.94 11.18 -14.02
N CYS C 185 -18.20 12.14 -14.60
CA CYS C 185 -16.76 11.99 -15.03
C CYS C 185 -16.61 11.06 -16.26
N GLY C 186 -17.75 10.62 -16.82
CA GLY C 186 -17.78 9.84 -18.09
C GLY C 186 -18.24 10.68 -19.28
N VAL C 187 -19.05 11.71 -18.99
CA VAL C 187 -19.64 12.59 -19.97
C VAL C 187 -19.70 13.97 -19.32
N PRO C 188 -19.82 15.05 -20.12
CA PRO C 188 -20.04 16.37 -19.54
C PRO C 188 -21.19 16.31 -18.54
N PHE C 189 -21.17 17.18 -17.54
CA PHE C 189 -22.26 17.31 -16.60
C PHE C 189 -22.13 18.67 -15.89
N TYR C 190 -23.20 19.46 -15.92
CA TYR C 190 -23.22 20.79 -15.33
C TYR C 190 -24.47 20.91 -14.45
N MET C 191 -24.27 20.78 -13.14
CA MET C 191 -25.36 20.76 -12.20
C MET C 191 -26.08 22.11 -12.25
N ASP C 192 -25.32 23.21 -12.16
CA ASP C 192 -25.91 24.55 -12.06
C ASP C 192 -26.45 25.00 -13.44
N LYS C 193 -25.62 24.89 -14.49
CA LYS C 193 -26.00 25.24 -15.89
C LYS C 193 -27.36 24.62 -16.24
N TRP C 194 -27.53 23.33 -15.92
CA TRP C 194 -28.67 22.53 -16.34
C TRP C 194 -29.83 22.63 -15.33
N GLU C 195 -29.76 23.58 -14.39
CA GLU C 195 -30.82 23.85 -13.37
C GLU C 195 -31.28 22.56 -12.68
N ILE C 196 -30.32 21.78 -12.14
CA ILE C 196 -30.60 20.52 -11.41
C ILE C 196 -30.67 20.77 -9.90
N ASP C 197 -31.64 20.15 -9.22
CA ASP C 197 -31.89 20.45 -7.81
C ASP C 197 -31.27 19.40 -6.89
N GLY C 198 -31.08 18.18 -7.41
CA GLY C 198 -30.60 17.01 -6.64
C GLY C 198 -29.86 16.00 -7.53
N VAL C 199 -28.59 15.75 -7.19
CA VAL C 199 -27.84 14.70 -7.85
C VAL C 199 -27.02 13.93 -6.79
N TYR C 200 -26.71 12.68 -7.11
CA TYR C 200 -25.78 11.85 -6.34
C TYR C 200 -24.93 11.07 -7.34
N THR C 201 -23.76 10.57 -6.90
CA THR C 201 -23.03 9.58 -7.72
C THR C 201 -22.52 8.45 -6.82
N GLY C 202 -21.87 7.48 -7.47
CA GLY C 202 -21.22 6.37 -6.81
C GLY C 202 -19.70 6.48 -6.87
N SER C 203 -19.09 6.04 -5.77
CA SER C 203 -17.64 5.99 -5.61
C SER C 203 -17.07 4.91 -6.53
N GLN C 204 -17.76 3.78 -6.64
CA GLN C 204 -17.16 2.61 -7.31
C GLN C 204 -17.34 2.62 -8.84
N LYS C 205 -18.04 3.59 -9.44
CA LYS C 205 -18.31 3.54 -10.90
C LYS C 205 -17.16 4.28 -11.63
N VAL C 206 -17.38 5.52 -12.09
CA VAL C 206 -16.41 6.14 -12.98
C VAL C 206 -15.16 6.55 -12.19
N LEU C 207 -15.36 7.10 -10.98
CA LEU C 207 -14.27 7.65 -10.13
C LEU C 207 -13.17 6.61 -9.80
N GLY C 208 -13.50 5.32 -9.79
CA GLY C 208 -12.52 4.29 -9.48
C GLY C 208 -12.09 4.32 -8.01
N ALA C 209 -13.03 4.58 -7.11
CA ALA C 209 -12.80 4.54 -5.64
C ALA C 209 -13.57 3.38 -5.02
N PRO C 210 -13.25 2.95 -3.78
CA PRO C 210 -13.98 1.85 -3.17
C PRO C 210 -15.43 2.23 -2.90
N PRO C 211 -16.36 1.24 -2.98
CA PRO C 211 -17.77 1.47 -2.60
C PRO C 211 -17.93 1.68 -1.11
N GLY C 212 -18.89 2.56 -0.76
CA GLY C 212 -19.33 2.71 0.62
C GLY C 212 -19.62 4.14 1.04
N ILE C 213 -19.27 5.10 0.18
CA ILE C 213 -19.37 6.54 0.49
C ILE C 213 -20.02 7.21 -0.74
N THR C 214 -21.10 7.98 -0.51
CA THR C 214 -21.98 8.47 -1.63
C THR C 214 -22.11 9.99 -1.67
N PRO C 215 -21.45 10.64 -2.65
CA PRO C 215 -21.59 12.08 -2.84
C PRO C 215 -23.00 12.50 -3.30
N ILE C 216 -23.46 13.63 -2.76
CA ILE C 216 -24.78 14.17 -2.98
C ILE C 216 -24.68 15.70 -2.86
N SER C 217 -25.58 16.42 -3.56
CA SER C 217 -25.63 17.91 -3.59
C SER C 217 -27.06 18.42 -3.87
N ILE C 218 -27.53 19.43 -3.12
CA ILE C 218 -28.86 19.96 -3.38
C ILE C 218 -28.80 21.50 -3.45
N SER C 219 -29.61 22.06 -4.38
CA SER C 219 -29.76 23.51 -4.71
C SER C 219 -30.29 24.31 -3.53
N PRO C 220 -30.15 25.66 -3.51
CA PRO C 220 -30.78 26.46 -2.45
C PRO C 220 -32.32 26.36 -2.45
N LYS C 221 -32.92 26.01 -3.59
CA LYS C 221 -34.37 25.83 -3.72
C LYS C 221 -34.80 24.51 -3.07
N ALA C 222 -34.07 23.42 -3.37
CA ALA C 222 -34.26 22.10 -2.69
C ALA C 222 -34.09 22.23 -1.16
N LEU C 223 -33.03 22.91 -0.74
CA LEU C 223 -32.78 23.07 0.69
C LEU C 223 -34.02 23.73 1.32
N GLU C 224 -34.58 24.75 0.64
CA GLU C 224 -35.73 25.51 1.19
C GLU C 224 -36.99 24.65 1.22
N VAL C 225 -37.16 23.73 0.27
CA VAL C 225 -38.27 22.79 0.30
C VAL C 225 -38.19 21.94 1.58
N ILE C 226 -37.00 21.40 1.85
CA ILE C 226 -36.80 20.52 3.00
C ILE C 226 -37.08 21.31 4.28
N ARG C 227 -36.55 22.54 4.38
CA ARG C 227 -36.78 23.34 5.58
C ARG C 227 -38.27 23.69 5.71
N SER C 228 -38.98 23.84 4.59
CA SER C 228 -40.43 24.15 4.57
C SER C 228 -41.27 22.96 5.04
N ARG C 229 -40.75 21.74 4.94
CA ARG C 229 -41.50 20.54 5.28
C ARG C 229 -42.36 20.75 6.54
N LYS C 230 -43.60 20.26 6.47
CA LYS C 230 -44.58 20.37 7.55
C LYS C 230 -44.48 19.16 8.49
N THR C 231 -43.86 18.07 8.03
CA THR C 231 -43.55 16.86 8.82
C THR C 231 -42.05 16.57 8.80
N PRO C 232 -41.50 15.87 9.84
CA PRO C 232 -40.10 15.46 9.83
C PRO C 232 -39.90 14.29 8.86
N SER C 233 -38.78 14.27 8.10
CA SER C 233 -38.38 13.10 7.25
C SER C 233 -38.21 11.82 8.10
N LYS C 234 -38.26 10.68 7.44
CA LYS C 234 -38.48 9.39 8.11
C LYS C 234 -37.18 8.79 8.68
N VAL C 235 -36.01 9.30 8.25
CA VAL C 235 -34.72 8.69 8.49
C VAL C 235 -33.72 9.76 9.00
N PHE C 236 -33.46 9.70 10.31
CA PHE C 236 -32.42 10.48 10.92
C PHE C 236 -31.08 10.23 10.20
N TYR C 237 -30.76 8.99 9.87
CA TYR C 237 -29.42 8.69 9.31
C TYR C 237 -29.06 9.50 8.05
N TRP C 238 -30.04 9.89 7.22
CA TRP C 238 -29.78 10.75 6.04
C TRP C 238 -30.73 11.95 5.95
N ASP C 239 -31.16 12.45 7.11
CA ASP C 239 -31.75 13.79 7.22
C ASP C 239 -30.65 14.84 6.94
N LEU C 240 -30.73 15.47 5.76
CA LEU C 240 -29.71 16.41 5.24
C LEU C 240 -29.59 17.67 6.13
N LEU C 241 -30.62 18.05 6.87
CA LEU C 241 -30.51 19.22 7.74
C LEU C 241 -29.56 18.96 8.91
N ILE C 242 -29.40 17.67 9.31
CA ILE C 242 -28.50 17.31 10.46
C ILE C 242 -27.23 16.57 9.97
N LEU C 243 -27.34 15.72 8.96
CA LEU C 243 -26.13 15.21 8.30
C LEU C 243 -25.31 16.40 7.78
N GLY C 244 -26.02 17.34 7.14
CA GLY C 244 -25.43 18.53 6.58
C GLY C 244 -24.72 19.37 7.63
N ASN C 245 -25.25 19.35 8.86
CA ASN C 245 -24.64 20.10 9.97
C ASN C 245 -23.20 19.61 10.23
N TYR C 246 -22.99 18.28 10.36
CA TYR C 246 -21.66 17.73 10.65
C TYR C 246 -20.71 18.02 9.49
N TRP C 247 -21.23 18.01 8.26
CA TRP C 247 -20.38 18.23 7.09
C TRP C 247 -20.15 19.74 6.88
N GLY C 248 -20.69 20.57 7.77
CA GLY C 248 -20.36 22.02 7.82
C GLY C 248 -20.82 22.76 6.56
N CYS C 249 -22.10 22.58 6.24
CA CYS C 249 -22.78 23.15 5.10
C CYS C 249 -23.64 24.35 5.54
N TYR C 250 -23.79 24.54 6.86
CA TYR C 250 -24.70 25.53 7.45
C TYR C 250 -23.97 26.46 8.46
N ASP C 251 -24.62 27.57 8.80
CA ASP C 251 -24.08 28.48 9.82
C ASP C 251 -24.57 27.99 11.18
N GLU C 252 -24.06 26.83 11.59
CA GLU C 252 -24.31 26.27 12.92
C GLU C 252 -23.01 25.63 13.40
N GLN C 253 -22.79 25.58 14.72
CA GLN C 253 -21.72 24.75 15.32
C GLN C 253 -21.90 23.29 14.87
N LYS C 254 -20.80 22.62 14.52
CA LYS C 254 -20.82 21.20 14.15
C LYS C 254 -21.21 20.34 15.37
N ARG C 255 -22.22 19.47 15.19
CA ARG C 255 -22.61 18.43 16.17
C ARG C 255 -22.29 17.04 15.58
N TYR C 256 -21.99 16.08 16.47
CA TYR C 256 -21.83 14.68 16.06
C TYR C 256 -23.18 14.16 15.49
N HIS C 257 -23.12 13.56 14.28
CA HIS C 257 -24.28 12.90 13.67
C HIS C 257 -24.12 11.37 13.68
N HIS C 258 -23.14 10.88 12.92
CA HIS C 258 -22.76 9.46 12.90
C HIS C 258 -21.25 9.36 12.66
N THR C 259 -20.67 8.15 12.82
CA THR C 259 -19.26 7.98 12.55
C THR C 259 -19.06 7.79 11.06
N VAL C 260 -18.39 8.75 10.43
CA VAL C 260 -18.13 8.67 9.01
C VAL C 260 -17.02 7.66 8.75
N PRO C 261 -17.01 7.02 7.55
CA PRO C 261 -15.97 6.04 7.20
C PRO C 261 -14.65 6.67 6.70
N SER C 262 -13.81 7.12 7.63
CA SER C 262 -12.68 7.99 7.30
C SER C 262 -11.86 7.38 6.16
N ASN C 263 -11.64 6.07 6.22
CA ASN C 263 -10.78 5.42 5.21
C ASN C 263 -11.39 5.58 3.81
N LEU C 264 -12.71 5.37 3.66
CA LEU C 264 -13.35 5.52 2.32
C LEU C 264 -13.33 6.98 1.88
N ILE C 265 -13.49 7.93 2.81
CA ILE C 265 -13.45 9.37 2.51
C ILE C 265 -12.04 9.77 2.03
N PHE C 266 -10.99 9.13 2.54
CA PHE C 266 -9.62 9.39 2.11
C PHE C 266 -9.42 8.90 0.67
N ALA C 267 -9.94 7.70 0.38
CA ALA C 267 -9.82 7.10 -0.94
C ALA C 267 -10.58 7.99 -1.94
N LEU C 268 -11.75 8.49 -1.51
CA LEU C 268 -12.58 9.35 -2.36
C LEU C 268 -11.79 10.64 -2.64
N ARG C 269 -11.18 11.24 -1.60
CA ARG C 269 -10.37 12.46 -1.79
C ARG C 269 -9.35 12.25 -2.91
N GLU C 270 -8.69 11.09 -2.92
CA GLU C 270 -7.60 10.90 -3.82
C GLU C 270 -8.16 10.73 -5.23
N ALA C 271 -9.35 10.10 -5.32
CA ALA C 271 -9.94 9.71 -6.58
C ALA C 271 -10.36 10.97 -7.31
N ILE C 272 -11.01 11.87 -6.58
CA ILE C 272 -11.36 13.20 -7.07
C ILE C 272 -10.08 13.94 -7.47
N ALA C 273 -9.01 13.85 -6.67
CA ALA C 273 -7.75 14.57 -6.93
C ALA C 273 -7.12 14.09 -8.25
N GLN C 274 -7.15 12.78 -8.51
CA GLN C 274 -6.60 12.17 -9.73
C GLN C 274 -7.22 12.87 -10.96
N ILE C 275 -8.54 13.08 -10.91
CA ILE C 275 -9.32 13.72 -11.95
C ILE C 275 -8.99 15.23 -11.98
N ALA C 276 -8.86 15.89 -10.84
CA ALA C 276 -8.48 17.31 -10.81
C ALA C 276 -7.12 17.53 -11.49
N GLU C 277 -6.17 16.62 -11.24
CA GLU C 277 -4.80 16.72 -11.74
C GLU C 277 -4.78 16.80 -13.28
N GLU C 278 -5.27 15.74 -13.95
CA GLU C 278 -5.34 15.64 -15.41
C GLU C 278 -6.38 16.61 -15.99
N GLY C 279 -7.40 16.98 -15.20
CA GLY C 279 -8.48 17.92 -15.58
C GLY C 279 -9.73 17.20 -16.09
N LEU C 280 -10.91 17.73 -15.74
CA LEU C 280 -12.18 17.04 -16.02
C LEU C 280 -12.25 16.67 -17.52
N GLU C 281 -12.07 17.67 -18.39
CA GLU C 281 -12.21 17.56 -19.86
C GLU C 281 -11.32 16.46 -20.42
N PRO C 282 -9.99 16.50 -20.27
CA PRO C 282 -9.16 15.37 -20.72
C PRO C 282 -9.67 13.99 -20.26
N VAL C 283 -10.19 13.93 -19.04
CA VAL C 283 -10.62 12.67 -18.48
C VAL C 283 -11.86 12.19 -19.25
N ILE C 284 -12.82 13.08 -19.46
CA ILE C 284 -14.02 12.74 -20.23
C ILE C 284 -13.62 12.39 -21.68
N ARG C 285 -12.74 13.20 -22.28
CA ARG C 285 -12.33 12.98 -23.67
C ARG C 285 -11.74 11.58 -23.81
N ARG C 286 -10.94 11.14 -22.83
CA ARG C 286 -10.26 9.84 -22.93
C ARG C 286 -11.28 8.70 -22.92
N ARG C 287 -12.37 8.88 -22.15
CA ARG C 287 -13.37 7.83 -21.95
C ARG C 287 -14.28 7.71 -23.18
N GLN C 288 -14.63 8.85 -23.79
CA GLN C 288 -15.28 8.93 -25.10
C GLN C 288 -14.46 8.16 -26.14
N GLU C 289 -13.15 8.46 -26.20
CA GLU C 289 -12.28 7.86 -27.19
C GLU C 289 -12.24 6.34 -26.96
N CYS C 290 -12.23 5.92 -25.69
CA CYS C 290 -12.12 4.52 -25.35
C CYS C 290 -13.36 3.80 -25.87
N ALA C 291 -14.53 4.39 -25.61
CA ALA C 291 -15.81 3.87 -26.12
C ALA C 291 -15.75 3.69 -27.65
N GLU C 292 -15.37 4.77 -28.38
CA GLU C 292 -15.17 4.76 -29.85
C GLU C 292 -14.42 3.48 -30.28
N GLN C 293 -13.28 3.23 -29.65
CA GLN C 293 -12.48 2.06 -29.97
C GLN C 293 -13.29 0.78 -29.73
N MET C 294 -14.08 0.80 -28.65
CA MET C 294 -14.84 -0.36 -28.17
C MET C 294 -15.90 -0.72 -29.22
N TYR C 295 -16.59 0.31 -29.74
CA TYR C 295 -17.59 0.21 -30.80
C TYR C 295 -16.96 -0.31 -32.12
N ARG C 296 -15.86 0.32 -32.56
CA ARG C 296 -15.09 -0.12 -33.75
C ARG C 296 -14.69 -1.59 -33.62
N GLY C 297 -14.25 -2.03 -32.45
CA GLY C 297 -13.80 -3.43 -32.27
C GLY C 297 -14.95 -4.43 -32.18
N LEU C 298 -16.08 -3.95 -31.62
CA LEU C 298 -17.34 -4.73 -31.55
C LEU C 298 -17.97 -4.86 -32.95
N GLN C 299 -17.94 -3.77 -33.72
CA GLN C 299 -18.33 -3.73 -35.13
C GLN C 299 -17.56 -4.80 -35.95
N ALA C 300 -16.25 -4.91 -35.70
CA ALA C 300 -15.35 -5.84 -36.42
C ALA C 300 -15.53 -7.27 -35.96
N MET C 301 -16.29 -7.48 -34.88
CA MET C 301 -16.68 -8.82 -34.45
C MET C 301 -18.08 -9.15 -34.99
N GLY C 302 -18.75 -8.14 -35.55
CA GLY C 302 -20.14 -8.25 -36.07
C GLY C 302 -21.15 -8.45 -34.95
N LEU C 303 -20.93 -7.77 -33.82
CA LEU C 303 -21.78 -7.83 -32.65
C LEU C 303 -22.47 -6.48 -32.48
N GLU C 304 -23.64 -6.49 -31.85
CA GLU C 304 -24.55 -5.36 -31.85
C GLU C 304 -24.66 -4.82 -30.41
N ILE C 305 -25.28 -3.65 -30.28
CA ILE C 305 -25.37 -2.91 -29.04
C ILE C 305 -26.84 -2.55 -28.80
N PHE C 306 -27.32 -2.93 -27.62
CA PHE C 306 -28.68 -2.72 -27.22
C PHE C 306 -29.13 -1.29 -27.59
N VAL C 307 -28.29 -0.28 -27.34
CA VAL C 307 -28.64 1.15 -27.62
C VAL C 307 -28.08 1.57 -28.99
N LYS C 308 -28.97 1.61 -30.00
CA LYS C 308 -28.61 1.54 -31.43
C LYS C 308 -28.03 2.89 -31.88
N ASP C 309 -28.68 4.02 -31.56
CA ASP C 309 -28.14 5.36 -31.94
C ASP C 309 -26.91 5.67 -31.09
N PRO C 310 -25.70 5.86 -31.68
CA PRO C 310 -24.54 6.34 -30.93
C PRO C 310 -24.74 7.67 -30.18
N GLU C 311 -25.59 8.57 -30.69
CA GLU C 311 -25.83 9.88 -30.03
C GLU C 311 -26.53 9.69 -28.66
N TYR C 312 -26.99 8.46 -28.36
CA TYR C 312 -27.74 8.20 -27.13
C TYR C 312 -27.06 7.13 -26.26
N ARG C 313 -25.82 6.72 -26.60
CA ARG C 313 -25.07 5.70 -25.85
C ARG C 313 -24.33 6.37 -24.67
N LEU C 314 -24.32 5.68 -23.51
CA LEU C 314 -23.44 6.01 -22.34
C LEU C 314 -22.08 5.31 -22.54
N PRO C 315 -20.96 6.05 -22.72
CA PRO C 315 -19.70 5.42 -23.10
C PRO C 315 -19.17 4.44 -22.02
N THR C 316 -19.57 4.71 -20.77
CA THR C 316 -19.09 3.99 -19.60
C THR C 316 -19.75 2.61 -19.51
N VAL C 317 -20.94 2.45 -20.12
CA VAL C 317 -21.50 1.08 -20.24
C VAL C 317 -21.97 0.81 -21.68
N THR C 318 -21.57 -0.35 -22.22
CA THR C 318 -22.00 -0.81 -23.51
C THR C 318 -22.59 -2.21 -23.40
N CYS C 319 -23.89 -2.36 -23.70
CA CYS C 319 -24.51 -3.69 -23.59
C CYS C 319 -24.37 -4.39 -24.96
N ILE C 320 -23.72 -5.56 -24.93
CA ILE C 320 -23.29 -6.33 -26.07
C ILE C 320 -24.25 -7.51 -26.27
N MET C 321 -25.04 -7.44 -27.35
CA MET C 321 -26.10 -8.42 -27.61
C MET C 321 -25.45 -9.80 -27.81
N ILE C 322 -25.94 -10.80 -27.07
CA ILE C 322 -25.52 -12.19 -27.27
C ILE C 322 -26.05 -12.63 -28.63
N PRO C 323 -25.24 -13.26 -29.49
CA PRO C 323 -25.76 -13.78 -30.75
C PRO C 323 -26.60 -15.02 -30.46
N LYS C 324 -27.54 -15.34 -31.37
CA LYS C 324 -28.49 -16.44 -31.21
C LYS C 324 -27.70 -17.75 -31.11
N GLY C 325 -28.01 -18.55 -30.08
CA GLY C 325 -27.39 -19.86 -29.87
C GLY C 325 -26.00 -19.77 -29.25
N VAL C 326 -25.70 -18.66 -28.57
CA VAL C 326 -24.42 -18.51 -27.83
C VAL C 326 -24.73 -18.52 -26.32
N ASN C 327 -24.07 -19.43 -25.61
CA ASN C 327 -24.07 -19.54 -24.12
C ASN C 327 -23.18 -18.47 -23.47
N TRP C 328 -23.81 -17.41 -22.95
CA TRP C 328 -23.08 -16.24 -22.46
C TRP C 328 -22.18 -16.62 -21.29
N TRP C 329 -22.66 -17.51 -20.43
CA TRP C 329 -21.91 -17.86 -19.25
C TRP C 329 -20.63 -18.61 -19.67
N LYS C 330 -20.68 -19.40 -20.73
CA LYS C 330 -19.49 -20.21 -21.09
C LYS C 330 -18.35 -19.29 -21.55
N VAL C 331 -18.73 -18.14 -22.11
CA VAL C 331 -17.80 -17.11 -22.48
C VAL C 331 -17.18 -16.50 -21.22
N SER C 332 -18.04 -15.87 -20.40
CA SER C 332 -17.68 -15.13 -19.22
C SER C 332 -16.82 -15.99 -18.28
N GLU C 333 -17.11 -17.29 -18.22
CA GLU C 333 -16.41 -18.19 -17.32
C GLU C 333 -14.98 -18.33 -17.81
N TYR C 334 -14.84 -18.60 -19.11
CA TYR C 334 -13.56 -18.79 -19.77
C TYR C 334 -12.75 -17.49 -19.74
N ALA C 335 -13.42 -16.35 -19.85
CA ALA C 335 -12.77 -15.04 -19.71
C ALA C 335 -12.10 -14.93 -18.33
N MET C 336 -12.82 -15.33 -17.28
CA MET C 336 -12.33 -15.18 -15.93
C MET C 336 -11.20 -16.19 -15.65
N ASN C 337 -11.39 -17.47 -16.00
CA ASN C 337 -10.45 -18.55 -15.66
C ASN C 337 -9.12 -18.39 -16.41
N ASN C 338 -9.13 -17.78 -17.60
CA ASN C 338 -7.93 -17.74 -18.50
C ASN C 338 -7.28 -16.36 -18.54
N PHE C 339 -8.05 -15.31 -18.23
CA PHE C 339 -7.54 -13.92 -18.31
C PHE C 339 -7.83 -13.12 -17.03
N SER C 340 -8.58 -13.68 -16.07
CA SER C 340 -8.93 -12.90 -14.88
C SER C 340 -9.73 -11.65 -15.29
N LEU C 341 -10.45 -11.70 -16.41
CA LEU C 341 -11.28 -10.60 -16.89
C LEU C 341 -12.75 -10.84 -16.50
N GLU C 342 -13.36 -9.80 -15.95
CA GLU C 342 -14.76 -9.74 -15.66
C GLU C 342 -15.51 -9.34 -16.93
N ILE C 343 -16.32 -10.26 -17.44
CA ILE C 343 -17.25 -10.00 -18.55
C ILE C 343 -18.67 -10.21 -17.99
N GLN C 344 -19.29 -9.13 -17.55
CA GLN C 344 -20.51 -9.26 -16.79
C GLN C 344 -21.69 -9.54 -17.73
N GLY C 345 -22.59 -10.39 -17.24
CA GLY C 345 -23.88 -10.64 -17.85
C GLY C 345 -24.78 -9.42 -17.80
N GLY C 346 -26.03 -9.63 -18.22
CA GLY C 346 -27.01 -8.56 -18.33
C GLY C 346 -27.79 -8.42 -17.04
N PHE C 347 -28.65 -7.41 -16.97
CA PHE C 347 -29.40 -7.04 -15.77
C PHE C 347 -30.58 -6.11 -16.16
N GLY C 348 -31.76 -6.37 -15.58
CA GLY C 348 -32.97 -5.56 -15.83
C GLY C 348 -33.44 -5.73 -17.28
N PRO C 349 -33.63 -4.62 -18.05
CA PRO C 349 -34.04 -4.70 -19.45
C PRO C 349 -33.18 -5.60 -20.36
N THR C 350 -31.99 -5.96 -19.89
CA THR C 350 -30.91 -6.49 -20.72
C THR C 350 -30.54 -7.89 -20.22
N MET C 351 -31.24 -8.35 -19.17
CA MET C 351 -31.11 -9.70 -18.59
C MET C 351 -31.48 -10.73 -19.66
N GLY C 352 -30.53 -11.65 -19.93
CA GLY C 352 -30.74 -12.81 -20.79
C GLY C 352 -30.27 -12.59 -22.22
N ILE C 353 -30.02 -11.33 -22.60
CA ILE C 353 -29.86 -10.89 -23.99
C ILE C 353 -28.64 -9.94 -24.17
N ALA C 354 -27.72 -9.90 -23.20
CA ALA C 354 -26.52 -9.02 -23.28
C ALA C 354 -25.45 -9.42 -22.25
N TRP C 355 -24.20 -9.07 -22.59
CA TRP C 355 -23.16 -8.74 -21.64
C TRP C 355 -23.11 -7.22 -21.49
N ARG C 356 -22.55 -6.75 -20.37
CA ARG C 356 -22.34 -5.33 -20.15
C ARG C 356 -20.82 -5.06 -19.96
N ALA C 357 -20.25 -4.23 -20.84
CA ALA C 357 -18.84 -3.84 -20.83
C ALA C 357 -18.74 -2.40 -20.32
N GLY C 358 -17.85 -2.22 -19.34
CA GLY C 358 -17.65 -0.97 -18.64
C GLY C 358 -16.29 -0.37 -18.92
N ILE C 359 -16.30 0.95 -19.13
CA ILE C 359 -15.10 1.75 -19.23
C ILE C 359 -15.12 2.73 -18.04
N MET C 360 -14.49 2.27 -16.94
CA MET C 360 -14.56 2.93 -15.65
C MET C 360 -13.25 2.74 -14.87
N GLY C 361 -12.94 3.77 -14.07
CA GLY C 361 -11.78 3.76 -13.19
C GLY C 361 -10.49 3.60 -13.98
N GLU C 362 -9.74 2.55 -13.68
CA GLU C 362 -8.37 2.41 -14.17
C GLU C 362 -8.35 1.50 -15.40
N SER C 363 -9.54 1.04 -15.80
CA SER C 363 -9.67 0.33 -17.04
C SER C 363 -10.10 1.27 -18.19
N SER C 364 -10.26 2.58 -17.90
CA SER C 364 -10.55 3.61 -18.88
C SER C 364 -9.33 3.98 -19.74
N THR C 365 -8.72 2.99 -20.39
CA THR C 365 -7.55 3.19 -21.23
C THR C 365 -7.71 2.39 -22.52
N LEU C 366 -7.11 2.93 -23.58
CA LEU C 366 -6.98 2.27 -24.87
C LEU C 366 -6.45 0.83 -24.65
N GLN C 367 -5.39 0.71 -23.84
CA GLN C 367 -4.64 -0.54 -23.71
C GLN C 367 -5.53 -1.65 -23.15
N ARG C 368 -6.45 -1.24 -22.25
CA ARG C 368 -7.38 -2.14 -21.52
C ARG C 368 -8.58 -2.53 -22.41
N VAL C 369 -9.18 -1.55 -23.10
CA VAL C 369 -10.20 -1.83 -24.11
C VAL C 369 -9.64 -2.86 -25.12
N ASN C 370 -8.49 -2.54 -25.72
CA ASN C 370 -7.85 -3.45 -26.69
C ASN C 370 -7.66 -4.83 -26.04
N PHE C 371 -7.50 -4.87 -24.71
CA PHE C 371 -7.33 -6.16 -24.03
C PHE C 371 -8.67 -6.89 -23.91
N TYR C 372 -9.72 -6.16 -23.51
CA TYR C 372 -11.09 -6.68 -23.43
C TYR C 372 -11.46 -7.33 -24.76
N LEU C 373 -11.35 -6.55 -25.84
CA LEU C 373 -11.71 -6.97 -27.21
C LEU C 373 -10.95 -8.24 -27.57
N TYR C 374 -9.64 -8.32 -27.32
CA TYR C 374 -8.84 -9.55 -27.62
C TYR C 374 -9.36 -10.75 -26.80
N ALA C 375 -9.64 -10.50 -25.51
CA ALA C 375 -9.96 -11.60 -24.57
C ALA C 375 -11.39 -12.08 -24.84
N PHE C 376 -12.31 -11.14 -25.11
CA PHE C 376 -13.65 -11.51 -25.56
C PHE C 376 -13.53 -12.48 -26.75
N LYS C 377 -12.88 -12.00 -27.83
CA LYS C 377 -12.65 -12.75 -29.09
C LYS C 377 -12.22 -14.17 -28.76
N GLU C 378 -11.09 -14.33 -28.06
CA GLU C 378 -10.51 -15.67 -27.79
C GLU C 378 -11.50 -16.53 -26.99
N SER C 379 -12.31 -15.87 -26.17
CA SER C 379 -13.25 -16.56 -25.32
C SER C 379 -14.39 -17.18 -26.16
N LEU C 380 -14.98 -16.40 -27.08
CA LEU C 380 -15.97 -16.88 -28.06
C LEU C 380 -15.44 -18.08 -28.86
N LYS C 381 -14.30 -17.86 -29.54
CA LYS C 381 -13.67 -18.86 -30.43
C LYS C 381 -13.49 -20.20 -29.71
N ALA C 382 -13.02 -20.14 -28.46
CA ALA C 382 -12.57 -21.34 -27.74
C ALA C 382 -13.77 -22.12 -27.19
N THR C 383 -14.90 -21.42 -27.03
CA THR C 383 -16.17 -21.96 -26.47
C THR C 383 -17.31 -22.04 -27.51
N HIS C 384 -17.14 -21.47 -28.70
CA HIS C 384 -18.12 -21.56 -29.80
C HIS C 384 -17.44 -21.56 -31.17
N PRO C 385 -16.79 -22.67 -31.60
CA PRO C 385 -16.25 -22.78 -32.96
C PRO C 385 -17.28 -22.95 -34.08
N MET D 1 18.86 30.79 6.80
CA MET D 1 19.27 29.46 6.24
C MET D 1 19.31 29.50 4.71
N LYS D 2 18.28 30.11 4.10
CA LYS D 2 18.25 30.47 2.68
C LYS D 2 18.86 29.36 1.80
N PHE D 3 18.06 28.33 1.50
CA PHE D 3 18.38 27.30 0.52
C PHE D 3 17.86 27.71 -0.89
N THR D 4 18.59 27.36 -1.95
CA THR D 4 18.05 27.25 -3.30
C THR D 4 16.65 26.63 -3.20
N PRO D 5 15.60 27.17 -3.85
CA PRO D 5 14.27 26.55 -3.78
C PRO D 5 14.26 25.17 -4.44
N PRO D 6 13.26 24.31 -4.13
CA PRO D 6 13.17 22.97 -4.71
C PRO D 6 12.49 22.91 -6.08
N PRO D 7 12.79 21.87 -6.88
CA PRO D 7 12.29 21.77 -8.26
C PRO D 7 10.79 21.46 -8.37
N SER D 8 10.11 22.16 -9.29
CA SER D 8 8.68 21.98 -9.53
C SER D 8 8.37 20.58 -10.11
N SER D 9 9.39 19.82 -10.57
CA SER D 9 9.13 18.49 -11.09
C SER D 9 8.86 17.45 -9.98
N LEU D 10 8.71 17.89 -8.72
CA LEU D 10 8.28 17.04 -7.61
C LEU D 10 6.93 17.50 -7.07
N ARG D 11 6.31 18.50 -7.72
CA ARG D 11 5.04 19.07 -7.23
C ARG D 11 3.93 18.02 -7.37
N GLY D 12 4.08 17.12 -8.36
CA GLY D 12 3.02 16.23 -8.75
C GLY D 12 3.26 14.79 -8.30
N PRO D 13 2.27 13.92 -8.51
CA PRO D 13 2.30 12.57 -7.97
C PRO D 13 3.19 11.63 -8.78
N LEU D 14 3.49 10.47 -8.18
CA LEU D 14 4.18 9.34 -8.83
C LEU D 14 3.14 8.38 -9.41
N VAL D 15 3.32 8.02 -10.69
CA VAL D 15 2.32 7.31 -11.50
C VAL D 15 3.05 6.32 -12.42
N ILE D 16 2.96 5.02 -12.08
CA ILE D 16 3.63 3.97 -12.82
C ILE D 16 2.59 2.99 -13.36
N PRO D 17 2.25 3.05 -14.67
CA PRO D 17 1.25 2.14 -15.24
C PRO D 17 1.63 0.65 -15.10
N ASP D 18 0.62 -0.26 -15.17
CA ASP D 18 0.86 -1.72 -15.36
C ASP D 18 1.40 -1.89 -16.78
N LYS D 19 2.31 -2.86 -16.92
CA LYS D 19 2.90 -3.22 -18.21
C LYS D 19 3.07 -4.73 -18.27
N ILE D 20 2.99 -5.26 -19.49
CA ILE D 20 3.22 -6.66 -19.72
C ILE D 20 4.69 -6.81 -20.09
N MET D 21 5.48 -7.30 -19.12
CA MET D 21 6.93 -7.22 -19.12
C MET D 21 7.54 -8.50 -19.67
N MET D 22 7.43 -8.68 -20.99
CA MET D 22 7.98 -9.89 -21.66
C MET D 22 9.19 -9.53 -22.53
N GLY D 23 9.99 -8.56 -22.04
CA GLY D 23 11.36 -8.44 -22.45
C GLY D 23 12.19 -9.50 -21.76
N PRO D 24 13.52 -9.52 -21.88
CA PRO D 24 14.33 -10.48 -21.13
C PRO D 24 14.69 -9.86 -19.78
N GLY D 25 13.98 -8.77 -19.43
CA GLY D 25 14.49 -7.57 -18.69
C GLY D 25 14.12 -7.74 -17.23
N PRO D 26 13.46 -6.78 -16.57
CA PRO D 26 12.68 -7.11 -15.36
C PRO D 26 11.39 -7.83 -15.78
N SER D 27 10.99 -8.87 -15.04
CA SER D 27 9.72 -9.58 -15.29
C SER D 27 8.62 -8.95 -14.45
N ASN D 28 7.36 -9.28 -14.77
CA ASN D 28 6.23 -8.98 -13.87
C ASN D 28 6.36 -9.88 -12.64
N CYS D 29 6.02 -9.31 -11.49
CA CYS D 29 6.11 -9.98 -10.17
C CYS D 29 4.71 -10.36 -9.70
N SER D 30 4.57 -11.45 -8.93
CA SER D 30 3.26 -11.80 -8.36
C SER D 30 2.83 -10.73 -7.36
N LYS D 31 1.51 -10.63 -7.12
CA LYS D 31 0.89 -9.86 -6.02
C LYS D 31 1.55 -10.19 -4.66
N ARG D 32 1.65 -11.49 -4.33
CA ARG D 32 2.28 -11.98 -3.11
C ARG D 32 3.68 -11.36 -2.95
N VAL D 33 4.44 -11.36 -4.04
CA VAL D 33 5.83 -10.96 -4.04
C VAL D 33 5.95 -9.44 -3.84
N LEU D 34 5.05 -8.64 -4.45
CA LEU D 34 5.13 -7.19 -4.37
C LEU D 34 4.65 -6.78 -2.98
N ALA D 35 3.70 -7.56 -2.44
CA ALA D 35 3.11 -7.26 -1.16
C ALA D 35 4.20 -7.28 -0.07
N ALA D 36 5.18 -8.14 -0.29
CA ALA D 36 6.26 -8.39 0.62
C ALA D 36 7.11 -7.14 0.82
N LEU D 37 7.14 -6.22 -0.15
CA LEU D 37 7.99 -5.04 -0.05
C LEU D 37 7.46 -4.09 1.04
N ASN D 38 6.15 -4.23 1.28
CA ASN D 38 5.43 -3.36 2.18
C ASN D 38 5.56 -3.89 3.62
N ASN D 39 6.77 -3.80 4.19
CA ASN D 39 7.01 -4.22 5.54
C ASN D 39 8.12 -3.37 6.12
N THR D 40 8.11 -3.25 7.45
CA THR D 40 9.19 -2.62 8.20
C THR D 40 10.56 -3.00 7.63
N CYS D 41 11.29 -1.98 7.19
CA CYS D 41 12.71 -2.10 6.94
C CYS D 41 13.39 -2.39 8.28
N LEU D 42 13.78 -3.66 8.48
CA LEU D 42 14.21 -4.13 9.77
C LEU D 42 15.67 -3.74 9.99
N SER D 43 16.06 -3.71 11.26
CA SER D 43 17.45 -3.59 11.65
C SER D 43 18.21 -4.84 11.19
N ASN D 44 19.53 -4.68 11.03
CA ASN D 44 20.39 -5.73 10.54
C ASN D 44 20.45 -6.86 11.59
N PHE D 45 20.13 -6.57 12.87
CA PHE D 45 20.37 -7.56 13.94
C PHE D 45 19.06 -8.07 14.57
N HIS D 46 17.90 -7.72 13.99
CA HIS D 46 16.63 -8.21 14.46
C HIS D 46 16.45 -9.69 14.08
N ASP D 47 15.76 -10.45 14.93
CA ASP D 47 15.58 -11.89 14.75
C ASP D 47 14.71 -12.21 13.53
N GLU D 48 13.69 -11.37 13.26
CA GLU D 48 12.82 -11.65 12.12
C GLU D 48 13.64 -11.59 10.82
N LEU D 49 14.69 -10.75 10.77
CA LEU D 49 15.46 -10.64 9.52
C LEU D 49 16.36 -11.87 9.36
N PHE D 50 17.00 -12.30 10.46
CA PHE D 50 17.84 -13.50 10.50
C PHE D 50 17.02 -14.72 10.09
N GLN D 51 15.77 -14.76 10.52
CA GLN D 51 14.91 -15.86 10.17
C GLN D 51 14.71 -15.90 8.65
N VAL D 52 14.40 -14.73 8.05
CA VAL D 52 14.13 -14.64 6.61
C VAL D 52 15.41 -15.00 5.84
N ILE D 53 16.56 -14.55 6.33
CA ILE D 53 17.84 -14.86 5.69
C ILE D 53 18.12 -16.38 5.68
N ASP D 54 17.87 -17.07 6.80
CA ASP D 54 18.11 -18.51 6.89
C ASP D 54 17.23 -19.22 5.84
N GLU D 55 16.02 -18.71 5.63
CA GLU D 55 15.01 -19.33 4.72
C GLU D 55 15.38 -19.08 3.25
N VAL D 56 15.93 -17.89 2.96
CA VAL D 56 16.41 -17.56 1.62
C VAL D 56 17.57 -18.49 1.26
N LYS D 57 18.53 -18.66 2.18
CA LYS D 57 19.68 -19.53 1.96
C LYS D 57 19.21 -20.98 1.73
N ASP D 58 18.16 -21.41 2.44
CA ASP D 58 17.63 -22.75 2.19
C ASP D 58 17.05 -22.82 0.77
N GLY D 59 16.32 -21.77 0.39
CA GLY D 59 15.73 -21.61 -0.94
C GLY D 59 16.77 -21.55 -2.07
N LEU D 60 17.94 -20.95 -1.82
CA LEU D 60 18.97 -20.85 -2.85
C LEU D 60 19.69 -22.21 -2.98
N ARG D 61 20.03 -22.84 -1.86
CA ARG D 61 20.52 -24.19 -1.92
C ARG D 61 19.58 -25.07 -2.78
N TYR D 62 18.27 -24.82 -2.70
CA TYR D 62 17.34 -25.64 -3.44
C TYR D 62 17.33 -25.31 -4.95
N ILE D 63 17.20 -24.02 -5.31
CA ILE D 63 17.05 -23.63 -6.75
C ILE D 63 18.40 -23.74 -7.48
N PHE D 64 19.53 -23.58 -6.76
CA PHE D 64 20.87 -23.83 -7.34
C PHE D 64 21.19 -25.34 -7.34
N GLN D 65 20.40 -26.13 -6.59
CA GLN D 65 20.67 -27.54 -6.34
C GLN D 65 22.11 -27.74 -5.86
N THR D 66 22.44 -27.15 -4.71
CA THR D 66 23.74 -27.30 -3.95
C THR D 66 23.48 -27.52 -2.45
N GLU D 67 24.52 -28.01 -1.75
CA GLU D 67 24.58 -28.17 -0.29
C GLU D 67 25.51 -27.12 0.37
N ASN D 68 26.05 -26.18 -0.42
CA ASN D 68 27.09 -25.22 0.05
C ASN D 68 26.60 -24.33 1.20
N ARG D 69 27.34 -24.33 2.30
CA ARG D 69 27.13 -23.37 3.39
C ARG D 69 27.36 -21.95 2.86
N THR D 70 28.22 -21.78 1.84
CA THR D 70 28.66 -20.43 1.38
C THR D 70 27.70 -19.95 0.27
N THR D 71 26.44 -19.71 0.70
CA THR D 71 25.29 -19.34 -0.12
C THR D 71 24.71 -18.04 0.47
N MET D 72 24.56 -16.98 -0.36
CA MET D 72 24.24 -15.68 0.18
C MET D 72 23.75 -14.71 -0.91
N CYS D 73 23.53 -13.46 -0.51
CA CYS D 73 23.19 -12.47 -1.50
C CYS D 73 24.16 -11.28 -1.43
N ILE D 74 24.38 -10.67 -2.60
CA ILE D 74 25.03 -9.42 -2.71
C ILE D 74 23.95 -8.35 -2.89
N THR D 75 24.18 -7.19 -2.25
CA THR D 75 23.25 -6.07 -2.30
C THR D 75 23.61 -5.23 -3.53
N GLY D 76 22.88 -5.49 -4.63
CA GLY D 76 23.03 -4.82 -5.92
C GLY D 76 22.50 -5.68 -7.06
N SER D 77 22.57 -5.15 -8.28
CA SER D 77 22.04 -5.81 -9.46
C SER D 77 22.91 -7.02 -9.81
N ALA D 78 22.49 -7.84 -10.78
CA ALA D 78 23.18 -9.15 -11.09
C ALA D 78 24.66 -9.00 -11.53
N HIS D 79 25.06 -7.84 -12.07
CA HIS D 79 26.45 -7.59 -12.44
C HIS D 79 27.38 -7.88 -11.26
N THR D 80 26.83 -7.66 -10.09
CA THR D 80 27.51 -7.67 -8.81
C THR D 80 27.97 -9.10 -8.48
N GLY D 81 27.21 -10.10 -8.94
CA GLY D 81 27.63 -11.48 -8.88
C GLY D 81 28.87 -11.74 -9.74
N MET D 82 28.88 -11.19 -10.94
CA MET D 82 30.04 -11.30 -11.84
C MET D 82 31.24 -10.59 -11.21
N GLU D 83 31.01 -9.38 -10.69
CA GLU D 83 32.02 -8.60 -9.98
C GLU D 83 32.56 -9.41 -8.80
N ALA D 84 31.67 -9.96 -7.98
CA ALA D 84 32.07 -10.57 -6.70
C ALA D 84 32.94 -11.82 -6.94
N LEU D 85 32.48 -12.69 -7.85
CA LEU D 85 33.21 -13.94 -8.25
C LEU D 85 34.63 -13.63 -8.74
N LEU D 86 34.80 -12.62 -9.62
CA LEU D 86 36.12 -12.28 -10.23
C LEU D 86 37.04 -11.60 -9.20
N CYS D 87 36.54 -10.52 -8.57
CA CYS D 87 37.23 -9.73 -7.51
C CYS D 87 37.76 -10.64 -6.42
N ASN D 88 37.01 -11.71 -6.09
CA ASN D 88 37.27 -12.55 -4.93
C ASN D 88 38.30 -13.65 -5.26
N LEU D 89 38.23 -14.24 -6.47
CA LEU D 89 38.97 -15.46 -6.83
C LEU D 89 40.20 -15.17 -7.72
N LEU D 90 40.58 -13.91 -7.90
CA LEU D 90 41.71 -13.52 -8.76
C LEU D 90 42.57 -12.46 -8.05
N GLU D 91 43.85 -12.80 -7.79
CA GLU D 91 44.88 -11.80 -7.41
C GLU D 91 45.48 -11.16 -8.68
N GLU D 92 46.21 -10.04 -8.55
CA GLU D 92 47.05 -9.49 -9.65
C GLU D 92 47.76 -10.68 -10.32
N GLY D 93 47.64 -10.81 -11.65
CA GLY D 93 48.39 -11.81 -12.44
C GLY D 93 47.81 -13.23 -12.50
N ASP D 94 46.81 -13.60 -11.69
CA ASP D 94 46.13 -14.91 -11.89
C ASP D 94 45.55 -15.00 -13.31
N ILE D 95 45.44 -16.23 -13.84
CA ILE D 95 44.97 -16.47 -15.22
C ILE D 95 43.51 -16.91 -15.18
N VAL D 96 42.65 -16.12 -15.82
CA VAL D 96 41.26 -16.45 -16.00
C VAL D 96 41.02 -16.67 -17.48
N LEU D 97 40.42 -17.82 -17.81
CA LEU D 97 39.94 -18.07 -19.14
C LEU D 97 38.42 -17.79 -19.21
N ILE D 98 38.00 -17.03 -20.22
CA ILE D 98 36.63 -16.61 -20.39
C ILE D 98 36.11 -17.04 -21.77
N ALA D 99 35.00 -17.79 -21.77
CA ALA D 99 34.34 -18.26 -22.99
C ALA D 99 33.49 -17.14 -23.59
N ASN D 100 34.01 -16.49 -24.62
CA ASN D 100 33.42 -15.26 -25.12
C ASN D 100 32.67 -15.53 -26.43
N ASN D 101 31.34 -15.74 -26.34
CA ASN D 101 30.46 -15.71 -27.50
C ASN D 101 29.22 -14.84 -27.22
N GLY D 102 29.39 -13.76 -26.45
CA GLY D 102 28.33 -12.78 -26.27
C GLY D 102 28.72 -11.65 -25.34
N ILE D 103 27.82 -10.68 -25.21
CA ILE D 103 28.12 -9.43 -24.54
C ILE D 103 28.42 -9.64 -23.05
N TRP D 104 27.79 -10.65 -22.44
CA TRP D 104 27.99 -10.89 -21.00
C TRP D 104 29.44 -11.28 -20.71
N ALA D 105 30.06 -12.02 -21.63
CA ALA D 105 31.50 -12.35 -21.56
C ALA D 105 32.38 -11.10 -21.72
N GLU D 106 32.00 -10.17 -22.59
CA GLU D 106 32.80 -8.94 -22.80
C GLU D 106 32.89 -8.14 -21.49
N ARG D 107 31.73 -7.98 -20.83
CA ARG D 107 31.63 -7.38 -19.50
C ARG D 107 32.61 -8.09 -18.55
N ALA D 108 32.67 -9.42 -18.64
CA ALA D 108 33.49 -10.23 -17.73
C ALA D 108 34.98 -10.05 -18.07
N ILE D 109 35.28 -9.90 -19.37
CA ILE D 109 36.65 -9.53 -19.77
C ILE D 109 36.97 -8.14 -19.22
N ASN D 110 36.02 -7.19 -19.27
CA ASN D 110 36.31 -5.81 -18.85
C ASN D 110 36.56 -5.80 -17.32
N MET D 111 35.83 -6.64 -16.58
CA MET D 111 35.93 -6.64 -15.11
C MET D 111 37.26 -7.27 -14.66
N ALA D 112 37.60 -8.41 -15.27
CA ALA D 112 38.79 -9.16 -14.93
C ALA D 112 40.04 -8.32 -15.22
N THR D 113 40.03 -7.59 -16.34
CA THR D 113 41.09 -6.66 -16.68
C THR D 113 41.30 -5.70 -15.50
N ARG D 114 40.20 -5.04 -15.10
CA ARG D 114 40.23 -3.99 -14.04
C ARG D 114 40.78 -4.58 -12.72
N TYR D 115 40.53 -5.87 -12.45
CA TYR D 115 40.96 -6.53 -11.20
C TYR D 115 42.44 -6.96 -11.30
N GLY D 116 43.07 -6.75 -12.46
CA GLY D 116 44.54 -6.92 -12.64
C GLY D 116 44.94 -8.34 -13.02
N ALA D 117 44.01 -9.10 -13.59
CA ALA D 117 44.18 -10.50 -13.92
C ALA D 117 44.75 -10.62 -15.33
N ASP D 118 45.21 -11.83 -15.64
CA ASP D 118 45.74 -12.19 -16.92
C ASP D 118 44.60 -12.90 -17.65
N VAL D 119 43.99 -12.17 -18.59
CA VAL D 119 42.78 -12.56 -19.29
C VAL D 119 43.14 -13.33 -20.58
N ARG D 120 42.50 -14.49 -20.77
CA ARG D 120 42.67 -15.35 -21.94
C ARG D 120 41.29 -15.80 -22.43
N VAL D 121 41.11 -15.82 -23.75
CA VAL D 121 39.80 -15.84 -24.33
C VAL D 121 39.66 -17.07 -25.24
N LEU D 122 38.40 -17.44 -25.49
CA LEU D 122 38.01 -18.50 -26.38
C LEU D 122 36.83 -17.98 -27.19
N GLU D 123 37.10 -17.45 -28.39
CA GLU D 123 36.09 -16.73 -29.19
C GLU D 123 35.18 -17.75 -29.87
N GLY D 124 33.96 -17.34 -30.20
CA GLY D 124 32.97 -18.20 -30.84
C GLY D 124 31.91 -17.38 -31.56
N PRO D 125 31.18 -17.99 -32.53
CA PRO D 125 29.96 -17.36 -33.06
C PRO D 125 28.88 -17.35 -31.97
N ALA D 126 28.11 -16.27 -31.89
CA ALA D 126 27.12 -16.07 -30.82
C ALA D 126 25.91 -17.00 -30.97
N ASP D 127 25.87 -17.79 -32.06
CA ASP D 127 24.67 -18.55 -32.46
C ASP D 127 24.95 -20.07 -32.41
N LYS D 128 26.09 -20.46 -31.83
CA LYS D 128 26.44 -21.83 -31.55
C LYS D 128 27.15 -21.90 -30.20
N PRO D 129 27.02 -23.01 -29.44
CA PRO D 129 27.74 -23.17 -28.17
C PRO D 129 29.20 -23.56 -28.40
N PHE D 130 29.95 -23.71 -27.30
CA PHE D 130 31.26 -24.34 -27.30
C PHE D 130 31.06 -25.85 -27.07
N SER D 131 31.95 -26.68 -27.65
CA SER D 131 31.97 -28.13 -27.45
C SER D 131 32.93 -28.45 -26.31
N MET D 132 32.84 -29.65 -25.72
CA MET D 132 33.75 -29.97 -24.61
C MET D 132 35.18 -30.05 -25.14
N THR D 133 35.34 -30.33 -26.44
CA THR D 133 36.66 -30.42 -27.03
C THR D 133 37.28 -29.01 -26.99
N ASP D 134 36.55 -28.02 -27.50
CA ASP D 134 36.98 -26.60 -27.48
C ASP D 134 37.39 -26.20 -26.05
N PHE D 135 36.65 -26.69 -25.05
CA PHE D 135 36.93 -26.38 -23.65
C PHE D 135 38.23 -27.07 -23.17
N LYS D 136 38.40 -28.38 -23.44
CA LYS D 136 39.62 -29.08 -22.98
C LYS D 136 40.86 -28.41 -23.55
N LYS D 137 40.82 -28.08 -24.85
CA LYS D 137 41.97 -27.49 -25.58
C LYS D 137 42.39 -26.17 -24.95
N ALA D 138 41.47 -25.21 -24.88
CA ALA D 138 41.71 -23.88 -24.26
C ALA D 138 42.37 -23.98 -22.87
N ILE D 139 41.96 -24.97 -22.08
CA ILE D 139 42.40 -25.15 -20.69
C ILE D 139 43.84 -25.67 -20.69
N GLU D 140 44.12 -26.64 -21.59
CA GLU D 140 45.46 -27.26 -21.76
C GLU D 140 46.51 -26.22 -22.17
N GLN D 141 46.11 -25.26 -23.03
CA GLN D 141 46.98 -24.19 -23.56
C GLN D 141 47.33 -23.18 -22.46
N HIS D 142 46.33 -22.81 -21.65
CA HIS D 142 46.40 -21.60 -20.82
C HIS D 142 46.64 -21.91 -19.33
N ARG D 143 46.36 -23.15 -18.90
CA ARG D 143 46.50 -23.61 -17.50
C ARG D 143 45.93 -22.60 -16.51
N PRO D 144 44.67 -22.12 -16.70
CA PRO D 144 44.11 -21.06 -15.85
C PRO D 144 43.65 -21.51 -14.44
N LYS D 145 43.63 -20.54 -13.52
CA LYS D 145 43.01 -20.65 -12.20
C LYS D 145 41.49 -20.88 -12.34
N CYS D 146 40.81 -20.01 -13.09
CA CYS D 146 39.38 -20.07 -13.24
C CYS D 146 38.98 -20.03 -14.70
N LEU D 147 37.94 -20.81 -15.03
CA LEU D 147 37.16 -20.69 -16.26
C LEU D 147 35.82 -19.99 -15.94
N PHE D 148 35.42 -19.05 -16.80
CA PHE D 148 34.15 -18.35 -16.67
C PHE D 148 33.25 -18.63 -17.88
N VAL D 149 31.99 -18.99 -17.63
CA VAL D 149 31.07 -19.39 -18.65
C VAL D 149 29.67 -18.79 -18.36
N VAL D 150 29.05 -18.26 -19.41
CA VAL D 150 27.65 -17.84 -19.44
C VAL D 150 26.79 -19.06 -19.76
N HIS D 151 25.84 -19.40 -18.89
CA HIS D 151 24.97 -20.55 -19.11
C HIS D 151 23.86 -20.16 -20.08
N GLY D 152 23.02 -19.21 -19.67
CA GLY D 152 21.94 -18.71 -20.47
C GLY D 152 22.21 -17.27 -20.86
N ASP D 153 22.28 -17.02 -22.18
CA ASP D 153 22.67 -15.72 -22.74
C ASP D 153 21.41 -14.99 -23.20
N SER D 154 21.11 -13.88 -22.52
CA SER D 154 19.96 -13.03 -22.78
C SER D 154 20.20 -12.09 -23.97
N SER D 155 21.42 -12.05 -24.52
CA SER D 155 21.67 -11.21 -25.71
C SER D 155 21.46 -12.03 -27.01
N SER D 156 21.58 -13.37 -26.95
CA SER D 156 21.57 -14.27 -28.13
C SER D 156 20.39 -15.25 -28.17
N GLY D 157 20.09 -15.88 -27.03
CA GLY D 157 19.06 -16.88 -26.92
C GLY D 157 19.67 -18.25 -26.85
N LEU D 158 20.94 -18.28 -26.43
CA LEU D 158 21.78 -19.46 -26.45
C LEU D 158 21.81 -20.14 -25.08
N LEU D 159 21.59 -21.47 -25.06
CA LEU D 159 21.90 -22.30 -23.89
C LEU D 159 23.17 -23.13 -24.15
N GLN D 160 24.13 -23.06 -23.22
CA GLN D 160 25.43 -23.72 -23.29
C GLN D 160 25.45 -25.00 -22.45
N PRO D 161 25.44 -26.22 -23.02
CA PRO D 161 25.60 -27.45 -22.23
C PRO D 161 26.85 -27.40 -21.35
N LEU D 162 26.74 -27.93 -20.13
CA LEU D 162 27.76 -27.84 -19.09
C LEU D 162 28.17 -29.23 -18.58
N GLU D 163 27.34 -30.25 -18.87
CA GLU D 163 27.64 -31.64 -18.48
C GLU D 163 29.12 -31.95 -18.78
N GLY D 164 29.88 -32.37 -17.75
CA GLY D 164 31.27 -32.78 -17.90
C GLY D 164 32.29 -31.67 -17.62
N LEU D 165 32.03 -30.45 -18.15
CA LEU D 165 32.97 -29.30 -18.09
C LEU D 165 33.60 -29.09 -16.71
N GLY D 166 32.80 -29.40 -15.67
CA GLY D 166 33.24 -29.36 -14.30
C GLY D 166 34.45 -30.24 -14.08
N LYS D 167 34.36 -31.51 -14.50
CA LYS D 167 35.37 -32.52 -14.16
C LYS D 167 36.71 -32.16 -14.80
N ILE D 168 36.61 -31.80 -16.08
CA ILE D 168 37.73 -31.38 -16.90
C ILE D 168 38.47 -30.27 -16.17
N CYS D 169 37.77 -29.15 -15.93
CA CYS D 169 38.28 -28.00 -15.17
C CYS D 169 39.09 -28.49 -13.96
N HIS D 170 38.51 -29.44 -13.21
CA HIS D 170 39.08 -29.95 -11.95
C HIS D 170 40.28 -30.90 -12.16
N ASP D 171 40.29 -31.68 -13.24
CA ASP D 171 41.49 -32.46 -13.65
C ASP D 171 42.67 -31.50 -13.82
N TYR D 172 42.37 -30.28 -14.32
CA TYR D 172 43.36 -29.26 -14.64
C TYR D 172 43.45 -28.22 -13.49
N ASP D 173 42.96 -28.59 -12.30
CA ASP D 173 43.12 -27.79 -11.05
C ASP D 173 42.53 -26.36 -11.21
N CYS D 174 41.36 -26.26 -11.89
CA CYS D 174 40.70 -25.00 -12.35
C CYS D 174 39.24 -24.94 -11.85
N LEU D 175 38.87 -23.81 -11.22
CA LEU D 175 37.49 -23.53 -10.76
C LEU D 175 36.59 -23.23 -11.98
N LEU D 176 35.36 -23.73 -11.92
CA LEU D 176 34.35 -23.46 -12.94
C LEU D 176 33.33 -22.42 -12.42
N LEU D 177 33.33 -21.21 -12.99
CA LEU D 177 32.42 -20.11 -12.62
C LEU D 177 31.30 -19.98 -13.65
N VAL D 178 30.03 -19.86 -13.22
CA VAL D 178 28.88 -19.86 -14.16
C VAL D 178 27.92 -18.70 -13.87
N ASP D 179 27.54 -17.95 -14.92
CA ASP D 179 26.46 -16.94 -14.88
C ASP D 179 25.15 -17.65 -15.24
N ALA D 180 24.28 -17.87 -14.25
CA ALA D 180 22.97 -18.51 -14.48
C ALA D 180 21.80 -17.51 -14.34
N VAL D 181 22.06 -16.21 -14.58
CA VAL D 181 21.08 -15.16 -14.37
C VAL D 181 19.82 -15.45 -15.21
N ALA D 182 19.99 -15.86 -16.48
CA ALA D 182 18.83 -16.02 -17.41
C ALA D 182 18.39 -17.48 -17.52
N SER D 183 19.20 -18.42 -17.02
CA SER D 183 18.85 -19.85 -17.08
C SER D 183 17.96 -20.28 -15.90
N LEU D 184 18.43 -20.03 -14.65
CA LEU D 184 17.97 -20.73 -13.44
C LEU D 184 16.43 -20.69 -13.30
N CYS D 185 15.84 -21.83 -12.98
CA CYS D 185 14.41 -21.97 -12.82
C CYS D 185 13.68 -21.85 -14.18
N GLY D 186 14.48 -21.83 -15.25
CA GLY D 186 13.97 -21.91 -16.65
C GLY D 186 14.31 -23.23 -17.34
N VAL D 187 15.42 -23.84 -16.94
CA VAL D 187 15.93 -25.10 -17.45
C VAL D 187 16.57 -25.83 -16.28
N PRO D 188 16.88 -27.13 -16.42
CA PRO D 188 17.58 -27.88 -15.37
C PRO D 188 18.97 -27.29 -15.10
N PHE D 189 19.36 -27.32 -13.83
CA PHE D 189 20.61 -26.82 -13.34
C PHE D 189 20.94 -27.57 -12.06
N TYR D 190 22.14 -28.14 -11.98
CA TYR D 190 22.59 -28.93 -10.84
C TYR D 190 23.99 -28.47 -10.43
N MET D 191 24.12 -27.59 -9.44
CA MET D 191 25.44 -27.04 -9.16
C MET D 191 26.41 -28.17 -8.83
N ASP D 192 26.14 -28.92 -7.77
CA ASP D 192 27.09 -29.86 -7.20
C ASP D 192 27.41 -30.99 -8.20
N LYS D 193 26.37 -31.52 -8.87
CA LYS D 193 26.54 -32.66 -9.78
C LYS D 193 27.37 -32.26 -11.02
N TRP D 194 27.29 -30.99 -11.44
CA TRP D 194 28.02 -30.48 -12.58
C TRP D 194 29.37 -29.89 -12.12
N GLU D 195 29.78 -30.24 -10.89
CA GLU D 195 31.06 -29.85 -10.31
C GLU D 195 31.36 -28.37 -10.61
N ILE D 196 30.39 -27.48 -10.34
CA ILE D 196 30.51 -26.02 -10.48
C ILE D 196 30.97 -25.44 -9.14
N ASP D 197 31.82 -24.41 -9.18
CA ASP D 197 32.49 -23.88 -8.01
C ASP D 197 31.96 -22.49 -7.63
N GLY D 198 31.35 -21.76 -8.58
CA GLY D 198 30.80 -20.42 -8.38
C GLY D 198 29.57 -20.23 -9.25
N VAL D 199 28.52 -19.60 -8.69
CA VAL D 199 27.29 -19.39 -9.43
C VAL D 199 26.59 -18.14 -8.87
N TYR D 200 25.86 -17.46 -9.76
CA TYR D 200 25.01 -16.37 -9.38
C TYR D 200 23.82 -16.36 -10.33
N THR D 201 22.69 -15.78 -9.87
CA THR D 201 21.54 -15.52 -10.71
C THR D 201 21.03 -14.13 -10.37
N GLY D 202 19.95 -13.74 -11.02
CA GLY D 202 19.33 -12.42 -10.85
C GLY D 202 17.87 -12.54 -10.41
N SER D 203 17.44 -11.53 -9.63
CA SER D 203 16.16 -11.53 -8.96
C SER D 203 15.04 -11.19 -9.94
N GLN D 204 15.38 -10.40 -10.96
CA GLN D 204 14.36 -9.76 -11.78
C GLN D 204 14.11 -10.59 -13.04
N LYS D 205 14.71 -11.78 -13.13
CA LYS D 205 14.65 -12.57 -14.33
C LYS D 205 13.62 -13.68 -14.05
N VAL D 206 14.00 -14.95 -14.19
CA VAL D 206 12.99 -16.03 -14.12
C VAL D 206 12.21 -15.94 -12.79
N LEU D 207 12.91 -15.61 -11.70
CA LEU D 207 12.30 -15.63 -10.35
C LEU D 207 11.08 -14.70 -10.22
N GLY D 208 11.01 -13.64 -11.03
CA GLY D 208 9.94 -12.70 -10.96
C GLY D 208 9.94 -11.92 -9.66
N ALA D 209 11.15 -11.60 -9.18
CA ALA D 209 11.30 -10.72 -8.02
C ALA D 209 11.81 -9.35 -8.47
N PRO D 210 11.71 -8.31 -7.63
CA PRO D 210 12.23 -6.99 -7.98
C PRO D 210 13.75 -6.99 -8.04
N PRO D 211 14.32 -6.15 -8.94
CA PRO D 211 15.77 -6.03 -9.09
C PRO D 211 16.40 -5.41 -7.83
N GLY D 212 17.62 -5.82 -7.49
CA GLY D 212 18.46 -5.14 -6.47
C GLY D 212 19.11 -6.05 -5.43
N ILE D 213 18.87 -7.35 -5.51
CA ILE D 213 19.38 -8.34 -4.54
C ILE D 213 19.82 -9.57 -5.34
N THR D 214 21.05 -10.05 -5.14
CA THR D 214 21.70 -10.99 -6.06
C THR D 214 22.21 -12.25 -5.35
N PRO D 215 21.50 -13.38 -5.51
CA PRO D 215 21.95 -14.67 -4.99
C PRO D 215 23.32 -15.13 -5.52
N ILE D 216 24.06 -15.85 -4.67
CA ILE D 216 25.41 -16.37 -4.97
C ILE D 216 25.70 -17.58 -4.07
N SER D 217 26.41 -18.55 -4.63
CA SER D 217 26.92 -19.72 -3.91
C SER D 217 28.31 -20.08 -4.45
N ILE D 218 29.20 -20.50 -3.55
CA ILE D 218 30.50 -21.00 -3.94
C ILE D 218 30.80 -22.30 -3.21
N SER D 219 31.58 -23.16 -3.89
CA SER D 219 31.95 -24.49 -3.41
C SER D 219 33.00 -24.39 -2.31
N PRO D 220 33.16 -25.45 -1.49
CA PRO D 220 34.26 -25.56 -0.54
C PRO D 220 35.65 -25.20 -1.11
N LYS D 221 35.95 -25.71 -2.31
CA LYS D 221 37.23 -25.42 -2.98
C LYS D 221 37.38 -23.91 -3.21
N ALA D 222 36.33 -23.30 -3.77
CA ALA D 222 36.39 -21.89 -4.12
C ALA D 222 36.67 -21.05 -2.87
N LEU D 223 35.99 -21.39 -1.77
CA LEU D 223 36.15 -20.73 -0.46
C LEU D 223 37.62 -20.79 -0.03
N GLU D 224 38.24 -21.97 -0.20
CA GLU D 224 39.61 -22.25 0.29
C GLU D 224 40.63 -21.43 -0.53
N VAL D 225 40.38 -21.31 -1.84
CA VAL D 225 41.15 -20.42 -2.73
C VAL D 225 41.08 -19.00 -2.16
N ILE D 226 39.87 -18.54 -1.85
CA ILE D 226 39.70 -17.18 -1.29
C ILE D 226 40.49 -17.08 0.03
N ARG D 227 40.47 -18.14 0.83
CA ARG D 227 41.13 -18.11 2.15
C ARG D 227 42.66 -18.15 1.99
N SER D 228 43.16 -18.83 0.96
CA SER D 228 44.62 -18.97 0.70
C SER D 228 45.24 -17.67 0.20
N ARG D 229 44.47 -16.81 -0.49
CA ARG D 229 44.95 -15.49 -1.02
C ARG D 229 46.02 -14.89 -0.09
N LYS D 230 47.11 -14.35 -0.67
CA LYS D 230 48.11 -13.55 0.07
C LYS D 230 47.69 -12.06 0.06
N THR D 231 47.22 -11.57 -1.09
CA THR D 231 46.76 -10.18 -1.22
C THR D 231 45.27 -10.10 -0.89
N PRO D 232 44.78 -8.97 -0.32
CA PRO D 232 43.37 -8.82 -0.02
C PRO D 232 42.55 -8.37 -1.26
N SER D 233 41.37 -8.98 -1.46
CA SER D 233 40.46 -8.59 -2.53
C SER D 233 40.18 -7.08 -2.43
N LYS D 234 39.79 -6.47 -3.56
CA LYS D 234 39.81 -5.00 -3.73
C LYS D 234 38.58 -4.31 -3.13
N VAL D 235 37.51 -5.08 -2.87
CA VAL D 235 36.18 -4.53 -2.56
C VAL D 235 35.66 -5.06 -1.23
N PHE D 236 35.71 -4.22 -0.20
CA PHE D 236 35.19 -4.58 1.11
C PHE D 236 33.70 -5.00 0.97
N TYR D 237 32.95 -4.28 0.13
CA TYR D 237 31.52 -4.37 0.03
C TYR D 237 31.05 -5.77 -0.39
N TRP D 238 31.87 -6.54 -1.12
CA TRP D 238 31.48 -7.90 -1.54
C TRP D 238 32.62 -8.90 -1.44
N ASP D 239 33.49 -8.69 -0.46
CA ASP D 239 34.48 -9.67 0.01
C ASP D 239 33.69 -10.76 0.72
N LEU D 240 33.69 -11.98 0.18
CA LEU D 240 32.75 -13.00 0.65
C LEU D 240 33.17 -13.58 2.02
N LEU D 241 34.37 -13.23 2.53
CA LEU D 241 34.83 -13.71 3.84
C LEU D 241 34.20 -12.89 4.99
N ILE D 242 33.66 -11.71 4.69
CA ILE D 242 33.02 -10.85 5.70
C ILE D 242 31.52 -10.71 5.39
N LEU D 243 31.12 -10.44 4.14
CA LEU D 243 29.73 -10.56 3.74
C LEU D 243 29.16 -11.90 4.18
N GLY D 244 29.91 -12.99 3.97
CA GLY D 244 29.50 -14.33 4.38
C GLY D 244 29.33 -14.47 5.89
N ASN D 245 29.98 -13.60 6.67
CA ASN D 245 29.92 -13.61 8.13
C ASN D 245 28.50 -13.21 8.55
N TYR D 246 28.05 -12.03 8.10
CA TYR D 246 26.75 -11.51 8.42
C TYR D 246 25.65 -12.51 7.97
N TRP D 247 25.82 -13.13 6.80
CA TRP D 247 24.88 -14.09 6.24
C TRP D 247 24.96 -15.46 6.93
N GLY D 248 25.78 -15.57 8.00
CA GLY D 248 25.82 -16.74 8.88
C GLY D 248 26.38 -17.97 8.21
N CYS D 249 27.35 -17.78 7.30
CA CYS D 249 27.84 -18.85 6.42
C CYS D 249 28.99 -19.64 7.09
N TYR D 250 29.59 -19.06 8.13
CA TYR D 250 30.83 -19.53 8.78
C TYR D 250 30.62 -19.82 10.28
N ASP D 251 31.61 -20.40 10.95
CA ASP D 251 31.59 -20.61 12.42
C ASP D 251 32.25 -19.44 13.14
N GLU D 252 31.54 -18.33 13.31
CA GLU D 252 32.06 -17.08 13.92
C GLU D 252 30.87 -16.25 14.39
N GLN D 253 31.14 -15.25 15.22
CA GLN D 253 30.09 -14.35 15.69
C GLN D 253 29.78 -13.37 14.55
N LYS D 254 28.49 -13.26 14.19
CA LYS D 254 28.04 -12.29 13.20
C LYS D 254 28.46 -10.87 13.61
N ARG D 255 29.09 -10.13 12.71
CA ARG D 255 29.29 -8.66 12.87
C ARG D 255 28.47 -7.95 11.78
N TYR D 256 28.31 -6.63 11.94
CA TYR D 256 27.71 -5.78 10.93
C TYR D 256 28.68 -5.64 9.75
N HIS D 257 28.20 -5.94 8.54
CA HIS D 257 28.98 -5.74 7.32
C HIS D 257 28.51 -4.46 6.61
N HIS D 258 27.23 -4.47 6.19
CA HIS D 258 26.54 -3.33 5.56
C HIS D 258 25.04 -3.54 5.77
N THR D 259 24.21 -2.50 5.56
CA THR D 259 22.75 -2.63 5.72
C THR D 259 22.08 -3.29 4.51
N VAL D 260 21.58 -4.52 4.72
CA VAL D 260 20.98 -5.29 3.64
C VAL D 260 19.61 -4.71 3.29
N PRO D 261 19.17 -4.84 2.02
CA PRO D 261 17.89 -4.26 1.60
C PRO D 261 16.72 -5.19 1.98
N SER D 262 16.27 -5.12 3.23
CA SER D 262 15.38 -6.12 3.80
C SER D 262 14.07 -6.26 3.01
N ASN D 263 13.54 -5.14 2.50
CA ASN D 263 12.36 -5.16 1.63
C ASN D 263 12.55 -6.15 0.44
N LEU D 264 13.67 -5.97 -0.28
CA LEU D 264 13.98 -6.81 -1.46
C LEU D 264 14.18 -8.26 -1.04
N ILE D 265 14.81 -8.47 0.14
CA ILE D 265 14.99 -9.80 0.69
C ILE D 265 13.66 -10.49 1.01
N PHE D 266 12.68 -9.74 1.55
CA PHE D 266 11.30 -10.25 1.79
C PHE D 266 10.69 -10.71 0.47
N ALA D 267 10.80 -9.87 -0.57
CA ALA D 267 10.26 -10.18 -1.91
C ALA D 267 10.90 -11.45 -2.48
N LEU D 268 12.22 -11.57 -2.33
CA LEU D 268 12.95 -12.72 -2.81
C LEU D 268 12.51 -13.98 -2.05
N ARG D 269 12.26 -13.86 -0.74
CA ARG D 269 11.92 -15.06 0.05
C ARG D 269 10.63 -15.66 -0.54
N GLU D 270 9.66 -14.79 -0.82
CA GLU D 270 8.36 -15.16 -1.34
C GLU D 270 8.47 -15.68 -2.79
N ALA D 271 9.37 -15.13 -3.60
CA ALA D 271 9.55 -15.60 -4.99
C ALA D 271 10.07 -17.05 -5.02
N ILE D 272 11.00 -17.37 -4.13
CA ILE D 272 11.58 -18.73 -4.05
C ILE D 272 10.52 -19.68 -3.47
N ALA D 273 9.78 -19.20 -2.47
CA ALA D 273 8.70 -19.98 -1.89
C ALA D 273 7.73 -20.42 -3.00
N GLN D 274 7.34 -19.51 -3.90
CA GLN D 274 6.41 -19.87 -4.98
C GLN D 274 6.97 -21.05 -5.79
N ILE D 275 8.28 -21.08 -6.00
CA ILE D 275 8.86 -22.14 -6.79
C ILE D 275 8.94 -23.44 -5.96
N ALA D 276 9.27 -23.33 -4.65
CA ALA D 276 9.25 -24.45 -3.73
C ALA D 276 7.87 -25.16 -3.70
N GLU D 277 6.78 -24.39 -3.76
CA GLU D 277 5.39 -24.89 -3.59
C GLU D 277 4.88 -25.58 -4.86
N GLU D 278 5.20 -25.02 -6.04
CA GLU D 278 4.79 -25.65 -7.30
C GLU D 278 5.71 -26.85 -7.56
N GLY D 279 7.00 -26.72 -7.23
CA GLY D 279 8.02 -27.69 -7.57
C GLY D 279 8.90 -27.15 -8.68
N LEU D 280 10.21 -27.40 -8.58
CA LEU D 280 11.21 -26.93 -9.58
C LEU D 280 10.93 -27.55 -10.95
N GLU D 281 10.65 -28.87 -10.98
CA GLU D 281 10.44 -29.60 -12.23
C GLU D 281 9.22 -29.05 -12.95
N PRO D 282 8.04 -28.98 -12.28
CA PRO D 282 6.85 -28.37 -12.90
C PRO D 282 7.08 -26.95 -13.44
N VAL D 283 7.88 -26.13 -12.73
CA VAL D 283 8.18 -24.73 -13.11
C VAL D 283 9.06 -24.70 -14.37
N ILE D 284 10.08 -25.55 -14.45
CA ILE D 284 10.95 -25.63 -15.64
C ILE D 284 10.16 -26.12 -16.86
N ARG D 285 9.31 -27.12 -16.64
CA ARG D 285 8.53 -27.71 -17.72
C ARG D 285 7.50 -26.71 -18.23
N ARG D 286 6.89 -25.89 -17.33
CA ARG D 286 5.93 -24.85 -17.77
C ARG D 286 6.64 -23.86 -18.70
N ARG D 287 7.93 -23.60 -18.42
CA ARG D 287 8.71 -22.66 -19.20
C ARG D 287 9.09 -23.28 -20.56
N GLN D 288 9.48 -24.56 -20.56
CA GLN D 288 9.75 -25.27 -21.83
C GLN D 288 8.48 -25.27 -22.69
N GLU D 289 7.32 -25.53 -22.07
CA GLU D 289 6.10 -25.70 -22.82
C GLU D 289 5.73 -24.35 -23.43
N CYS D 290 5.98 -23.28 -22.68
CA CYS D 290 5.64 -21.90 -23.05
C CYS D 290 6.48 -21.48 -24.28
N ALA D 291 7.74 -21.93 -24.30
CA ALA D 291 8.70 -21.73 -25.40
C ALA D 291 8.17 -22.35 -26.70
N GLU D 292 7.90 -23.66 -26.65
CA GLU D 292 7.36 -24.42 -27.81
C GLU D 292 6.22 -23.63 -28.48
N GLN D 293 5.32 -23.08 -27.67
CA GLN D 293 4.20 -22.29 -28.16
C GLN D 293 4.74 -21.10 -28.98
N MET D 294 5.72 -20.41 -28.36
CA MET D 294 6.36 -19.25 -28.86
C MET D 294 6.94 -19.60 -30.23
N TYR D 295 7.70 -20.68 -30.28
CA TYR D 295 8.30 -21.16 -31.54
C TYR D 295 7.20 -21.36 -32.60
N ARG D 296 6.20 -22.19 -32.29
CA ARG D 296 5.14 -22.55 -33.21
C ARG D 296 4.45 -21.29 -33.74
N GLY D 297 4.28 -20.28 -32.89
CA GLY D 297 3.63 -19.05 -33.32
C GLY D 297 4.53 -18.24 -34.23
N LEU D 298 5.84 -18.30 -33.96
CA LEU D 298 6.87 -17.58 -34.76
C LEU D 298 6.97 -18.25 -36.14
N GLN D 299 7.04 -19.58 -36.15
CA GLN D 299 6.94 -20.36 -37.37
C GLN D 299 5.80 -19.87 -38.26
N ALA D 300 4.57 -19.81 -37.72
CA ALA D 300 3.37 -19.51 -38.51
C ALA D 300 3.39 -18.05 -38.99
N MET D 301 4.37 -17.28 -38.53
CA MET D 301 4.46 -15.86 -38.80
C MET D 301 5.52 -15.57 -39.88
N GLY D 302 6.33 -16.59 -40.20
CA GLY D 302 7.40 -16.49 -41.16
C GLY D 302 8.63 -15.80 -40.59
N LEU D 303 8.75 -15.75 -39.26
CA LEU D 303 9.90 -15.10 -38.63
C LEU D 303 10.88 -16.16 -38.15
N GLU D 304 12.17 -15.80 -38.20
CA GLU D 304 13.24 -16.72 -37.87
C GLU D 304 13.80 -16.35 -36.50
N ILE D 305 14.71 -17.17 -36.00
CA ILE D 305 15.20 -17.12 -34.65
C ILE D 305 16.72 -17.21 -34.72
N PHE D 306 17.40 -16.20 -34.17
CA PHE D 306 18.85 -16.04 -34.23
C PHE D 306 19.57 -17.40 -34.07
N VAL D 307 19.16 -18.19 -33.08
CA VAL D 307 19.71 -19.52 -32.85
C VAL D 307 18.79 -20.54 -33.52
N LYS D 308 19.16 -20.95 -34.74
CA LYS D 308 18.30 -21.76 -35.59
C LYS D 308 18.09 -23.13 -34.94
N ASP D 309 19.18 -23.78 -34.53
CA ASP D 309 19.16 -25.12 -33.90
C ASP D 309 18.31 -25.09 -32.63
N PRO D 310 17.10 -25.71 -32.62
CA PRO D 310 16.30 -25.81 -31.39
C PRO D 310 17.00 -26.47 -30.19
N GLU D 311 17.87 -27.45 -30.47
CA GLU D 311 18.63 -28.17 -29.42
C GLU D 311 19.34 -27.24 -28.43
N TYR D 312 19.66 -25.99 -28.82
CA TYR D 312 20.56 -25.12 -28.06
C TYR D 312 19.91 -23.79 -27.68
N ARG D 313 18.57 -23.70 -27.78
CA ARG D 313 17.87 -22.48 -27.48
C ARG D 313 17.67 -22.42 -25.96
N LEU D 314 17.77 -21.19 -25.42
CA LEU D 314 17.39 -20.84 -24.05
C LEU D 314 15.90 -20.50 -24.06
N PRO D 315 15.06 -21.33 -23.38
CA PRO D 315 13.61 -21.14 -23.42
C PRO D 315 13.15 -19.78 -22.89
N THR D 316 13.95 -19.12 -22.05
CA THR D 316 13.51 -17.89 -21.37
C THR D 316 13.64 -16.67 -22.28
N VAL D 317 14.56 -16.72 -23.25
CA VAL D 317 14.82 -15.59 -24.15
C VAL D 317 14.93 -16.10 -25.60
N THR D 318 14.12 -15.49 -26.47
CA THR D 318 13.96 -15.88 -27.86
C THR D 318 14.24 -14.66 -28.75
N CYS D 319 15.36 -14.69 -29.51
CA CYS D 319 15.75 -13.56 -30.37
C CYS D 319 15.15 -13.74 -31.78
N ILE D 320 14.25 -12.83 -32.14
CA ILE D 320 13.38 -12.89 -33.29
C ILE D 320 13.95 -11.94 -34.35
N MET D 321 14.49 -12.50 -35.44
CA MET D 321 15.17 -11.71 -36.46
C MET D 321 14.21 -10.65 -37.02
N ILE D 322 14.70 -9.41 -37.16
CA ILE D 322 13.95 -8.41 -37.88
C ILE D 322 14.03 -8.76 -39.36
N PRO D 323 12.91 -8.94 -40.08
CA PRO D 323 12.98 -9.19 -41.52
C PRO D 323 13.45 -7.92 -42.25
N LYS D 324 14.04 -8.11 -43.43
CA LYS D 324 14.68 -7.03 -44.20
C LYS D 324 13.63 -5.93 -44.49
N GLY D 325 13.91 -4.72 -44.00
CA GLY D 325 13.14 -3.54 -44.32
C GLY D 325 12.13 -3.18 -43.25
N VAL D 326 12.24 -3.77 -42.06
CA VAL D 326 11.25 -3.47 -41.02
C VAL D 326 11.95 -2.67 -39.91
N ASN D 327 11.34 -1.52 -39.60
CA ASN D 327 11.76 -0.61 -38.54
C ASN D 327 11.27 -1.12 -37.16
N TRP D 328 12.18 -1.80 -36.45
CA TRP D 328 11.90 -2.53 -35.20
C TRP D 328 11.44 -1.56 -34.10
N TRP D 329 12.09 -0.39 -33.98
CA TRP D 329 11.68 0.54 -32.95
C TRP D 329 10.17 0.79 -33.12
N LYS D 330 9.69 0.91 -34.36
CA LYS D 330 8.29 1.38 -34.57
C LYS D 330 7.30 0.27 -34.16
N VAL D 331 7.66 -0.99 -34.41
CA VAL D 331 6.86 -2.10 -33.95
C VAL D 331 6.69 -1.99 -32.43
N SER D 332 7.81 -2.03 -31.70
CA SER D 332 7.85 -1.96 -30.21
C SER D 332 6.99 -0.79 -29.69
N GLU D 333 7.14 0.40 -30.29
CA GLU D 333 6.46 1.63 -29.90
C GLU D 333 4.93 1.50 -30.02
N TYR D 334 4.47 0.92 -31.13
CA TYR D 334 3.06 0.63 -31.30
C TYR D 334 2.59 -0.33 -30.19
N ALA D 335 3.30 -1.45 -29.99
CA ALA D 335 2.92 -2.48 -29.00
C ALA D 335 2.69 -1.90 -27.59
N MET D 336 3.64 -1.08 -27.10
CA MET D 336 3.55 -0.42 -25.79
C MET D 336 2.33 0.49 -25.73
N ASN D 337 2.16 1.37 -26.74
CA ASN D 337 1.15 2.44 -26.71
C ASN D 337 -0.24 1.84 -26.91
N ASN D 338 -0.31 0.68 -27.57
CA ASN D 338 -1.57 0.10 -27.98
C ASN D 338 -1.95 -1.03 -27.02
N PHE D 339 -1.00 -1.88 -26.62
CA PHE D 339 -1.28 -3.07 -25.76
C PHE D 339 -0.53 -3.06 -24.40
N SER D 340 0.17 -1.95 -24.08
CA SER D 340 0.92 -1.89 -22.83
C SER D 340 1.89 -3.06 -22.75
N LEU D 341 2.37 -3.57 -23.89
CA LEU D 341 3.23 -4.75 -23.94
C LEU D 341 4.67 -4.31 -24.28
N GLU D 342 5.66 -4.82 -23.50
CA GLU D 342 7.10 -4.64 -23.74
C GLU D 342 7.56 -5.64 -24.81
N ILE D 343 7.80 -5.14 -26.02
CA ILE D 343 8.57 -5.86 -27.07
C ILE D 343 9.97 -5.23 -27.17
N GLN D 344 10.93 -5.89 -26.55
CA GLN D 344 12.22 -5.28 -26.31
C GLN D 344 13.07 -5.46 -27.57
N GLY D 345 13.81 -4.40 -27.92
CA GLY D 345 14.81 -4.43 -28.98
C GLY D 345 15.96 -5.37 -28.68
N GLY D 346 16.93 -5.44 -29.60
CA GLY D 346 18.13 -6.32 -29.49
C GLY D 346 19.24 -5.66 -28.69
N PHE D 347 20.32 -6.43 -28.47
CA PHE D 347 21.39 -6.05 -27.57
C PHE D 347 22.61 -6.97 -27.78
N GLY D 348 23.81 -6.36 -27.76
CA GLY D 348 25.07 -7.08 -27.91
C GLY D 348 25.15 -7.68 -29.30
N PRO D 349 25.50 -8.98 -29.45
CA PRO D 349 25.56 -9.62 -30.77
C PRO D 349 24.26 -9.59 -31.59
N THR D 350 23.13 -9.34 -30.92
CA THR D 350 21.83 -9.33 -31.57
C THR D 350 21.33 -7.89 -31.79
N MET D 351 22.19 -6.89 -31.55
CA MET D 351 21.85 -5.46 -31.73
C MET D 351 21.53 -5.13 -33.21
N GLY D 352 20.45 -4.40 -33.42
CA GLY D 352 20.08 -3.86 -34.72
C GLY D 352 19.33 -4.85 -35.60
N ILE D 353 19.33 -6.15 -35.25
CA ILE D 353 18.88 -7.25 -36.14
C ILE D 353 17.76 -8.12 -35.53
N ALA D 354 17.52 -8.06 -34.21
CA ALA D 354 16.58 -8.99 -33.54
C ALA D 354 15.85 -8.33 -32.36
N TRP D 355 14.58 -8.72 -32.15
CA TRP D 355 13.88 -8.46 -30.89
C TRP D 355 14.21 -9.59 -29.91
N ARG D 356 14.03 -9.29 -28.61
CA ARG D 356 14.25 -10.28 -27.55
C ARG D 356 12.94 -10.53 -26.78
N ALA D 357 12.45 -11.78 -26.88
CA ALA D 357 11.16 -12.17 -26.26
C ALA D 357 11.44 -12.96 -24.97
N GLY D 358 10.92 -12.40 -23.87
CA GLY D 358 11.06 -12.97 -22.54
C GLY D 358 9.86 -13.83 -22.15
N ILE D 359 10.19 -15.00 -21.60
CA ILE D 359 9.30 -15.89 -20.89
C ILE D 359 9.81 -15.95 -19.44
N MET D 360 9.45 -14.94 -18.64
CA MET D 360 9.99 -14.82 -17.29
C MET D 360 8.93 -14.32 -16.31
N GLY D 361 9.10 -14.76 -15.04
CA GLY D 361 8.23 -14.37 -13.94
C GLY D 361 6.78 -14.73 -14.24
N GLU D 362 5.88 -13.76 -14.06
CA GLU D 362 4.45 -14.00 -14.14
C GLU D 362 3.98 -14.01 -15.60
N SER D 363 4.87 -13.78 -16.56
CA SER D 363 4.46 -13.91 -17.95
C SER D 363 4.85 -15.26 -18.56
N SER D 364 5.03 -16.30 -17.71
CA SER D 364 5.33 -17.69 -18.13
C SER D 364 4.06 -18.55 -18.19
N THR D 365 3.11 -18.13 -19.05
CA THR D 365 1.87 -18.84 -19.27
C THR D 365 1.61 -18.90 -20.77
N LEU D 366 0.83 -19.90 -21.19
CA LEU D 366 0.43 -20.05 -22.59
C LEU D 366 -0.37 -18.81 -23.02
N GLN D 367 -1.25 -18.31 -22.14
CA GLN D 367 -2.11 -17.15 -22.42
C GLN D 367 -1.25 -15.91 -22.73
N ARG D 368 -0.24 -15.61 -21.91
CA ARG D 368 0.69 -14.48 -22.11
C ARG D 368 1.49 -14.64 -23.43
N VAL D 369 1.96 -15.86 -23.70
CA VAL D 369 2.67 -16.09 -24.95
C VAL D 369 1.75 -15.81 -26.14
N ASN D 370 0.53 -16.36 -26.11
CA ASN D 370 -0.48 -16.19 -27.16
C ASN D 370 -0.79 -14.70 -27.35
N PHE D 371 -0.85 -13.96 -26.23
CA PHE D 371 -1.20 -12.54 -26.27
C PHE D 371 -0.05 -11.69 -26.85
N TYR D 372 1.19 -12.15 -26.69
CA TYR D 372 2.39 -11.51 -27.17
C TYR D 372 2.41 -11.59 -28.70
N LEU D 373 2.23 -12.82 -29.19
CA LEU D 373 2.24 -13.09 -30.64
C LEU D 373 1.15 -12.26 -31.33
N TYR D 374 -0.07 -12.34 -30.79
CA TYR D 374 -1.16 -11.58 -31.31
C TYR D 374 -0.74 -10.11 -31.48
N ALA D 375 -0.09 -9.54 -30.45
CA ALA D 375 0.16 -8.08 -30.35
C ALA D 375 1.37 -7.69 -31.20
N PHE D 376 2.36 -8.59 -31.26
CA PHE D 376 3.44 -8.51 -32.25
C PHE D 376 2.87 -8.38 -33.66
N LYS D 377 2.04 -9.36 -34.06
CA LYS D 377 1.39 -9.43 -35.38
C LYS D 377 0.66 -8.11 -35.68
N GLU D 378 -0.23 -7.71 -34.76
CA GLU D 378 -1.04 -6.56 -34.97
C GLU D 378 -0.15 -5.31 -35.08
N SER D 379 1.02 -5.37 -34.44
CA SER D 379 1.92 -4.23 -34.34
C SER D 379 2.76 -4.13 -35.62
N LEU D 380 3.30 -5.25 -36.09
CA LEU D 380 3.91 -5.32 -37.42
C LEU D 380 3.01 -4.64 -38.46
N LYS D 381 1.81 -5.22 -38.62
CA LYS D 381 0.85 -4.94 -39.69
C LYS D 381 0.49 -3.46 -39.71
N ALA D 382 0.15 -2.90 -38.55
CA ALA D 382 -0.31 -1.51 -38.44
C ALA D 382 0.78 -0.50 -38.83
N THR D 383 2.07 -0.89 -38.67
CA THR D 383 3.21 0.00 -38.91
C THR D 383 3.93 -0.38 -40.20
N HIS D 384 3.55 -1.50 -40.83
CA HIS D 384 4.17 -2.00 -42.08
C HIS D 384 3.16 -2.73 -42.96
N PRO D 385 2.32 -2.03 -43.77
CA PRO D 385 1.43 -2.69 -44.74
C PRO D 385 2.13 -3.69 -45.68
N ASP D 386 2.22 -4.97 -45.28
CA ASP D 386 2.99 -6.04 -45.97
C ASP D 386 2.74 -7.41 -45.34
#